data_8GSV
#
_entry.id   8GSV
#
_cell.length_a   69.997
_cell.length_b   108.365
_cell.length_c   108.416
_cell.angle_alpha   120.03
_cell.angle_beta   90.02
_cell.angle_gamma   89.98
#
_symmetry.space_group_name_H-M   'P 1'
#
loop_
_entity.id
_entity.type
_entity.pdbx_description
1 polymer 'Bcl-2 homologous antagonist/killer'
2 polymer 'Peroxisomal testis-specific protein 1'
3 water water
#
loop_
_entity_poly.entity_id
_entity_poly.type
_entity_poly.pdbx_seq_one_letter_code
_entity_poly.pdbx_strand_id
1 'polypeptide(L)'
;GHMSEEQVAQDTEEVFRSYVFYRHQQEQEAEGVAAPADPEMVTLPLQPSSTMGQVGRQLAIIGDDINRRYDSEFQTMLQH
LQPTAENAYEYFTKIATSLFESGINWGRVVALLGFGYRLALHVYQHGLTGFLGQVTRFVVDFMLHHSIARWIAQRGGWVA
ALNLGN
;
A,C,E,G,I,K,M,O,Q,S,U,W
2 'polypeptide(L)' GHMEEIIHKLAMQLRHIGDNIDHRMVRED B,D,F,H,J,L,N,P,R,T,V,X
#
# COMPACT_ATOMS: atom_id res chain seq x y z
N MET A 3 11.52 54.02 6.95
CA MET A 3 11.67 52.98 5.93
C MET A 3 10.30 52.45 5.48
N SER A 4 10.00 52.58 4.19
CA SER A 4 8.71 52.14 3.67
C SER A 4 8.80 50.71 3.18
N GLU A 5 7.63 50.06 3.09
CA GLU A 5 7.62 48.71 2.52
C GLU A 5 7.73 48.74 1.01
N GLU A 6 7.21 49.80 0.36
CA GLU A 6 7.40 49.97 -1.08
C GLU A 6 8.86 50.30 -1.38
N GLN A 7 9.53 51.01 -0.47
CA GLN A 7 10.97 51.14 -0.57
C GLN A 7 11.67 49.81 -0.34
N VAL A 8 11.16 48.98 0.58
CA VAL A 8 11.78 47.67 0.68
C VAL A 8 11.52 46.86 -0.58
N ALA A 9 10.39 47.10 -1.24
CA ALA A 9 10.11 46.39 -2.48
C ALA A 9 10.98 46.84 -3.64
N GLN A 10 11.33 48.13 -3.71
CA GLN A 10 12.25 48.60 -4.74
C GLN A 10 13.67 48.08 -4.51
N ASP A 11 14.18 48.17 -3.28
CA ASP A 11 15.55 47.73 -3.00
C ASP A 11 15.74 46.23 -3.14
N THR A 12 14.66 45.46 -3.10
CA THR A 12 14.73 44.01 -3.31
C THR A 12 15.20 43.64 -4.71
N GLU A 13 15.09 44.56 -5.68
CA GLU A 13 15.54 44.23 -7.03
C GLU A 13 17.04 43.98 -7.03
N GLU A 14 17.79 44.91 -6.45
CA GLU A 14 19.26 44.81 -6.37
C GLU A 14 19.72 43.80 -5.32
N VAL A 15 19.01 43.69 -4.20
CA VAL A 15 19.41 42.72 -3.18
C VAL A 15 19.41 41.31 -3.79
N PHE A 16 18.46 41.03 -4.68
CA PHE A 16 18.36 39.71 -5.28
C PHE A 16 19.45 39.46 -6.30
N ARG A 17 19.59 40.40 -7.24
CA ARG A 17 20.56 40.27 -8.30
C ARG A 17 21.98 40.14 -7.76
N SER A 18 22.22 40.77 -6.62
CA SER A 18 23.53 40.73 -5.98
C SER A 18 23.76 39.40 -5.27
N TYR A 19 22.72 38.89 -4.61
CA TYR A 19 22.73 37.55 -4.00
C TYR A 19 23.06 36.48 -5.04
N VAL A 20 22.32 36.50 -6.15
CA VAL A 20 22.56 35.62 -7.28
C VAL A 20 24.02 35.69 -7.70
N PHE A 21 24.46 36.92 -7.99
CA PHE A 21 25.81 37.16 -8.46
C PHE A 21 26.84 36.65 -7.47
N TYR A 22 26.72 37.08 -6.22
CA TYR A 22 27.69 36.68 -5.20
C TYR A 22 27.57 35.21 -4.85
N ARG A 23 26.36 34.72 -4.71
CA ARG A 23 26.16 33.30 -4.43
C ARG A 23 26.67 32.43 -5.56
N HIS A 24 26.40 32.79 -6.83
CA HIS A 24 26.94 32.03 -7.95
C HIS A 24 28.47 32.04 -7.96
N GLN A 25 29.06 33.22 -7.79
CA GLN A 25 30.51 33.38 -7.79
C GLN A 25 31.17 32.63 -6.65
N GLN A 26 30.46 32.39 -5.55
CA GLN A 26 31.07 31.58 -4.51
C GLN A 26 30.90 30.07 -4.75
N GLU A 27 29.75 29.64 -5.27
CA GLU A 27 29.58 28.23 -5.62
C GLU A 27 30.50 27.83 -6.76
N GLN A 28 30.66 28.72 -7.76
CA GLN A 28 31.56 28.45 -8.86
C GLN A 28 33.00 28.41 -8.38
N GLU A 29 33.42 29.41 -7.62
CA GLU A 29 34.80 29.47 -7.12
C GLU A 29 35.04 28.56 -5.93
N ALA A 30 34.25 27.52 -5.74
CA ALA A 30 34.48 26.57 -4.68
C ALA A 30 35.26 25.37 -5.23
N ALA A 37 27.62 26.12 -15.06
CA ALA A 37 27.54 27.55 -14.86
C ALA A 37 26.36 28.21 -15.58
N ASP A 38 25.85 29.28 -14.98
CA ASP A 38 24.83 30.11 -15.58
C ASP A 38 25.51 31.38 -16.04
N PRO A 39 25.87 31.50 -17.33
CA PRO A 39 26.46 32.75 -17.80
C PRO A 39 25.57 33.96 -17.63
N GLU A 40 24.28 33.79 -17.41
CA GLU A 40 23.45 34.95 -17.08
C GLU A 40 23.69 35.42 -15.66
N MET A 41 24.14 34.54 -14.78
CA MET A 41 24.50 34.92 -13.43
C MET A 41 25.95 35.37 -13.33
N VAL A 42 26.78 34.97 -14.28
CA VAL A 42 28.15 35.48 -14.31
C VAL A 42 28.17 36.86 -14.93
N THR A 43 27.40 37.07 -15.99
CA THR A 43 27.34 38.37 -16.63
C THR A 43 26.36 39.31 -15.95
N LEU A 44 25.82 38.93 -14.80
CA LEU A 44 24.83 39.72 -14.11
C LEU A 44 25.36 41.10 -13.74
N PRO A 45 24.75 42.15 -14.30
CA PRO A 45 25.18 43.53 -14.02
C PRO A 45 24.78 44.00 -12.63
N LEU A 46 25.75 44.49 -11.87
CA LEU A 46 25.49 44.99 -10.52
C LEU A 46 25.55 46.51 -10.51
N GLN A 47 24.60 47.15 -9.84
CA GLN A 47 24.57 48.59 -9.76
C GLN A 47 25.74 49.09 -8.93
N PRO A 48 26.35 50.21 -9.32
CA PRO A 48 27.44 50.78 -8.52
C PRO A 48 26.95 51.65 -7.36
N SER A 49 27.66 51.52 -6.24
CA SER A 49 27.46 52.37 -5.07
C SER A 49 26.03 52.30 -4.51
N SER A 50 25.49 51.09 -4.38
CA SER A 50 24.32 50.89 -3.54
C SER A 50 24.71 49.99 -2.37
N THR A 51 24.14 50.29 -1.20
CA THR A 51 24.28 49.46 -0.01
C THR A 51 23.51 48.15 -0.12
N MET A 52 22.64 48.01 -1.11
CA MET A 52 21.89 46.80 -1.32
C MET A 52 22.72 45.71 -1.96
N GLY A 53 23.81 46.07 -2.65
CA GLY A 53 24.77 45.10 -3.14
C GLY A 53 25.65 44.52 -2.07
N GLN A 54 25.86 45.27 -1.00
CA GLN A 54 26.54 44.76 0.17
C GLN A 54 25.67 43.76 0.92
N VAL A 55 24.37 44.04 1.00
CA VAL A 55 23.41 43.12 1.60
C VAL A 55 23.39 41.81 0.85
N GLY A 56 23.23 41.86 -0.49
CA GLY A 56 23.21 40.64 -1.29
C GLY A 56 24.49 39.85 -1.28
N ARG A 57 25.62 40.48 -1.00
CA ARG A 57 26.87 39.74 -0.82
C ARG A 57 26.94 39.08 0.55
N GLN A 58 26.53 39.81 1.59
CA GLN A 58 26.48 39.28 2.94
C GLN A 58 25.55 38.10 3.06
N LEU A 59 24.32 38.24 2.57
CA LEU A 59 23.32 37.19 2.67
C LEU A 59 23.62 36.00 1.78
N ALA A 60 24.53 36.16 0.79
CA ALA A 60 25.00 35.08 -0.06
C ALA A 60 26.16 34.32 0.58
N ILE A 61 26.80 34.95 1.55
CA ILE A 61 27.87 34.33 2.33
C ILE A 61 27.29 33.48 3.44
N ILE A 62 26.33 34.02 4.19
CA ILE A 62 25.87 33.35 5.39
C ILE A 62 25.03 32.13 5.05
N GLY A 63 24.16 32.24 4.05
CA GLY A 63 23.38 31.07 3.67
C GLY A 63 24.21 29.97 3.06
N ASP A 64 25.40 30.31 2.55
CA ASP A 64 26.14 29.48 1.60
C ASP A 64 26.35 28.06 2.12
N ASP A 65 26.79 27.91 3.36
CA ASP A 65 27.36 26.64 3.81
C ASP A 65 26.32 25.54 3.92
N ILE A 66 25.23 25.80 4.64
CA ILE A 66 24.18 24.81 4.77
C ILE A 66 23.41 24.67 3.47
N ASN A 67 23.50 25.64 2.57
CA ASN A 67 22.83 25.55 1.27
C ASN A 67 23.54 24.59 0.31
N ARG A 68 24.20 23.55 0.80
CA ARG A 68 25.00 22.70 -0.08
C ARG A 68 24.56 21.24 -0.01
N ARG A 69 24.14 20.83 1.19
CA ARG A 69 23.69 19.46 1.40
C ARG A 69 22.40 19.19 0.64
N TYR A 70 21.37 19.98 0.94
CA TYR A 70 20.07 19.83 0.30
C TYR A 70 20.15 20.05 -1.21
N ASP A 71 21.36 20.20 -1.73
CA ASP A 71 21.56 20.41 -3.16
C ASP A 71 20.92 19.31 -3.99
N SER A 72 21.43 18.09 -3.83
CA SER A 72 20.92 16.94 -4.56
C SER A 72 19.41 16.80 -4.42
N GLU A 73 18.95 16.70 -3.17
CA GLU A 73 17.52 16.56 -2.88
C GLU A 73 16.71 17.70 -3.48
N PHE A 74 17.17 18.92 -3.28
CA PHE A 74 16.47 20.10 -3.80
C PHE A 74 16.22 20.02 -5.30
N GLN A 75 17.28 19.73 -6.05
CA GLN A 75 17.17 19.63 -7.50
C GLN A 75 16.29 18.47 -7.96
N THR A 76 16.42 17.33 -7.31
CA THR A 76 15.62 16.16 -7.67
C THR A 76 14.15 16.51 -7.54
N MET A 77 13.83 17.37 -6.57
CA MET A 77 12.47 17.80 -6.33
C MET A 77 12.00 18.75 -7.43
N LEU A 78 12.90 19.63 -7.84
CA LEU A 78 12.60 20.61 -8.89
C LEU A 78 12.41 19.95 -10.25
N GLN A 79 13.08 18.82 -10.47
CA GLN A 79 12.97 18.13 -11.74
C GLN A 79 11.56 17.59 -11.95
N HIS A 80 11.02 16.83 -11.01
CA HIS A 80 9.65 16.37 -11.24
C HIS A 80 8.64 17.50 -11.15
N LEU A 81 8.96 18.57 -10.44
CA LEU A 81 8.12 19.76 -10.49
C LEU A 81 7.95 20.21 -11.93
N GLN A 82 9.04 20.28 -12.68
CA GLN A 82 9.04 20.67 -14.08
C GLN A 82 8.36 22.04 -14.30
N PRO A 83 8.92 23.09 -13.73
CA PRO A 83 8.32 24.41 -13.92
C PRO A 83 8.72 25.01 -15.24
N THR A 84 7.81 25.81 -15.78
CA THR A 84 7.96 26.39 -17.09
C THR A 84 7.82 27.89 -16.98
N ALA A 85 7.89 28.56 -18.11
CA ALA A 85 7.61 29.98 -18.15
C ALA A 85 6.24 30.29 -17.60
N GLU A 86 5.33 29.34 -17.68
CA GLU A 86 3.92 29.62 -17.47
C GLU A 86 3.50 29.32 -16.05
N ASN A 87 4.01 28.25 -15.46
CA ASN A 87 3.64 27.86 -14.10
C ASN A 87 4.72 28.16 -13.05
N ALA A 88 5.83 28.80 -13.42
CA ALA A 88 6.90 29.06 -12.46
C ALA A 88 6.51 30.09 -11.41
N TYR A 89 5.66 31.07 -11.76
CA TYR A 89 5.16 32.00 -10.76
C TYR A 89 4.11 31.36 -9.85
N GLU A 90 3.23 30.51 -10.38
CA GLU A 90 2.34 29.73 -9.51
C GLU A 90 3.14 28.80 -8.62
N TYR A 91 4.16 28.17 -9.17
CA TYR A 91 4.97 27.31 -8.31
C TYR A 91 5.70 28.14 -7.25
N PHE A 92 6.24 29.28 -7.63
CA PHE A 92 6.98 30.09 -6.68
C PHE A 92 6.06 30.58 -5.59
N THR A 93 4.87 31.04 -5.95
CA THR A 93 3.95 31.54 -4.93
C THR A 93 3.58 30.45 -3.94
N LYS A 94 3.18 29.27 -4.43
CA LYS A 94 2.71 28.23 -3.54
C LYS A 94 3.81 27.71 -2.61
N ILE A 95 5.04 27.63 -3.10
CA ILE A 95 6.13 27.15 -2.25
C ILE A 95 6.49 28.21 -1.22
N ALA A 96 6.53 29.46 -1.63
CA ALA A 96 6.93 30.52 -0.73
C ALA A 96 5.84 30.87 0.24
N THR A 97 4.59 30.62 -0.13
CA THR A 97 3.50 30.81 0.79
C THR A 97 3.56 29.79 1.93
N SER A 98 4.06 28.60 1.67
CA SER A 98 4.15 27.63 2.76
C SER A 98 5.41 27.76 3.59
N LEU A 99 6.43 28.46 3.10
CA LEU A 99 7.65 28.67 3.90
C LEU A 99 7.37 29.52 5.11
N PHE A 100 6.58 30.58 4.92
CA PHE A 100 6.24 31.59 5.92
C PHE A 100 4.87 31.40 6.54
N GLU A 101 4.11 30.37 6.15
CA GLU A 101 2.86 30.09 6.82
C GLU A 101 3.08 29.87 8.31
N SER A 102 4.21 29.28 8.69
CA SER A 102 4.45 28.96 10.08
C SER A 102 5.14 30.07 10.86
N GLY A 103 5.58 31.11 10.22
CA GLY A 103 6.33 32.13 10.93
C GLY A 103 7.42 32.68 10.06
N ILE A 104 7.85 33.87 10.41
CA ILE A 104 8.80 34.70 9.66
C ILE A 104 10.04 34.91 10.54
N ASN A 105 11.21 34.91 9.93
CA ASN A 105 12.43 35.34 10.60
C ASN A 105 13.37 35.81 9.50
N TRP A 106 14.62 36.15 9.85
CA TRP A 106 15.53 36.64 8.82
C TRP A 106 16.10 35.49 7.98
N GLY A 107 16.43 34.37 8.62
CA GLY A 107 16.99 33.26 7.88
C GLY A 107 16.05 32.74 6.82
N ARG A 108 14.76 32.67 7.13
CA ARG A 108 13.77 32.28 6.15
C ARG A 108 13.73 33.26 4.98
N VAL A 109 14.02 34.53 5.23
CA VAL A 109 14.06 35.57 4.20
C VAL A 109 15.27 35.37 3.30
N VAL A 110 16.32 34.74 3.81
CA VAL A 110 17.48 34.34 3.03
C VAL A 110 17.27 32.96 2.39
N ALA A 111 16.36 32.13 2.95
CA ALA A 111 15.97 30.86 2.32
C ALA A 111 15.10 31.10 1.12
N LEU A 112 14.38 32.24 1.09
CA LEU A 112 13.55 32.64 -0.04
C LEU A 112 14.36 33.15 -1.23
N LEU A 113 15.34 34.00 -0.98
CA LEU A 113 16.22 34.44 -2.06
C LEU A 113 16.95 33.25 -2.67
N GLY A 114 17.30 32.27 -1.85
CA GLY A 114 18.08 31.14 -2.31
C GLY A 114 17.29 30.18 -3.17
N PHE A 115 16.03 29.97 -2.84
CA PHE A 115 15.16 29.22 -3.73
C PHE A 115 14.83 30.03 -4.99
N GLY A 116 14.86 31.36 -4.92
CA GLY A 116 14.78 32.15 -6.15
C GLY A 116 16.05 32.07 -6.97
N TYR A 117 17.21 32.05 -6.32
CA TYR A 117 18.46 31.68 -6.98
C TYR A 117 18.44 30.25 -7.49
N ARG A 118 17.89 29.31 -6.72
CA ARG A 118 17.93 27.90 -7.08
C ARG A 118 17.01 27.56 -8.24
N LEU A 119 15.88 28.25 -8.36
CA LEU A 119 14.92 28.08 -9.45
C LEU A 119 15.41 28.72 -10.74
N ALA A 120 16.08 29.87 -10.64
CA ALA A 120 16.69 30.50 -11.79
C ALA A 120 17.70 29.59 -12.45
N LEU A 121 18.57 28.99 -11.65
CA LEU A 121 19.56 28.03 -12.14
C LEU A 121 18.89 26.84 -12.82
N HIS A 122 17.88 26.27 -12.19
CA HIS A 122 17.23 25.09 -12.72
C HIS A 122 16.65 25.33 -14.10
N VAL A 123 15.84 26.39 -14.26
CA VAL A 123 15.17 26.58 -15.54
C VAL A 123 16.16 26.96 -16.62
N TYR A 124 17.26 27.62 -16.26
CA TYR A 124 18.34 27.81 -17.22
C TYR A 124 18.91 26.47 -17.63
N GLN A 125 19.33 25.68 -16.64
CA GLN A 125 19.92 24.38 -16.90
C GLN A 125 19.01 23.51 -17.71
N HIS A 126 17.74 23.83 -17.80
CA HIS A 126 16.79 23.04 -18.55
C HIS A 126 16.26 23.79 -19.75
N GLY A 127 16.96 24.83 -20.18
CA GLY A 127 16.65 25.47 -21.42
C GLY A 127 15.68 26.62 -21.39
N LEU A 128 15.43 27.23 -20.22
CA LEU A 128 14.64 28.48 -20.13
C LEU A 128 15.56 29.67 -20.02
N THR A 129 15.83 30.29 -21.14
CA THR A 129 16.85 31.28 -21.26
C THR A 129 16.29 32.67 -20.96
N GLY A 130 17.14 33.54 -20.42
CA GLY A 130 16.80 34.93 -20.19
C GLY A 130 15.60 35.15 -19.29
N PHE A 131 15.48 34.34 -18.25
CA PHE A 131 14.31 34.34 -17.39
C PHE A 131 14.58 34.94 -16.01
N LEU A 132 15.82 35.40 -15.76
CA LEU A 132 16.21 35.89 -14.43
C LEU A 132 15.58 37.24 -14.10
N GLY A 133 15.12 37.98 -15.10
CA GLY A 133 14.32 39.16 -14.83
C GLY A 133 12.96 38.79 -14.30
N GLN A 134 12.39 37.69 -14.79
CA GLN A 134 11.11 37.22 -14.25
C GLN A 134 11.26 36.64 -12.85
N VAL A 135 12.23 35.75 -12.63
CA VAL A 135 12.46 35.23 -11.30
C VAL A 135 12.62 36.36 -10.29
N THR A 136 13.41 37.39 -10.65
CA THR A 136 13.61 38.56 -9.77
C THR A 136 12.28 39.25 -9.47
N ARG A 137 11.46 39.42 -10.48
CA ARG A 137 10.21 40.11 -10.27
C ARG A 137 9.21 39.26 -9.50
N PHE A 138 9.33 37.91 -9.57
CA PHE A 138 8.54 37.04 -8.71
C PHE A 138 8.86 37.33 -7.26
N VAL A 139 10.15 37.57 -6.98
CA VAL A 139 10.67 37.85 -5.64
C VAL A 139 10.20 39.22 -5.15
N VAL A 140 10.18 40.23 -6.02
CA VAL A 140 9.67 41.54 -5.65
C VAL A 140 8.16 41.52 -5.50
N ASP A 141 7.50 40.78 -6.38
CA ASP A 141 6.05 40.67 -6.38
C ASP A 141 5.55 39.93 -5.14
N PHE A 142 6.17 38.80 -4.81
CA PHE A 142 5.77 38.04 -3.65
C PHE A 142 5.91 38.87 -2.37
N MET A 143 7.07 39.46 -2.17
CA MET A 143 7.33 40.11 -0.89
C MET A 143 6.40 41.28 -0.64
N LEU A 144 6.04 42.00 -1.70
CA LEU A 144 5.19 43.18 -1.52
C LEU A 144 3.75 42.80 -1.20
N HIS A 145 3.19 41.81 -1.89
CA HIS A 145 1.78 41.41 -1.72
C HIS A 145 1.61 40.32 -0.70
N HIS A 146 2.66 39.93 0.01
CA HIS A 146 2.58 38.89 1.02
C HIS A 146 3.28 39.25 2.33
N SER A 147 3.29 40.54 2.66
CA SER A 147 3.79 41.07 3.94
C SER A 147 5.24 40.92 4.36
N ILE A 148 6.13 40.50 3.47
CA ILE A 148 7.53 40.37 3.84
C ILE A 148 8.32 41.67 3.63
N ALA A 149 8.04 42.46 2.58
CA ALA A 149 8.64 43.77 2.44
C ALA A 149 8.36 44.64 3.64
N ARG A 150 7.19 44.46 4.23
CA ARG A 150 6.75 45.21 5.41
C ARG A 150 7.54 44.80 6.64
N TRP A 151 7.59 43.50 6.89
CA TRP A 151 8.35 42.97 8.04
C TRP A 151 9.75 43.53 8.07
N ILE A 152 10.40 43.57 6.92
CA ILE A 152 11.76 44.11 6.80
C ILE A 152 11.77 45.62 6.98
N ALA A 153 10.85 46.36 6.32
CA ALA A 153 10.81 47.81 6.48
C ALA A 153 10.66 48.20 7.94
N GLN A 154 9.79 47.48 8.66
CA GLN A 154 9.62 47.61 10.11
C GLN A 154 10.90 47.38 10.89
N ARG A 155 11.93 46.78 10.30
CA ARG A 155 13.21 46.57 10.97
C ARG A 155 14.28 47.54 10.50
N GLY A 156 13.89 48.62 9.80
CA GLY A 156 14.87 49.52 9.23
C GLY A 156 15.43 49.15 7.88
N GLY A 157 14.77 48.30 7.11
CA GLY A 157 15.20 47.93 5.77
C GLY A 157 16.02 46.66 5.71
N TRP A 158 16.46 46.37 4.47
CA TRP A 158 17.44 45.32 4.18
C TRP A 158 18.80 45.59 4.79
N VAL A 159 19.08 46.84 5.17
CA VAL A 159 20.35 47.18 5.77
C VAL A 159 20.44 46.66 7.20
N ALA A 160 19.29 46.38 7.85
CA ALA A 160 19.28 45.76 9.17
C ALA A 160 19.83 44.34 9.14
N ALA A 161 19.77 43.69 7.99
CA ALA A 161 20.29 42.35 7.83
C ALA A 161 21.80 42.31 7.97
N LEU A 162 22.47 43.45 7.80
CA LEU A 162 23.92 43.55 7.98
C LEU A 162 24.32 43.44 9.47
N ASN A 163 23.73 42.46 10.15
CA ASN A 163 24.17 41.94 11.44
C ASN A 163 24.11 40.40 11.33
N GLU B 4 0.04 20.01 -4.20
CA GLU B 4 0.74 18.76 -4.42
C GLU B 4 1.76 18.59 -3.32
N GLU B 5 2.33 17.40 -3.23
CA GLU B 5 3.28 17.13 -2.18
C GLU B 5 4.71 17.48 -2.58
N ILE B 6 4.98 17.69 -3.87
CA ILE B 6 6.26 18.26 -4.24
C ILE B 6 6.39 19.65 -3.65
N ILE B 7 5.30 20.40 -3.64
CA ILE B 7 5.30 21.80 -3.23
C ILE B 7 5.50 21.92 -1.72
N HIS B 8 4.73 21.13 -0.95
CA HIS B 8 4.94 21.04 0.49
C HIS B 8 6.40 20.76 0.80
N LYS B 9 6.95 19.75 0.14
CA LYS B 9 8.28 19.24 0.50
C LYS B 9 9.39 20.25 0.23
N LEU B 10 9.20 21.15 -0.74
CA LEU B 10 10.22 22.16 -1.00
C LEU B 10 10.19 23.23 0.09
N ALA B 11 8.99 23.66 0.49
CA ALA B 11 8.89 24.74 1.48
C ALA B 11 9.40 24.32 2.85
N MET B 12 9.41 23.02 3.14
CA MET B 12 9.88 22.53 4.43
C MET B 12 11.38 22.39 4.50
N GLN B 13 12.04 22.13 3.37
CA GLN B 13 13.48 22.20 3.34
C GLN B 13 13.94 23.65 3.46
N LEU B 14 13.32 24.55 2.72
CA LEU B 14 13.57 25.99 2.84
C LEU B 14 13.29 26.51 4.26
N ARG B 15 12.18 26.08 4.87
CA ARG B 15 11.93 26.20 6.30
C ARG B 15 13.14 25.80 7.11
N HIS B 16 13.64 24.59 6.82
CA HIS B 16 14.76 23.99 7.53
C HIS B 16 16.07 24.72 7.28
N ILE B 17 16.33 25.13 6.04
CA ILE B 17 17.50 25.96 5.75
C ILE B 17 17.35 27.31 6.40
N GLY B 18 16.19 27.91 6.24
CA GLY B 18 15.97 29.25 6.77
C GLY B 18 16.09 29.35 8.28
N ASP B 19 15.51 28.40 8.99
CA ASP B 19 15.60 28.41 10.44
C ASP B 19 16.98 28.05 10.94
N ASN B 20 17.83 27.45 10.09
CA ASN B 20 19.25 27.24 10.35
C ASN B 20 20.09 28.45 10.03
N ILE B 21 19.73 29.22 9.01
CA ILE B 21 20.37 30.53 8.82
C ILE B 21 19.96 31.50 9.92
N ASP B 22 18.77 31.34 10.48
CA ASP B 22 18.35 32.22 11.54
C ASP B 22 19.31 32.18 12.70
N HIS B 23 19.78 31.00 13.08
CA HIS B 23 20.61 30.87 14.28
C HIS B 23 21.97 31.50 14.07
N ARG B 24 22.51 31.41 12.86
CA ARG B 24 23.77 32.05 12.51
C ARG B 24 23.68 33.57 12.58
N MET B 25 22.50 34.14 12.39
CA MET B 25 22.30 35.58 12.30
C MET B 25 21.87 36.26 13.59
N VAL B 26 20.98 35.64 14.38
CA VAL B 26 20.49 36.24 15.64
C VAL B 26 21.61 36.68 16.56
N MET C 3 -5.86 25.27 -26.87
CA MET C 3 -4.70 25.02 -27.70
C MET C 3 -5.11 24.63 -29.11
N SER C 4 -4.68 25.38 -30.12
CA SER C 4 -5.08 25.12 -31.50
C SER C 4 -3.98 24.37 -32.25
N GLU C 5 -4.36 23.85 -33.41
CA GLU C 5 -3.38 23.19 -34.26
C GLU C 5 -2.39 24.18 -34.84
N GLU C 6 -2.83 25.41 -35.12
CA GLU C 6 -1.97 26.40 -35.73
C GLU C 6 -0.99 26.95 -34.72
N GLN C 7 -1.37 26.99 -33.44
CA GLN C 7 -0.43 27.36 -32.39
C GLN C 7 0.65 26.29 -32.21
N VAL C 8 0.25 25.03 -32.33
CA VAL C 8 1.19 23.92 -32.21
C VAL C 8 2.15 23.98 -33.39
N ALA C 9 1.70 24.64 -34.45
CA ALA C 9 2.50 24.80 -35.66
C ALA C 9 3.59 25.84 -35.42
N GLN C 10 3.18 27.06 -35.11
CA GLN C 10 4.14 28.12 -34.84
C GLN C 10 5.13 27.71 -33.78
N ASP C 11 4.64 27.09 -32.72
CA ASP C 11 5.51 26.66 -31.62
C ASP C 11 6.45 25.53 -32.02
N THR C 12 6.20 24.92 -33.16
CA THR C 12 7.06 23.85 -33.66
C THR C 12 8.39 24.39 -34.17
N GLU C 13 8.45 25.69 -34.44
CA GLU C 13 9.66 26.32 -34.94
C GLU C 13 10.79 26.21 -33.90
N GLU C 14 10.53 26.66 -32.68
CA GLU C 14 11.55 26.59 -31.63
C GLU C 14 11.60 25.25 -30.93
N VAL C 15 10.59 24.37 -31.05
CA VAL C 15 10.79 23.01 -30.56
C VAL C 15 11.84 22.29 -31.40
N PHE C 16 11.80 22.46 -32.72
CA PHE C 16 12.79 21.85 -33.58
C PHE C 16 14.14 22.52 -33.42
N ARG C 17 14.19 23.83 -33.62
CA ARG C 17 15.45 24.58 -33.54
C ARG C 17 16.21 24.26 -32.28
N SER C 18 15.54 24.26 -31.14
CA SER C 18 16.21 23.95 -29.88
C SER C 18 16.55 22.48 -29.75
N TYR C 19 15.75 21.58 -30.34
CA TYR C 19 16.09 20.15 -30.38
C TYR C 19 17.38 19.93 -31.15
N VAL C 20 17.55 20.62 -32.27
CA VAL C 20 18.80 20.63 -33.02
C VAL C 20 19.92 21.21 -32.18
N PHE C 21 19.70 22.38 -31.60
CA PHE C 21 20.71 22.98 -30.77
C PHE C 21 21.14 22.04 -29.65
N TYR C 22 20.18 21.50 -28.91
CA TYR C 22 20.56 20.72 -27.73
C TYR C 22 20.98 19.30 -28.09
N ARG C 23 20.35 18.67 -29.09
CA ARG C 23 20.81 17.35 -29.49
C ARG C 23 22.20 17.40 -30.13
N HIS C 24 22.48 18.44 -30.93
CA HIS C 24 23.84 18.59 -31.43
C HIS C 24 24.83 18.76 -30.29
N GLN C 25 24.48 19.60 -29.32
CA GLN C 25 25.36 19.97 -28.23
C GLN C 25 25.62 18.81 -27.27
N GLN C 26 24.76 17.82 -27.21
CA GLN C 26 25.08 16.64 -26.41
C GLN C 26 25.85 15.59 -27.20
N GLU C 27 25.46 15.36 -28.45
CA GLU C 27 26.15 14.37 -29.29
C GLU C 27 27.61 14.73 -29.47
N GLN C 28 27.92 16.03 -29.56
CA GLN C 28 29.30 16.47 -29.68
C GLN C 28 30.09 16.17 -28.40
N GLU C 29 29.60 16.67 -27.28
CA GLU C 29 30.29 16.45 -26.02
C GLU C 29 30.03 15.05 -25.48
N ALA C 37 31.71 18.49 -36.69
CA ALA C 37 30.48 19.16 -36.27
C ALA C 37 29.73 19.82 -37.43
N ASP C 38 28.70 20.59 -37.06
CA ASP C 38 27.90 21.39 -37.98
C ASP C 38 27.87 22.77 -37.34
N PRO C 39 28.69 23.71 -37.82
CA PRO C 39 28.70 25.05 -37.21
C PRO C 39 27.47 25.89 -37.47
N GLU C 40 26.48 25.39 -38.21
CA GLU C 40 25.21 26.08 -38.25
C GLU C 40 24.33 25.74 -37.06
N MET C 41 24.61 24.59 -36.42
CA MET C 41 23.85 24.07 -35.29
C MET C 41 24.44 24.45 -33.94
N VAL C 42 25.73 24.72 -33.88
CA VAL C 42 26.30 25.21 -32.64
C VAL C 42 26.05 26.71 -32.51
N THR C 43 26.03 27.42 -33.63
CA THR C 43 25.74 28.85 -33.66
C THR C 43 24.25 29.12 -33.73
N LEU C 44 23.43 28.10 -33.77
CA LEU C 44 21.98 28.20 -33.84
C LEU C 44 21.44 29.02 -32.68
N PRO C 45 20.80 30.16 -32.94
CA PRO C 45 20.29 31.00 -31.86
C PRO C 45 18.99 30.48 -31.27
N LEU C 46 18.76 30.79 -30.01
CA LEU C 46 17.64 30.25 -29.27
C LEU C 46 16.78 31.35 -28.68
N GLN C 47 15.49 31.09 -28.58
CA GLN C 47 14.59 32.10 -28.08
C GLN C 47 14.67 32.17 -26.56
N PRO C 48 14.78 33.36 -25.99
CA PRO C 48 14.83 33.49 -24.53
C PRO C 48 13.46 33.32 -23.91
N SER C 49 13.45 32.72 -22.73
CA SER C 49 12.23 32.55 -21.96
C SER C 49 11.13 31.89 -22.79
N SER C 50 11.50 30.85 -23.53
CA SER C 50 10.56 30.02 -24.26
C SER C 50 10.48 28.66 -23.58
N THR C 51 9.26 28.25 -23.23
CA THR C 51 9.01 26.88 -22.79
C THR C 51 9.17 25.87 -23.90
N MET C 52 9.03 26.29 -25.17
CA MET C 52 9.30 25.41 -26.30
C MET C 52 10.75 25.03 -26.40
N GLY C 53 11.65 25.83 -25.84
CA GLY C 53 13.03 25.41 -25.74
C GLY C 53 13.30 24.49 -24.59
N GLN C 54 12.51 24.60 -23.53
CA GLN C 54 12.50 23.54 -22.54
C GLN C 54 11.99 22.24 -23.14
N VAL C 55 10.96 22.32 -23.97
CA VAL C 55 10.43 21.15 -24.66
C VAL C 55 11.48 20.54 -25.58
N GLY C 56 12.14 21.35 -26.39
CA GLY C 56 13.11 20.81 -27.35
C GLY C 56 14.34 20.22 -26.70
N ARG C 57 14.79 20.78 -25.58
CA ARG C 57 15.90 20.23 -24.80
C ARG C 57 15.54 18.90 -24.16
N GLN C 58 14.35 18.80 -23.57
CA GLN C 58 13.90 17.53 -23.01
C GLN C 58 13.75 16.47 -24.08
N LEU C 59 13.20 16.84 -25.23
CA LEU C 59 13.03 15.84 -26.28
C LEU C 59 14.35 15.41 -26.89
N ALA C 60 15.31 16.34 -27.05
CA ALA C 60 16.64 15.99 -27.52
C ALA C 60 17.34 15.04 -26.58
N ILE C 61 16.95 15.06 -25.32
CA ILE C 61 17.59 14.27 -24.29
C ILE C 61 16.95 12.89 -24.14
N ILE C 62 15.62 12.77 -24.16
CA ILE C 62 15.04 11.46 -23.87
C ILE C 62 15.25 10.51 -25.03
N GLY C 63 15.83 11.02 -26.12
CA GLY C 63 16.13 10.19 -27.26
C GLY C 63 17.57 9.76 -27.48
N ASP C 64 18.47 10.04 -26.54
CA ASP C 64 19.90 9.91 -26.83
C ASP C 64 20.30 8.45 -27.02
N ASP C 65 19.81 7.57 -26.16
CA ASP C 65 20.29 6.19 -26.10
C ASP C 65 20.05 5.47 -27.40
N ILE C 66 18.78 5.30 -27.76
CA ILE C 66 18.37 4.62 -29.00
C ILE C 66 19.11 5.20 -30.21
N ASN C 67 19.20 6.52 -30.28
CA ASN C 67 19.82 7.18 -31.43
C ASN C 67 21.32 6.99 -31.48
N ARG C 68 21.94 6.84 -30.32
CA ARG C 68 23.39 6.63 -30.24
C ARG C 68 23.77 5.41 -31.09
N ARG C 69 22.99 4.34 -31.01
CA ARG C 69 23.30 3.14 -31.78
C ARG C 69 22.85 3.28 -33.22
N TYR C 70 21.56 3.58 -33.42
CA TYR C 70 20.96 3.63 -34.75
C TYR C 70 21.66 4.57 -35.71
N ASP C 71 22.50 5.49 -35.19
CA ASP C 71 23.20 6.48 -36.01
C ASP C 71 23.90 5.85 -37.21
N SER C 72 24.30 4.60 -37.11
CA SER C 72 25.13 3.97 -38.13
C SER C 72 24.39 3.79 -39.44
N GLU C 73 23.37 2.92 -39.42
CA GLU C 73 22.69 2.54 -40.66
C GLU C 73 22.01 3.72 -41.32
N PHE C 74 21.63 4.72 -40.54
CA PHE C 74 20.93 5.87 -41.10
C PHE C 74 21.77 6.58 -42.14
N GLN C 75 23.03 6.83 -41.81
CA GLN C 75 23.87 7.64 -42.68
C GLN C 75 24.09 6.98 -44.02
N THR C 76 24.37 5.66 -44.01
CA THR C 76 24.57 4.97 -45.27
C THR C 76 23.28 4.97 -46.08
N MET C 77 22.12 4.82 -45.44
CA MET C 77 20.86 4.91 -46.16
C MET C 77 20.67 6.29 -46.78
N LEU C 78 21.00 7.34 -46.04
CA LEU C 78 20.83 8.70 -46.52
C LEU C 78 21.90 9.08 -47.52
N GLN C 79 22.98 8.32 -47.61
CA GLN C 79 23.91 8.53 -48.71
C GLN C 79 23.33 8.03 -50.02
N HIS C 80 22.79 6.81 -50.03
CA HIS C 80 22.15 6.32 -51.26
C HIS C 80 21.05 7.25 -51.72
N LEU C 81 20.38 7.92 -50.80
CA LEU C 81 19.30 8.82 -51.19
C LEU C 81 19.85 10.07 -51.86
N GLN C 82 20.88 10.66 -51.26
CA GLN C 82 21.53 11.84 -51.80
C GLN C 82 20.52 12.95 -52.03
N PRO C 83 19.91 13.45 -50.96
CA PRO C 83 18.94 14.53 -51.11
C PRO C 83 19.58 15.83 -51.55
N THR C 84 18.82 16.62 -52.29
CA THR C 84 19.31 17.90 -52.72
C THR C 84 18.39 18.99 -52.18
N ALA C 85 18.64 20.22 -52.62
CA ALA C 85 17.75 21.31 -52.28
C ALA C 85 16.38 21.15 -52.90
N GLU C 86 16.31 20.43 -54.01
CA GLU C 86 15.09 20.35 -54.80
C GLU C 86 14.23 19.14 -54.47
N ASN C 87 14.84 18.03 -54.04
CA ASN C 87 14.07 16.84 -53.69
C ASN C 87 13.90 16.63 -52.18
N ALA C 88 14.60 17.39 -51.34
CA ALA C 88 14.62 17.14 -49.89
C ALA C 88 13.26 17.35 -49.21
N TYR C 89 12.42 18.27 -49.68
CA TYR C 89 11.06 18.31 -49.16
C TYR C 89 10.27 17.09 -49.60
N GLU C 90 10.39 16.70 -50.88
CA GLU C 90 9.72 15.50 -51.38
C GLU C 90 10.21 14.25 -50.67
N TYR C 91 11.51 14.16 -50.42
CA TYR C 91 12.05 13.02 -49.71
C TYR C 91 11.62 13.01 -48.25
N PHE C 92 11.74 14.14 -47.57
CA PHE C 92 11.34 14.28 -46.18
C PHE C 92 9.91 13.87 -45.97
N THR C 93 9.01 14.53 -46.68
CA THR C 93 7.58 14.25 -46.56
C THR C 93 7.28 12.77 -46.77
N LYS C 94 7.99 12.12 -47.71
CA LYS C 94 7.68 10.75 -48.11
C LYS C 94 8.17 9.73 -47.09
N ILE C 95 9.31 9.96 -46.47
CA ILE C 95 9.71 9.17 -45.31
C ILE C 95 8.71 9.37 -44.16
N ALA C 96 8.41 10.63 -43.83
CA ALA C 96 7.62 10.95 -42.65
C ALA C 96 6.16 10.52 -42.78
N THR C 97 5.69 10.27 -44.02
CA THR C 97 4.31 9.83 -44.26
C THR C 97 4.15 8.35 -43.95
N SER C 98 5.12 7.52 -44.35
CA SER C 98 5.09 6.10 -44.00
C SER C 98 5.32 5.85 -42.50
N LEU C 99 6.01 6.75 -41.80
CA LEU C 99 6.32 6.55 -40.39
C LEU C 99 5.05 6.53 -39.55
N PHE C 100 4.13 7.45 -39.83
CA PHE C 100 2.90 7.60 -39.10
C PHE C 100 1.75 6.91 -39.80
N GLU C 101 2.05 6.15 -40.85
CA GLU C 101 1.05 5.45 -41.64
C GLU C 101 0.45 4.30 -40.86
N SER C 102 1.17 3.78 -39.88
CA SER C 102 0.72 2.68 -39.06
C SER C 102 0.30 3.11 -37.69
N GLY C 103 0.63 4.32 -37.29
CA GLY C 103 0.40 4.73 -35.94
C GLY C 103 1.04 6.06 -35.61
N ILE C 104 0.49 6.73 -34.60
CA ILE C 104 1.02 7.96 -34.08
C ILE C 104 1.18 7.78 -32.58
N ASN C 105 2.37 8.06 -32.06
CA ASN C 105 2.56 8.16 -30.63
C ASN C 105 3.57 9.28 -30.40
N TRP C 106 3.83 9.63 -29.14
CA TRP C 106 4.82 10.66 -28.82
C TRP C 106 6.25 10.28 -29.26
N GLY C 107 6.61 9.01 -29.17
CA GLY C 107 7.96 8.64 -29.54
C GLY C 107 8.22 8.81 -31.01
N ARG C 108 7.20 8.68 -31.83
CA ARG C 108 7.38 8.85 -33.26
C ARG C 108 7.41 10.32 -33.64
N VAL C 109 6.86 11.16 -32.76
CA VAL C 109 6.95 12.59 -32.86
C VAL C 109 8.38 13.05 -32.58
N VAL C 110 9.05 12.40 -31.63
CA VAL C 110 10.44 12.67 -31.35
C VAL C 110 11.34 12.05 -32.42
N ALA C 111 10.93 10.92 -33.02
CA ALA C 111 11.68 10.37 -34.15
C ALA C 111 11.52 11.21 -35.40
N LEU C 112 10.35 11.81 -35.61
CA LEU C 112 10.16 12.78 -36.68
C LEU C 112 11.14 13.98 -36.58
N LEU C 113 11.25 14.56 -35.39
CA LEU C 113 12.15 15.67 -35.16
C LEU C 113 13.61 15.21 -35.33
N GLY C 114 13.84 13.94 -35.02
CA GLY C 114 15.17 13.36 -35.11
C GLY C 114 15.63 13.10 -36.54
N PHE C 115 14.71 12.66 -37.41
CA PHE C 115 15.06 12.63 -38.84
C PHE C 115 15.28 14.05 -39.42
N GLY C 116 14.60 15.05 -38.86
CA GLY C 116 14.93 16.43 -39.19
C GLY C 116 16.35 16.79 -38.81
N TYR C 117 16.79 16.38 -37.62
CA TYR C 117 18.15 16.60 -37.19
C TYR C 117 19.14 15.91 -38.13
N ARG C 118 18.89 14.64 -38.44
CA ARG C 118 19.81 13.86 -39.25
C ARG C 118 19.85 14.33 -40.70
N LEU C 119 18.70 14.66 -41.27
CA LEU C 119 18.68 15.15 -42.64
C LEU C 119 19.42 16.47 -42.77
N ALA C 120 19.25 17.39 -41.79
CA ALA C 120 19.88 18.71 -41.83
C ALA C 120 21.39 18.65 -41.71
N LEU C 121 21.89 17.64 -41.04
CA LEU C 121 23.29 17.30 -40.82
C LEU C 121 23.88 16.57 -42.02
N HIS C 122 23.21 15.55 -42.54
CA HIS C 122 23.68 14.92 -43.76
C HIS C 122 23.83 15.92 -44.90
N VAL C 123 22.80 16.75 -45.10
CA VAL C 123 22.77 17.66 -46.24
C VAL C 123 23.80 18.78 -46.10
N TYR C 124 24.12 19.17 -44.88
CA TYR C 124 25.16 20.16 -44.60
C TYR C 124 26.57 19.58 -44.83
N GLN C 125 26.83 18.38 -44.31
CA GLN C 125 28.11 17.69 -44.53
C GLN C 125 28.36 17.41 -45.99
N HIS C 126 27.33 17.39 -46.82
CA HIS C 126 27.50 17.13 -48.23
C HIS C 126 27.51 18.39 -49.06
N GLY C 127 27.62 19.55 -48.43
CA GLY C 127 27.77 20.80 -49.15
C GLY C 127 26.57 21.69 -49.24
N LEU C 128 25.48 21.40 -48.53
CA LEU C 128 24.28 22.25 -48.50
C LEU C 128 24.32 23.11 -47.25
N THR C 129 24.84 24.30 -47.40
CA THR C 129 24.99 25.20 -46.29
C THR C 129 23.77 26.11 -46.20
N GLY C 130 23.57 26.69 -45.02
CA GLY C 130 22.44 27.58 -44.81
C GLY C 130 21.07 27.03 -45.18
N PHE C 131 20.90 25.73 -44.99
CA PHE C 131 19.67 25.03 -45.31
C PHE C 131 18.83 24.67 -44.09
N LEU C 132 19.39 24.77 -42.87
CA LEU C 132 18.67 24.35 -41.67
C LEU C 132 17.40 25.15 -41.42
N GLY C 133 17.26 26.32 -42.04
CA GLY C 133 15.99 27.02 -42.02
C GLY C 133 14.95 26.41 -42.92
N GLN C 134 15.40 25.70 -43.96
CA GLN C 134 14.47 24.97 -44.80
C GLN C 134 14.01 23.68 -44.15
N VAL C 135 14.94 22.92 -43.54
CA VAL C 135 14.59 21.69 -42.82
C VAL C 135 13.53 21.93 -41.74
N THR C 136 13.61 23.09 -41.05
CA THR C 136 12.66 23.47 -40.01
C THR C 136 11.25 23.66 -40.58
N ARG C 137 11.16 24.26 -41.76
CA ARG C 137 9.89 24.49 -42.42
C ARG C 137 9.27 23.17 -42.88
N PHE C 138 10.10 22.20 -43.28
CA PHE C 138 9.62 20.88 -43.64
C PHE C 138 8.87 20.23 -42.50
N VAL C 139 9.45 20.28 -41.30
CA VAL C 139 8.84 19.74 -40.09
C VAL C 139 7.53 20.47 -39.77
N VAL C 140 7.57 21.81 -39.68
CA VAL C 140 6.37 22.62 -39.43
C VAL C 140 5.30 22.40 -40.51
N ASP C 141 5.69 22.35 -41.78
CA ASP C 141 4.68 22.24 -42.82
C ASP C 141 4.21 20.81 -43.07
N PHE C 142 5.03 19.79 -42.77
CA PHE C 142 4.52 18.43 -42.80
C PHE C 142 3.52 18.20 -41.67
N MET C 143 3.85 18.65 -40.46
CA MET C 143 3.02 18.33 -39.30
C MET C 143 1.66 19.00 -39.38
N LEU C 144 1.60 20.20 -39.92
CA LEU C 144 0.31 20.89 -40.05
C LEU C 144 -0.60 20.12 -41.00
N HIS C 145 -0.09 19.84 -42.20
CA HIS C 145 -0.82 19.28 -43.34
C HIS C 145 -1.08 17.80 -43.22
N HIS C 146 -0.43 17.14 -42.26
CA HIS C 146 -0.58 15.71 -42.00
C HIS C 146 -1.03 15.42 -40.58
N SER C 147 -1.71 16.36 -39.94
CA SER C 147 -2.51 16.16 -38.73
C SER C 147 -1.69 15.82 -37.48
N ILE C 148 -0.38 16.09 -37.47
CA ILE C 148 0.43 15.80 -36.28
C ILE C 148 0.41 16.95 -35.25
N ALA C 149 0.30 18.21 -35.71
CA ALA C 149 0.08 19.35 -34.82
C ALA C 149 -1.28 19.29 -34.14
N ARG C 150 -2.29 18.73 -34.82
CA ARG C 150 -3.62 18.56 -34.24
C ARG C 150 -3.65 17.50 -33.16
N TRP C 151 -3.01 16.34 -33.42
CA TRP C 151 -2.78 15.31 -32.40
C TRP C 151 -2.15 15.90 -31.16
N ILE C 152 -1.06 16.65 -31.33
CA ILE C 152 -0.34 17.23 -30.21
C ILE C 152 -1.19 18.26 -29.50
N ALA C 153 -2.00 19.01 -30.24
CA ALA C 153 -2.85 20.03 -29.62
C ALA C 153 -3.97 19.41 -28.80
N GLN C 154 -4.54 18.28 -29.25
CA GLN C 154 -5.58 17.57 -28.48
C GLN C 154 -5.05 17.10 -27.15
N ARG C 155 -3.77 16.76 -27.10
CA ARG C 155 -2.99 16.36 -25.95
C ARG C 155 -2.54 17.52 -25.06
N GLY C 156 -2.94 18.76 -25.35
CA GLY C 156 -2.53 19.91 -24.57
C GLY C 156 -1.39 20.78 -25.09
N GLY C 157 -0.89 20.52 -26.30
CA GLY C 157 0.26 21.20 -26.86
C GLY C 157 1.53 20.37 -26.76
N TRP C 158 2.62 21.00 -27.18
CA TRP C 158 3.94 20.41 -26.92
C TRP C 158 4.27 20.35 -25.44
N VAL C 159 3.63 21.19 -24.62
CA VAL C 159 3.99 21.26 -23.20
C VAL C 159 3.69 19.94 -22.50
N ALA C 160 2.60 19.27 -22.88
CA ALA C 160 2.30 17.94 -22.35
C ALA C 160 3.51 17.03 -22.43
N ALA C 161 4.34 17.20 -23.44
CA ALA C 161 5.52 16.37 -23.61
C ALA C 161 6.45 16.44 -22.42
N LEU C 162 6.28 17.39 -21.51
CA LEU C 162 7.19 17.47 -20.38
C LEU C 162 6.74 16.56 -19.24
N ASN C 163 6.40 15.33 -19.58
CA ASN C 163 6.24 14.28 -18.62
C ASN C 163 7.20 13.13 -18.94
N GLU D 4 11.89 4.49 -53.35
CA GLU D 4 10.91 3.53 -52.84
C GLU D 4 11.47 2.63 -51.77
N GLU D 5 12.47 1.84 -52.08
CA GLU D 5 13.01 0.92 -51.07
C GLU D 5 13.84 1.65 -50.02
N ILE D 6 14.70 2.59 -50.45
CA ILE D 6 15.48 3.38 -49.50
C ILE D 6 14.55 4.21 -48.60
N ILE D 7 13.51 4.80 -49.20
CA ILE D 7 12.58 5.66 -48.48
C ILE D 7 11.87 4.89 -47.38
N HIS D 8 11.58 3.63 -47.65
CA HIS D 8 10.78 2.79 -46.75
C HIS D 8 11.61 2.33 -45.56
N LYS D 9 12.81 1.84 -45.84
CA LYS D 9 13.70 1.43 -44.79
C LYS D 9 14.09 2.59 -43.89
N LEU D 10 14.01 3.83 -44.37
CA LEU D 10 14.29 4.98 -43.50
C LEU D 10 13.15 5.19 -42.52
N ALA D 11 11.92 5.00 -42.98
CA ALA D 11 10.72 5.17 -42.17
C ALA D 11 10.40 3.96 -41.32
N MET D 12 10.88 2.77 -41.71
CA MET D 12 10.78 1.62 -40.84
C MET D 12 11.77 1.72 -39.69
N GLN D 13 12.91 2.37 -39.93
CA GLN D 13 13.89 2.62 -38.88
C GLN D 13 13.38 3.65 -37.89
N LEU D 14 12.87 4.76 -38.38
CA LEU D 14 12.27 5.77 -37.50
C LEU D 14 11.09 5.21 -36.68
N ARG D 15 10.39 4.18 -37.20
CA ARG D 15 9.33 3.52 -36.42
C ARG D 15 9.90 2.83 -35.21
N HIS D 16 10.97 2.05 -35.40
CA HIS D 16 11.57 1.28 -34.32
C HIS D 16 12.10 2.20 -33.23
N ILE D 17 12.87 3.23 -33.65
CA ILE D 17 13.36 4.24 -32.72
C ILE D 17 12.20 4.92 -32.03
N GLY D 18 11.20 5.34 -32.80
CA GLY D 18 10.05 6.01 -32.24
C GLY D 18 9.25 5.15 -31.28
N ASP D 19 8.94 3.92 -31.66
CA ASP D 19 8.30 3.01 -30.73
C ASP D 19 9.18 2.74 -29.51
N ASN D 20 10.50 2.72 -29.70
CA ASN D 20 11.39 2.52 -28.56
C ASN D 20 11.41 3.74 -27.64
N ILE D 21 11.62 4.95 -28.19
CA ILE D 21 11.58 6.19 -27.38
C ILE D 21 10.22 6.35 -26.72
N ASP D 22 9.17 5.92 -27.41
CA ASP D 22 7.84 6.06 -26.87
C ASP D 22 7.66 5.20 -25.63
N HIS D 23 8.21 3.99 -25.63
CA HIS D 23 8.12 3.21 -24.41
C HIS D 23 8.80 3.91 -23.24
N ARG D 24 9.86 4.65 -23.50
CA ARG D 24 10.55 5.42 -22.48
C ARG D 24 10.00 6.85 -22.34
N MET D 25 8.81 7.13 -22.83
CA MET D 25 8.09 8.31 -22.38
C MET D 25 6.80 8.00 -21.65
N VAL D 26 6.18 6.85 -21.88
CA VAL D 26 5.06 6.37 -21.05
C VAL D 26 5.62 5.59 -19.85
N MET E 3 -12.67 9.16 -49.41
CA MET E 3 -13.10 8.64 -48.10
C MET E 3 -13.23 9.74 -47.07
N SER E 4 -14.43 10.03 -46.62
CA SER E 4 -14.62 11.06 -45.61
C SER E 4 -14.76 10.46 -44.22
N GLU E 5 -14.48 11.28 -43.20
CA GLU E 5 -14.61 10.80 -41.83
C GLU E 5 -16.05 10.50 -41.50
N GLU E 6 -17.00 11.17 -42.15
CA GLU E 6 -18.40 10.82 -41.96
C GLU E 6 -18.77 9.56 -42.73
N GLN E 7 -18.07 9.27 -43.83
CA GLN E 7 -18.19 7.96 -44.45
C GLN E 7 -17.71 6.86 -43.51
N VAL E 8 -16.60 7.09 -42.82
CA VAL E 8 -16.16 6.12 -41.84
C VAL E 8 -17.13 6.05 -40.67
N ALA E 9 -17.81 7.17 -40.36
CA ALA E 9 -18.73 7.22 -39.22
C ALA E 9 -20.01 6.44 -39.50
N GLN E 10 -20.54 6.52 -40.70
CA GLN E 10 -21.73 5.73 -40.99
C GLN E 10 -21.38 4.28 -41.31
N ASP E 11 -20.20 4.05 -41.89
CA ASP E 11 -19.68 2.71 -42.15
C ASP E 11 -19.41 1.92 -40.87
N THR E 12 -19.29 2.60 -39.72
CA THR E 12 -18.87 1.97 -38.47
C THR E 12 -19.97 1.17 -37.79
N GLU E 13 -21.25 1.43 -38.09
CA GLU E 13 -22.29 0.68 -37.41
C GLU E 13 -22.28 -0.76 -37.86
N GLU E 14 -21.98 -0.99 -39.13
CA GLU E 14 -21.94 -2.32 -39.70
C GLU E 14 -20.65 -3.03 -39.40
N VAL E 15 -19.54 -2.31 -39.23
CA VAL E 15 -18.32 -2.98 -38.79
C VAL E 15 -18.47 -3.47 -37.36
N PHE E 16 -19.15 -2.72 -36.51
CA PHE E 16 -19.29 -3.13 -35.13
C PHE E 16 -20.33 -4.23 -34.98
N ARG E 17 -21.53 -4.02 -35.53
CA ARG E 17 -22.57 -5.04 -35.48
C ARG E 17 -22.03 -6.36 -35.96
N SER E 18 -21.34 -6.36 -37.09
CA SER E 18 -20.76 -7.56 -37.67
C SER E 18 -19.57 -8.10 -36.89
N TYR E 19 -18.77 -7.23 -36.25
CA TYR E 19 -17.70 -7.70 -35.35
C TYR E 19 -18.28 -8.44 -34.16
N VAL E 20 -19.42 -8.00 -33.68
CA VAL E 20 -20.07 -8.62 -32.54
C VAL E 20 -20.59 -10.01 -32.91
N PHE E 21 -21.33 -10.08 -34.02
CA PHE E 21 -21.85 -11.35 -34.51
C PHE E 21 -20.74 -12.39 -34.70
N TYR E 22 -19.67 -12.02 -35.37
CA TYR E 22 -18.71 -13.06 -35.70
C TYR E 22 -17.83 -13.39 -34.52
N ARG E 23 -17.53 -12.41 -33.67
CA ARG E 23 -16.74 -12.66 -32.45
C ARG E 23 -17.52 -13.48 -31.43
N HIS E 24 -18.81 -13.15 -31.26
CA HIS E 24 -19.66 -13.95 -30.38
C HIS E 24 -19.73 -15.39 -30.86
N GLN E 25 -19.59 -15.60 -32.15
CA GLN E 25 -19.77 -16.91 -32.80
C GLN E 25 -18.57 -17.81 -32.61
N GLN E 26 -17.37 -17.28 -32.78
CA GLN E 26 -16.18 -18.08 -32.51
C GLN E 26 -16.11 -18.44 -31.04
N GLU E 27 -16.32 -17.44 -30.17
CA GLU E 27 -16.32 -17.65 -28.73
C GLU E 27 -17.29 -18.77 -28.34
N GLN E 28 -18.54 -18.68 -28.80
CA GLN E 28 -19.56 -19.64 -28.40
C GLN E 28 -19.23 -21.05 -28.88
N GLU E 29 -18.49 -21.17 -29.98
CA GLU E 29 -18.10 -22.49 -30.46
C GLU E 29 -17.23 -23.19 -29.42
N ALA E 37 -24.04 -16.84 -22.91
CA ALA E 37 -24.28 -16.35 -24.25
C ALA E 37 -25.28 -15.19 -24.28
N ASP E 38 -25.29 -14.49 -25.41
CA ASP E 38 -26.11 -13.30 -25.63
C ASP E 38 -26.90 -13.48 -26.92
N PRO E 39 -28.17 -13.87 -26.83
CA PRO E 39 -28.96 -14.06 -28.05
C PRO E 39 -29.26 -12.76 -28.79
N GLU E 40 -28.97 -11.60 -28.21
CA GLU E 40 -28.98 -10.39 -29.02
C GLU E 40 -27.81 -10.38 -30.00
N MET E 41 -26.83 -11.26 -29.79
CA MET E 41 -25.67 -11.37 -30.66
C MET E 41 -25.68 -12.63 -31.52
N VAL E 42 -26.47 -13.64 -31.16
CA VAL E 42 -26.64 -14.77 -32.04
C VAL E 42 -27.64 -14.44 -33.11
N THR E 43 -28.62 -13.61 -32.78
CA THR E 43 -29.64 -13.22 -33.74
C THR E 43 -29.40 -11.80 -34.25
N LEU E 44 -28.14 -11.36 -34.20
CA LEU E 44 -27.81 -10.04 -34.64
C LEU E 44 -27.86 -9.96 -36.17
N PRO E 45 -28.68 -9.08 -36.74
CA PRO E 45 -28.78 -8.97 -38.20
C PRO E 45 -27.52 -8.42 -38.87
N LEU E 46 -27.30 -8.87 -40.10
CA LEU E 46 -26.10 -8.52 -40.86
C LEU E 46 -26.53 -8.04 -42.23
N GLN E 47 -26.07 -6.85 -42.61
CA GLN E 47 -26.39 -6.32 -43.91
C GLN E 47 -25.81 -7.23 -44.99
N PRO E 48 -26.54 -7.49 -46.05
CA PRO E 48 -26.02 -8.30 -47.13
C PRO E 48 -25.07 -7.52 -48.04
N SER E 49 -24.10 -8.24 -48.58
CA SER E 49 -23.15 -7.71 -49.55
C SER E 49 -22.71 -6.31 -49.18
N SER E 50 -22.17 -6.23 -47.95
CA SER E 50 -21.35 -5.10 -47.56
C SER E 50 -19.95 -5.63 -47.25
N THR E 51 -18.94 -4.94 -47.78
CA THR E 51 -17.55 -5.18 -47.42
C THR E 51 -17.32 -4.94 -45.94
N MET E 52 -18.18 -4.14 -45.29
CA MET E 52 -18.03 -3.88 -43.87
C MET E 52 -18.29 -5.13 -43.04
N GLY E 53 -19.10 -6.07 -43.53
CA GLY E 53 -19.25 -7.33 -42.85
C GLY E 53 -18.05 -8.22 -42.97
N GLN E 54 -17.20 -7.96 -43.97
CA GLN E 54 -15.92 -8.66 -44.05
C GLN E 54 -14.86 -8.03 -43.15
N VAL E 55 -14.99 -6.74 -42.85
CA VAL E 55 -14.06 -6.05 -41.95
C VAL E 55 -14.28 -6.48 -40.50
N GLY E 56 -15.54 -6.54 -40.06
CA GLY E 56 -15.82 -7.03 -38.72
C GLY E 56 -15.55 -8.50 -38.52
N ARG E 57 -15.56 -9.28 -39.60
CA ARG E 57 -15.23 -10.70 -39.51
C ARG E 57 -13.74 -10.91 -39.33
N GLN E 58 -12.92 -10.11 -40.01
CA GLN E 58 -11.48 -10.22 -39.88
C GLN E 58 -10.96 -9.55 -38.63
N LEU E 59 -11.46 -8.37 -38.28
CA LEU E 59 -11.08 -7.76 -37.02
C LEU E 59 -11.46 -8.63 -35.84
N ALA E 60 -12.59 -9.33 -35.90
CA ALA E 60 -12.97 -10.25 -34.84
C ALA E 60 -12.05 -11.46 -34.76
N ILE E 61 -11.53 -11.93 -35.89
CA ILE E 61 -10.64 -13.08 -35.81
C ILE E 61 -9.21 -12.66 -35.46
N ILE E 62 -8.78 -11.44 -35.81
CA ILE E 62 -7.38 -11.10 -35.59
C ILE E 62 -7.16 -10.59 -34.16
N GLY E 63 -8.11 -10.83 -33.28
CA GLY E 63 -7.84 -10.64 -31.86
C GLY E 63 -8.09 -11.86 -30.98
N ASP E 64 -8.49 -12.98 -31.61
CA ASP E 64 -9.00 -14.16 -30.91
C ASP E 64 -8.15 -14.53 -29.70
N ASP E 65 -6.88 -14.89 -29.93
CA ASP E 65 -6.09 -15.51 -28.88
C ASP E 65 -5.71 -14.50 -27.79
N ILE E 66 -5.25 -13.32 -28.19
CA ILE E 66 -4.96 -12.22 -27.26
C ILE E 66 -6.16 -11.97 -26.35
N ASN E 67 -7.35 -12.08 -26.92
CA ASN E 67 -8.54 -11.61 -26.23
C ASN E 67 -9.06 -12.58 -25.19
N ARG E 68 -9.17 -13.86 -25.51
CA ARG E 68 -9.49 -14.87 -24.49
C ARG E 68 -8.47 -14.88 -23.37
N ARG E 69 -7.25 -14.40 -23.62
CA ARG E 69 -6.21 -14.44 -22.61
C ARG E 69 -6.55 -13.60 -21.38
N TYR E 70 -7.15 -12.42 -21.58
CA TYR E 70 -7.42 -11.49 -20.48
C TYR E 70 -8.91 -11.38 -20.19
N ASP E 71 -9.63 -12.44 -20.53
CA ASP E 71 -11.07 -12.43 -20.44
C ASP E 71 -11.54 -12.27 -19.00
N SER E 72 -10.85 -12.92 -18.06
CA SER E 72 -11.27 -12.92 -16.66
C SER E 72 -10.97 -11.59 -15.96
N GLU E 73 -9.89 -10.92 -16.35
CA GLU E 73 -9.55 -9.65 -15.74
C GLU E 73 -10.58 -8.57 -16.06
N PHE E 74 -11.15 -8.63 -17.26
CA PHE E 74 -12.09 -7.62 -17.74
C PHE E 74 -13.45 -7.75 -17.08
N GLN E 75 -13.95 -8.97 -17.01
CA GLN E 75 -15.25 -9.23 -16.41
C GLN E 75 -15.33 -8.72 -14.98
N THR E 76 -14.33 -9.07 -14.18
CA THR E 76 -14.29 -8.66 -12.77
C THR E 76 -14.02 -7.16 -12.63
N MET E 77 -13.34 -6.56 -13.59
CA MET E 77 -13.16 -5.11 -13.57
C MET E 77 -14.42 -4.39 -13.99
N LEU E 78 -15.22 -5.03 -14.84
CA LEU E 78 -16.45 -4.40 -15.27
C LEU E 78 -17.53 -4.48 -14.21
N GLN E 79 -17.44 -5.43 -13.27
CA GLN E 79 -18.47 -5.57 -12.25
C GLN E 79 -18.38 -4.50 -11.17
N HIS E 80 -17.17 -4.14 -10.77
CA HIS E 80 -17.03 -3.06 -9.81
C HIS E 80 -17.45 -1.71 -10.40
N LEU E 81 -17.48 -1.62 -11.74
CA LEU E 81 -17.92 -0.39 -12.41
C LEU E 81 -19.42 -0.23 -12.29
N GLN E 82 -20.13 -1.33 -12.45
CA GLN E 82 -21.59 -1.35 -12.40
C GLN E 82 -22.19 -0.33 -13.38
N PRO E 83 -21.85 -0.41 -14.66
CA PRO E 83 -22.45 0.50 -15.63
C PRO E 83 -23.94 0.22 -15.75
N THR E 84 -24.67 1.27 -16.07
CA THR E 84 -26.10 1.22 -16.16
C THR E 84 -26.49 1.79 -17.51
N ALA E 85 -27.79 1.83 -17.77
CA ALA E 85 -28.27 2.48 -18.97
C ALA E 85 -27.82 3.93 -19.02
N GLU E 86 -27.66 4.56 -17.85
CA GLU E 86 -27.43 5.98 -17.65
C GLU E 86 -25.96 6.37 -17.68
N ASN E 87 -25.08 5.54 -17.11
CA ASN E 87 -23.68 5.89 -17.03
C ASN E 87 -22.78 5.13 -18.01
N ALA E 88 -23.34 4.29 -18.87
CA ALA E 88 -22.51 3.46 -19.74
C ALA E 88 -21.76 4.29 -20.79
N TYR E 89 -22.41 5.33 -21.31
CA TYR E 89 -21.74 6.22 -22.25
C TYR E 89 -20.58 6.97 -21.61
N GLU E 90 -20.88 7.71 -20.53
CA GLU E 90 -19.84 8.34 -19.72
C GLU E 90 -18.68 7.40 -19.47
N TYR E 91 -18.98 6.19 -19.00
CA TYR E 91 -17.94 5.20 -18.76
C TYR E 91 -17.27 4.71 -20.05
N PHE E 92 -18.04 4.50 -21.12
CA PHE E 92 -17.44 4.14 -22.40
C PHE E 92 -16.48 5.20 -22.88
N THR E 93 -16.88 6.46 -22.79
CA THR E 93 -16.03 7.56 -23.28
C THR E 93 -14.76 7.68 -22.46
N LYS E 94 -14.85 7.62 -21.12
CA LYS E 94 -13.67 7.82 -20.26
C LYS E 94 -12.61 6.73 -20.48
N ILE E 95 -13.03 5.48 -20.60
CA ILE E 95 -12.08 4.41 -20.89
C ILE E 95 -11.46 4.60 -22.25
N ALA E 96 -12.26 5.03 -23.22
CA ALA E 96 -11.86 5.09 -24.61
C ALA E 96 -11.04 6.34 -24.91
N THR E 97 -11.25 7.41 -24.15
CA THR E 97 -10.35 8.55 -24.27
C THR E 97 -9.03 8.27 -23.58
N SER E 98 -9.02 7.48 -22.51
CA SER E 98 -7.71 7.15 -21.95
C SER E 98 -6.95 6.14 -22.79
N LEU E 99 -7.61 5.37 -23.66
CA LEU E 99 -6.93 4.33 -24.46
C LEU E 99 -6.06 4.93 -25.55
N PHE E 100 -6.57 5.98 -26.21
CA PHE E 100 -5.93 6.66 -27.33
C PHE E 100 -5.20 7.92 -26.93
N GLU E 101 -5.14 8.24 -25.62
CA GLU E 101 -4.44 9.42 -25.20
C GLU E 101 -2.96 9.31 -25.50
N SER E 102 -2.40 8.10 -25.44
CA SER E 102 -0.98 7.91 -25.66
C SER E 102 -0.65 7.53 -27.10
N GLY E 103 -1.64 7.28 -27.92
CA GLY E 103 -1.36 6.60 -29.17
C GLY E 103 -2.56 6.03 -29.90
N ILE E 104 -2.46 5.98 -31.22
CA ILE E 104 -3.48 5.42 -32.09
C ILE E 104 -2.78 4.48 -33.04
N ASN E 105 -3.36 3.31 -33.24
CA ASN E 105 -2.86 2.33 -34.20
C ASN E 105 -4.04 1.43 -34.52
N TRP E 106 -3.91 0.57 -35.52
CA TRP E 106 -5.07 -0.22 -35.95
C TRP E 106 -5.48 -1.26 -34.91
N GLY E 107 -4.54 -1.79 -34.14
CA GLY E 107 -4.89 -2.73 -33.12
C GLY E 107 -5.74 -2.12 -32.03
N ARG E 108 -5.36 -0.92 -31.57
CA ARG E 108 -6.13 -0.18 -30.57
C ARG E 108 -7.54 0.14 -31.06
N VAL E 109 -7.71 0.35 -32.36
CA VAL E 109 -9.02 0.50 -32.97
C VAL E 109 -9.78 -0.80 -32.88
N VAL E 110 -9.07 -1.93 -33.01
CA VAL E 110 -9.67 -3.23 -32.85
C VAL E 110 -9.98 -3.49 -31.38
N ALA E 111 -9.16 -2.98 -30.46
CA ALA E 111 -9.44 -3.05 -29.03
C ALA E 111 -10.61 -2.15 -28.60
N LEU E 112 -10.87 -1.03 -29.27
CA LEU E 112 -12.10 -0.26 -28.98
C LEU E 112 -13.35 -0.97 -29.49
N LEU E 113 -13.25 -1.79 -30.52
CA LEU E 113 -14.40 -2.59 -30.94
C LEU E 113 -14.72 -3.65 -29.91
N GLY E 114 -13.69 -4.37 -29.45
CA GLY E 114 -13.89 -5.45 -28.51
C GLY E 114 -14.33 -5.00 -27.15
N PHE E 115 -13.94 -3.81 -26.74
CA PHE E 115 -14.47 -3.29 -25.49
C PHE E 115 -15.91 -2.81 -25.65
N GLY E 116 -16.30 -2.35 -26.84
CA GLY E 116 -17.71 -2.21 -27.15
C GLY E 116 -18.44 -3.54 -27.15
N TYR E 117 -17.74 -4.64 -27.46
CA TYR E 117 -18.32 -5.98 -27.39
C TYR E 117 -18.38 -6.49 -25.96
N ARG E 118 -17.36 -6.20 -25.16
CA ARG E 118 -17.33 -6.65 -23.77
C ARG E 118 -18.27 -5.87 -22.87
N LEU E 119 -18.45 -4.59 -23.12
CA LEU E 119 -19.42 -3.81 -22.36
C LEU E 119 -20.85 -4.16 -22.76
N ALA E 120 -21.07 -4.42 -24.06
CA ALA E 120 -22.38 -4.86 -24.56
C ALA E 120 -22.82 -6.18 -23.94
N LEU E 121 -21.92 -7.17 -23.89
CA LEU E 121 -22.25 -8.48 -23.33
C LEU E 121 -22.40 -8.42 -21.81
N HIS E 122 -21.56 -7.66 -21.14
CA HIS E 122 -21.56 -7.57 -19.69
C HIS E 122 -22.88 -7.03 -19.15
N VAL E 123 -23.41 -5.97 -19.78
CA VAL E 123 -24.65 -5.37 -19.30
C VAL E 123 -25.80 -6.31 -19.55
N TYR E 124 -25.78 -7.02 -20.68
CA TYR E 124 -26.82 -8.01 -20.96
C TYR E 124 -26.83 -9.07 -19.86
N GLN E 125 -25.68 -9.72 -19.64
CA GLN E 125 -25.52 -10.70 -18.58
C GLN E 125 -25.93 -10.17 -17.22
N HIS E 126 -25.94 -8.87 -17.05
CA HIS E 126 -26.34 -8.25 -15.81
C HIS E 126 -27.70 -7.60 -15.90
N GLY E 127 -28.41 -7.83 -17.00
CA GLY E 127 -29.82 -7.57 -17.05
C GLY E 127 -30.28 -6.37 -17.86
N LEU E 128 -29.41 -5.68 -18.58
CA LEU E 128 -29.80 -4.57 -19.46
C LEU E 128 -30.01 -5.08 -20.88
N THR E 129 -31.25 -5.37 -21.22
CA THR E 129 -31.59 -6.04 -22.45
C THR E 129 -31.83 -5.05 -23.57
N GLY E 130 -31.70 -5.53 -24.81
CA GLY E 130 -32.03 -4.71 -25.95
C GLY E 130 -31.25 -3.43 -26.02
N PHE E 131 -30.01 -3.46 -25.53
CA PHE E 131 -29.13 -2.30 -25.42
C PHE E 131 -28.01 -2.33 -26.45
N LEU E 132 -28.01 -3.34 -27.33
CA LEU E 132 -26.97 -3.50 -28.32
C LEU E 132 -26.81 -2.27 -29.21
N GLY E 133 -27.94 -1.66 -29.55
CA GLY E 133 -27.95 -0.49 -30.39
C GLY E 133 -27.40 0.74 -29.71
N GLN E 134 -27.56 0.84 -28.40
CA GLN E 134 -26.94 1.94 -27.69
C GLN E 134 -25.41 1.79 -27.68
N VAL E 135 -24.90 0.56 -27.52
CA VAL E 135 -23.45 0.35 -27.50
C VAL E 135 -22.82 0.64 -28.88
N THR E 136 -23.54 0.31 -29.97
CA THR E 136 -23.05 0.65 -31.32
C THR E 136 -22.99 2.16 -31.56
N ARG E 137 -23.89 2.92 -30.94
CA ARG E 137 -23.88 4.36 -31.08
C ARG E 137 -22.71 4.97 -30.34
N PHE E 138 -22.37 4.47 -29.16
CA PHE E 138 -21.24 4.99 -28.41
C PHE E 138 -19.96 4.83 -29.20
N VAL E 139 -19.72 3.62 -29.71
CA VAL E 139 -18.62 3.33 -30.63
C VAL E 139 -18.56 4.35 -31.76
N VAL E 140 -19.66 4.54 -32.48
CA VAL E 140 -19.69 5.43 -33.65
C VAL E 140 -19.59 6.89 -33.23
N ASP E 141 -20.30 7.29 -32.19
CA ASP E 141 -20.27 8.69 -31.80
C ASP E 141 -18.96 9.06 -31.11
N PHE E 142 -18.33 8.14 -30.38
CA PHE E 142 -17.00 8.40 -29.87
C PHE E 142 -16.03 8.64 -31.01
N MET E 143 -15.98 7.73 -31.96
CA MET E 143 -14.95 7.76 -33.00
C MET E 143 -15.04 9.03 -33.85
N LEU E 144 -16.25 9.43 -34.21
CA LEU E 144 -16.42 10.68 -34.96
C LEU E 144 -15.88 11.87 -34.18
N HIS E 145 -16.27 12.01 -32.90
CA HIS E 145 -16.00 13.16 -32.05
C HIS E 145 -14.64 13.14 -31.38
N HIS E 146 -13.86 12.10 -31.59
CA HIS E 146 -12.52 11.97 -31.02
C HIS E 146 -11.50 11.54 -32.07
N SER E 147 -11.73 11.86 -33.33
CA SER E 147 -10.74 11.82 -34.41
C SER E 147 -10.32 10.42 -34.84
N ILE E 148 -11.00 9.37 -34.35
CA ILE E 148 -10.72 8.00 -34.75
C ILE E 148 -11.30 7.70 -36.14
N ALA E 149 -12.46 8.29 -36.48
CA ALA E 149 -13.00 8.16 -37.82
C ALA E 149 -12.11 8.84 -38.85
N ARG E 150 -11.69 10.08 -38.56
CA ARG E 150 -10.79 10.80 -39.44
C ARG E 150 -9.48 10.06 -39.63
N TRP E 151 -8.90 9.52 -38.54
CA TRP E 151 -7.70 8.68 -38.64
C TRP E 151 -7.88 7.60 -39.70
N ILE E 152 -9.01 6.90 -39.64
CA ILE E 152 -9.27 5.76 -40.51
C ILE E 152 -9.56 6.22 -41.93
N ALA E 153 -10.30 7.33 -42.08
CA ALA E 153 -10.61 7.86 -43.40
C ALA E 153 -9.33 8.30 -44.14
N GLN E 154 -8.35 8.84 -43.41
CA GLN E 154 -7.06 9.24 -43.96
C GLN E 154 -6.25 8.06 -44.48
N ARG E 155 -6.75 6.85 -44.27
CA ARG E 155 -6.04 5.64 -44.72
C ARG E 155 -6.83 4.77 -45.69
N GLY E 156 -7.95 5.27 -46.17
CA GLY E 156 -8.79 4.55 -47.11
C GLY E 156 -10.05 3.99 -46.49
N GLY E 157 -10.29 4.22 -45.23
CA GLY E 157 -11.44 3.65 -44.59
C GLY E 157 -11.17 2.34 -43.89
N TRP E 158 -12.24 1.80 -43.31
CA TRP E 158 -12.15 0.53 -42.64
C TRP E 158 -11.63 -0.55 -43.54
N VAL E 159 -11.75 -0.37 -44.85
CA VAL E 159 -11.33 -1.38 -45.83
C VAL E 159 -9.83 -1.55 -45.83
N ALA E 160 -9.06 -0.48 -45.51
CA ALA E 160 -7.62 -0.58 -45.40
C ALA E 160 -7.19 -1.63 -44.39
N ALA E 161 -8.08 -1.98 -43.46
CA ALA E 161 -7.73 -2.87 -42.37
C ALA E 161 -7.58 -4.30 -42.85
N LEU E 162 -8.24 -4.66 -43.95
CA LEU E 162 -8.12 -6.01 -44.47
C LEU E 162 -6.73 -6.25 -45.07
N ASN E 163 -5.70 -5.91 -44.31
CA ASN E 163 -4.29 -6.16 -44.62
C ASN E 163 -3.55 -6.46 -43.30
N GLU F 4 -12.69 6.33 -11.66
CA GLU F 4 -11.50 6.96 -12.20
C GLU F 4 -10.38 5.94 -12.23
N GLU F 5 -10.31 5.18 -11.14
CA GLU F 5 -9.26 4.20 -10.90
C GLU F 5 -9.61 2.83 -11.45
N ILE F 6 -10.90 2.47 -11.44
CA ILE F 6 -11.34 1.32 -12.21
C ILE F 6 -11.27 1.62 -13.69
N ILE F 7 -11.86 2.75 -14.09
CA ILE F 7 -11.84 3.34 -15.42
C ILE F 7 -10.47 3.26 -16.08
N HIS F 8 -9.45 3.73 -15.37
CA HIS F 8 -8.12 3.78 -15.93
C HIS F 8 -7.52 2.39 -16.13
N LYS F 9 -7.79 1.46 -15.23
CA LYS F 9 -7.21 0.13 -15.39
C LYS F 9 -7.75 -0.56 -16.63
N LEU F 10 -9.01 -0.30 -17.00
CA LEU F 10 -9.59 -0.88 -18.21
C LEU F 10 -8.94 -0.33 -19.45
N ALA F 11 -8.50 0.95 -19.40
CA ALA F 11 -7.92 1.61 -20.57
C ALA F 11 -6.56 1.03 -20.93
N MET F 12 -5.70 0.85 -19.93
CA MET F 12 -4.36 0.34 -20.21
C MET F 12 -4.36 -1.14 -20.57
N GLN F 13 -5.25 -1.93 -19.96
CA GLN F 13 -5.53 -3.27 -20.44
C GLN F 13 -5.86 -3.27 -21.92
N LEU F 14 -6.74 -2.36 -22.33
CA LEU F 14 -7.09 -2.16 -23.73
C LEU F 14 -5.88 -1.76 -24.58
N ARG F 15 -5.01 -0.87 -24.07
CA ARG F 15 -3.77 -0.54 -24.77
C ARG F 15 -2.94 -1.79 -24.99
N HIS F 16 -2.81 -2.61 -23.96
CA HIS F 16 -1.97 -3.79 -24.03
C HIS F 16 -2.51 -4.77 -25.04
N ILE F 17 -3.78 -5.14 -24.92
CA ILE F 17 -4.39 -5.95 -25.96
C ILE F 17 -4.36 -5.22 -27.28
N GLY F 18 -4.49 -3.88 -27.25
CA GLY F 18 -4.45 -3.10 -28.48
C GLY F 18 -3.09 -3.04 -29.16
N ASP F 19 -2.01 -2.83 -28.39
CA ASP F 19 -0.67 -2.96 -28.94
C ASP F 19 -0.25 -4.39 -29.26
N ASN F 20 -0.82 -5.40 -28.59
CA ASN F 20 -0.56 -6.78 -28.98
C ASN F 20 -1.08 -7.06 -30.38
N ILE F 21 -2.36 -6.73 -30.62
CA ILE F 21 -3.00 -6.98 -31.90
C ILE F 21 -2.32 -6.20 -33.03
N ASP F 22 -1.89 -4.97 -32.75
CA ASP F 22 -1.18 -4.18 -33.75
C ASP F 22 0.02 -4.94 -34.31
N HIS F 23 0.95 -5.32 -33.44
CA HIS F 23 2.12 -6.06 -33.90
C HIS F 23 1.75 -7.24 -34.79
N ARG F 24 0.61 -7.88 -34.55
CA ARG F 24 0.18 -9.01 -35.37
C ARG F 24 -0.26 -8.56 -36.75
N MET F 25 -1.10 -7.52 -36.80
CA MET F 25 -1.45 -6.97 -38.09
C MET F 25 -0.33 -6.13 -38.69
N VAL F 26 0.64 -5.71 -37.90
CA VAL F 26 1.86 -5.15 -38.46
C VAL F 26 3.04 -6.12 -38.39
N MET G 3 -34.54 13.00 -7.40
CA MET G 3 -35.25 11.74 -7.43
C MET G 3 -36.49 11.76 -6.52
N SER G 4 -37.65 11.48 -7.10
CA SER G 4 -38.92 11.55 -6.38
C SER G 4 -39.29 10.20 -5.77
N GLU G 5 -40.21 10.25 -4.82
CA GLU G 5 -40.77 9.01 -4.29
C GLU G 5 -41.79 8.40 -5.23
N GLU G 6 -42.50 9.25 -5.99
CA GLU G 6 -43.38 8.77 -7.03
C GLU G 6 -42.57 8.11 -8.14
N GLN G 7 -41.44 8.70 -8.49
CA GLN G 7 -40.53 8.06 -9.43
C GLN G 7 -40.11 6.69 -8.91
N VAL G 8 -39.72 6.59 -7.64
CA VAL G 8 -39.34 5.30 -7.12
C VAL G 8 -40.52 4.36 -7.16
N ALA G 9 -41.74 4.90 -7.06
CA ALA G 9 -42.93 4.07 -7.05
C ALA G 9 -43.23 3.52 -8.43
N GLN G 10 -43.07 4.32 -9.47
CA GLN G 10 -43.32 3.76 -10.78
C GLN G 10 -42.16 2.91 -11.24
N ASP G 11 -40.94 3.29 -10.86
CA ASP G 11 -39.79 2.46 -11.09
C ASP G 11 -39.89 1.11 -10.38
N THR G 12 -40.77 1.00 -9.36
CA THR G 12 -40.90 -0.24 -8.59
C THR G 12 -41.61 -1.33 -9.36
N GLU G 13 -42.41 -0.96 -10.36
CA GLU G 13 -43.09 -1.99 -11.12
C GLU G 13 -42.08 -2.88 -11.85
N GLU G 14 -41.06 -2.27 -12.44
CA GLU G 14 -40.06 -3.04 -13.18
C GLU G 14 -38.96 -3.60 -12.28
N VAL G 15 -38.64 -2.95 -11.16
CA VAL G 15 -37.77 -3.59 -10.17
C VAL G 15 -38.38 -4.90 -9.69
N PHE G 16 -39.69 -4.91 -9.44
CA PHE G 16 -40.34 -6.12 -8.94
C PHE G 16 -40.46 -7.18 -10.02
N ARG G 17 -41.10 -6.83 -11.15
CA ARG G 17 -41.23 -7.74 -12.28
C ARG G 17 -39.93 -8.45 -12.64
N SER G 18 -38.80 -7.75 -12.55
CA SER G 18 -37.52 -8.35 -12.95
C SER G 18 -36.96 -9.27 -11.89
N TYR G 19 -37.05 -8.86 -10.61
CA TYR G 19 -36.67 -9.69 -9.46
C TYR G 19 -37.37 -11.04 -9.47
N VAL G 20 -38.64 -11.04 -9.80
CA VAL G 20 -39.41 -12.26 -9.94
C VAL G 20 -38.85 -13.12 -11.07
N PHE G 21 -38.67 -12.50 -12.25
CA PHE G 21 -38.08 -13.19 -13.38
C PHE G 21 -36.75 -13.85 -13.02
N TYR G 22 -35.81 -13.09 -12.44
CA TYR G 22 -34.45 -13.62 -12.27
C TYR G 22 -34.32 -14.52 -11.06
N ARG G 23 -35.07 -14.26 -9.97
CA ARG G 23 -35.05 -15.18 -8.83
C ARG G 23 -35.74 -16.49 -9.15
N HIS G 24 -36.87 -16.45 -9.85
CA HIS G 24 -37.48 -17.69 -10.29
C HIS G 24 -36.50 -18.51 -11.10
N GLN G 25 -35.73 -17.81 -11.93
CA GLN G 25 -34.82 -18.41 -12.89
C GLN G 25 -33.66 -19.13 -12.23
N GLN G 26 -33.16 -18.64 -11.10
CA GLN G 26 -32.16 -19.42 -10.36
C GLN G 26 -32.80 -20.55 -9.58
N GLU G 27 -33.93 -20.28 -8.91
CA GLU G 27 -34.65 -21.33 -8.18
C GLU G 27 -34.84 -22.58 -9.03
N GLN G 28 -35.13 -22.40 -10.33
CA GLN G 28 -35.24 -23.53 -11.25
C GLN G 28 -33.90 -24.24 -11.49
N GLU G 29 -32.77 -23.65 -11.12
CA GLU G 29 -31.48 -24.31 -11.22
C GLU G 29 -30.84 -24.43 -9.83
N ALA G 37 -43.13 -25.10 -10.30
CA ALA G 37 -42.76 -24.00 -11.18
C ALA G 37 -43.95 -23.11 -11.49
N ASP G 38 -43.67 -21.99 -12.10
CA ASP G 38 -44.75 -21.06 -12.42
C ASP G 38 -44.50 -20.42 -13.79
N PRO G 39 -45.31 -20.72 -14.80
CA PRO G 39 -45.01 -20.21 -16.13
C PRO G 39 -45.30 -18.72 -16.28
N GLU G 40 -46.09 -18.14 -15.38
CA GLU G 40 -46.32 -16.71 -15.45
C GLU G 40 -45.09 -15.93 -15.07
N MET G 41 -44.12 -16.57 -14.43
CA MET G 41 -42.85 -15.96 -14.10
C MET G 41 -41.73 -16.30 -15.08
N VAL G 42 -41.86 -17.41 -15.80
CA VAL G 42 -40.92 -17.70 -16.89
C VAL G 42 -41.28 -16.87 -18.10
N THR G 43 -42.57 -16.73 -18.38
CA THR G 43 -43.01 -15.89 -19.46
C THR G 43 -43.03 -14.44 -19.11
N LEU G 44 -42.53 -14.05 -17.95
CA LEU G 44 -42.69 -12.69 -17.47
C LEU G 44 -42.00 -11.69 -18.40
N PRO G 45 -42.72 -10.73 -18.98
CA PRO G 45 -42.09 -9.74 -19.87
C PRO G 45 -41.17 -8.76 -19.13
N LEU G 46 -40.06 -8.43 -19.75
CA LEU G 46 -39.08 -7.51 -19.19
C LEU G 46 -38.97 -6.27 -20.08
N GLN G 47 -38.72 -5.18 -19.45
CA GLN G 47 -38.60 -3.95 -20.20
C GLN G 47 -37.21 -3.85 -20.82
N PRO G 48 -37.12 -3.46 -22.09
CA PRO G 48 -35.80 -3.34 -22.74
C PRO G 48 -35.06 -2.10 -22.26
N SER G 49 -33.80 -2.31 -21.91
CA SER G 49 -32.83 -1.27 -21.61
C SER G 49 -33.32 -0.32 -20.51
N SER G 50 -33.70 -0.90 -19.37
CA SER G 50 -33.80 -0.13 -18.14
C SER G 50 -32.83 -0.71 -17.12
N THR G 51 -32.20 0.18 -16.36
CA THR G 51 -31.35 -0.22 -15.25
C THR G 51 -32.14 -0.66 -14.06
N MET G 52 -33.46 -0.61 -14.10
CA MET G 52 -34.29 -1.21 -13.08
C MET G 52 -34.41 -2.70 -13.26
N GLY G 53 -34.18 -3.23 -14.46
CA GLY G 53 -33.98 -4.65 -14.65
C GLY G 53 -32.63 -5.13 -14.20
N GLN G 54 -31.63 -4.25 -14.18
CA GLN G 54 -30.38 -4.57 -13.52
C GLN G 54 -30.52 -4.61 -12.01
N VAL G 55 -31.29 -3.67 -11.44
CA VAL G 55 -31.62 -3.70 -10.02
C VAL G 55 -32.29 -5.01 -9.64
N GLY G 56 -33.37 -5.38 -10.32
CA GLY G 56 -34.07 -6.60 -9.98
C GLY G 56 -33.33 -7.88 -10.29
N ARG G 57 -32.32 -7.82 -11.14
CA ARG G 57 -31.47 -8.98 -11.32
C ARG G 57 -30.47 -9.11 -10.18
N GLN G 58 -29.91 -8.00 -9.72
CA GLN G 58 -28.96 -8.01 -8.62
C GLN G 58 -29.62 -8.33 -7.28
N LEU G 59 -30.77 -7.72 -7.00
CA LEU G 59 -31.43 -8.00 -5.74
C LEU G 59 -31.94 -9.43 -5.66
N ALA G 60 -32.31 -10.02 -6.79
CA ALA G 60 -32.70 -11.42 -6.81
C ALA G 60 -31.56 -12.32 -6.40
N ILE G 61 -30.33 -11.83 -6.51
CA ILE G 61 -29.17 -12.69 -6.39
C ILE G 61 -28.57 -12.58 -4.99
N ILE G 62 -28.72 -11.42 -4.33
CA ILE G 62 -28.12 -11.30 -3.00
C ILE G 62 -28.92 -12.10 -2.00
N GLY G 63 -30.24 -12.09 -2.12
CA GLY G 63 -31.02 -13.10 -1.43
C GLY G 63 -30.79 -14.48 -2.02
N ASP G 64 -29.60 -15.01 -1.87
CA ASP G 64 -29.27 -16.33 -2.39
C ASP G 64 -29.03 -17.32 -1.29
N ASP G 65 -28.42 -16.87 -0.20
CA ASP G 65 -28.15 -17.74 0.93
C ASP G 65 -29.36 -17.78 1.85
N ILE G 66 -29.68 -16.63 2.42
CA ILE G 66 -30.76 -16.53 3.37
C ILE G 66 -32.05 -17.11 2.77
N ASN G 67 -32.33 -16.80 1.50
CA ASN G 67 -33.64 -17.15 0.96
C ASN G 67 -33.78 -18.66 0.72
N ARG G 68 -32.68 -19.34 0.40
CA ARG G 68 -32.75 -20.78 0.20
C ARG G 68 -33.10 -21.51 1.49
N ARG G 69 -32.56 -21.05 2.62
CA ARG G 69 -32.84 -21.71 3.88
C ARG G 69 -34.31 -21.56 4.22
N TYR G 70 -34.75 -20.32 4.39
CA TYR G 70 -36.09 -20.02 4.87
C TYR G 70 -37.11 -20.32 3.77
N ASP G 71 -37.27 -21.59 3.41
CA ASP G 71 -38.08 -22.00 2.26
C ASP G 71 -39.33 -22.75 2.71
N SER G 72 -39.21 -24.00 3.14
CA SER G 72 -40.38 -24.73 3.64
C SER G 72 -40.94 -24.10 4.89
N GLU G 73 -40.13 -23.36 5.63
CA GLU G 73 -40.64 -22.63 6.78
C GLU G 73 -41.74 -21.67 6.38
N PHE G 74 -41.59 -21.01 5.23
CA PHE G 74 -42.54 -19.99 4.78
C PHE G 74 -43.78 -20.62 4.16
N GLN G 75 -43.58 -21.62 3.30
CA GLN G 75 -44.72 -22.22 2.60
C GLN G 75 -45.68 -22.89 3.56
N THR G 76 -45.19 -23.39 4.69
CA THR G 76 -46.06 -23.98 5.70
C THR G 76 -46.83 -22.91 6.46
N MET G 77 -46.29 -21.70 6.54
CA MET G 77 -47.00 -20.61 7.21
C MET G 77 -48.05 -19.98 6.29
N LEU G 78 -47.74 -19.87 4.99
CA LEU G 78 -48.69 -19.36 4.04
C LEU G 78 -49.83 -20.34 3.82
N GLN G 79 -49.54 -21.63 3.84
CA GLN G 79 -50.59 -22.64 3.76
C GLN G 79 -51.60 -22.47 4.87
N HIS G 80 -51.16 -22.06 6.06
CA HIS G 80 -52.09 -21.76 7.13
C HIS G 80 -52.80 -20.43 6.94
N LEU G 81 -52.21 -19.52 6.16
CA LEU G 81 -52.85 -18.24 5.90
C LEU G 81 -54.06 -18.40 4.97
N GLN G 82 -53.90 -19.19 3.91
CA GLN G 82 -54.87 -19.37 2.84
C GLN G 82 -55.28 -18.04 2.19
N PRO G 83 -54.34 -17.23 1.70
CA PRO G 83 -54.74 -15.96 1.12
C PRO G 83 -55.50 -16.18 -0.16
N THR G 84 -56.56 -15.43 -0.35
CA THR G 84 -57.38 -15.55 -1.54
C THR G 84 -57.20 -14.29 -2.36
N ALA G 85 -57.95 -14.19 -3.44
CA ALA G 85 -57.87 -12.99 -4.24
C ALA G 85 -58.32 -11.75 -3.48
N GLU G 86 -59.08 -11.93 -2.40
CA GLU G 86 -59.74 -10.84 -1.70
C GLU G 86 -59.05 -10.42 -0.40
N ASN G 87 -58.43 -11.33 0.32
CA ASN G 87 -57.74 -10.98 1.55
C ASN G 87 -56.22 -10.93 1.42
N ALA G 88 -55.68 -11.13 0.23
CA ALA G 88 -54.24 -11.17 0.06
C ALA G 88 -53.57 -9.80 0.18
N TYR G 89 -54.24 -8.73 -0.23
CA TYR G 89 -53.63 -7.41 -0.10
C TYR G 89 -53.64 -6.95 1.35
N GLU G 90 -54.76 -7.18 2.04
CA GLU G 90 -54.82 -7.09 3.50
C GLU G 90 -53.72 -7.91 4.16
N TYR G 91 -53.56 -9.15 3.73
CA TYR G 91 -52.52 -10.00 4.30
C TYR G 91 -51.14 -9.53 3.90
N PHE G 92 -50.97 -9.08 2.66
CA PHE G 92 -49.69 -8.52 2.28
C PHE G 92 -49.35 -7.32 3.14
N THR G 93 -50.28 -6.36 3.22
CA THR G 93 -50.09 -5.17 4.04
C THR G 93 -49.70 -5.52 5.48
N LYS G 94 -50.46 -6.40 6.15
CA LYS G 94 -50.31 -6.61 7.59
C LYS G 94 -48.98 -7.27 7.93
N ILE G 95 -48.53 -8.22 7.12
CA ILE G 95 -47.18 -8.77 7.28
C ILE G 95 -46.14 -7.69 7.02
N ALA G 96 -46.27 -6.97 5.90
CA ALA G 96 -45.26 -6.01 5.49
C ALA G 96 -45.22 -4.81 6.42
N THR G 97 -46.35 -4.51 7.06
CA THR G 97 -46.41 -3.38 7.96
C THR G 97 -45.65 -3.68 9.22
N SER G 98 -45.69 -4.92 9.70
CA SER G 98 -44.90 -5.24 10.88
C SER G 98 -43.45 -5.63 10.59
N LEU G 99 -43.09 -5.87 9.34
CA LEU G 99 -41.68 -6.07 9.01
C LEU G 99 -40.90 -4.80 9.22
N PHE G 100 -41.46 -3.66 8.84
CA PHE G 100 -40.81 -2.36 8.97
C PHE G 100 -41.27 -1.59 10.19
N GLU G 101 -42.04 -2.20 11.09
CA GLU G 101 -42.45 -1.47 12.28
C GLU G 101 -41.24 -1.13 13.15
N SER G 102 -40.28 -2.04 13.22
CA SER G 102 -39.12 -1.84 14.07
C SER G 102 -37.98 -1.13 13.35
N GLY G 103 -38.07 -0.95 12.05
CA GLY G 103 -36.95 -0.36 11.35
C GLY G 103 -36.95 -0.70 9.89
N ILE G 104 -36.08 0.00 9.18
CA ILE G 104 -35.89 -0.06 7.75
C ILE G 104 -34.40 -0.17 7.50
N ASN G 105 -34.05 -0.87 6.44
CA ASN G 105 -32.70 -0.94 5.91
C ASN G 105 -32.84 -1.51 4.51
N TRP G 106 -31.73 -1.56 3.77
CA TRP G 106 -31.82 -2.06 2.39
C TRP G 106 -32.15 -3.54 2.36
N GLY G 107 -31.72 -4.28 3.39
CA GLY G 107 -31.95 -5.72 3.41
C GLY G 107 -33.40 -6.08 3.62
N ARG G 108 -34.10 -5.31 4.45
CA ARG G 108 -35.53 -5.45 4.65
C ARG G 108 -36.33 -5.08 3.43
N VAL G 109 -35.78 -4.21 2.56
CA VAL G 109 -36.45 -3.84 1.34
C VAL G 109 -36.46 -5.03 0.37
N VAL G 110 -35.35 -5.77 0.32
CA VAL G 110 -35.23 -7.00 -0.46
C VAL G 110 -36.08 -8.14 0.13
N ALA G 111 -36.35 -8.13 1.44
CA ALA G 111 -37.14 -9.19 2.08
C ALA G 111 -38.59 -8.98 1.79
N LEU G 112 -38.98 -7.74 1.51
CA LEU G 112 -40.31 -7.35 1.05
C LEU G 112 -40.56 -7.65 -0.44
N LEU G 113 -39.51 -7.68 -1.27
CA LEU G 113 -39.64 -8.22 -2.62
C LEU G 113 -39.63 -9.74 -2.63
N GLY G 114 -38.93 -10.37 -1.70
CA GLY G 114 -38.98 -11.82 -1.58
C GLY G 114 -40.34 -12.33 -1.16
N PHE G 115 -40.99 -11.63 -0.23
CA PHE G 115 -42.33 -12.01 0.20
C PHE G 115 -43.38 -11.73 -0.90
N GLY G 116 -43.19 -10.69 -1.69
CA GLY G 116 -44.02 -10.55 -2.87
C GLY G 116 -43.80 -11.66 -3.88
N TYR G 117 -42.58 -12.19 -3.96
CA TYR G 117 -42.29 -13.34 -4.81
C TYR G 117 -42.82 -14.64 -4.21
N ARG G 118 -42.68 -14.80 -2.90
CA ARG G 118 -43.12 -16.00 -2.22
C ARG G 118 -44.62 -16.10 -2.18
N LEU G 119 -45.31 -14.97 -2.14
CA LEU G 119 -46.75 -14.93 -2.16
C LEU G 119 -47.33 -14.97 -3.57
N ALA G 120 -46.64 -14.37 -4.54
CA ALA G 120 -47.03 -14.51 -5.94
C ALA G 120 -47.02 -15.97 -6.39
N LEU G 121 -46.04 -16.74 -5.91
CA LEU G 121 -45.86 -18.14 -6.25
C LEU G 121 -46.79 -19.04 -5.46
N HIS G 122 -47.01 -18.72 -4.19
CA HIS G 122 -47.94 -19.48 -3.38
C HIS G 122 -49.29 -19.62 -4.04
N VAL G 123 -49.87 -18.51 -4.50
CA VAL G 123 -51.25 -18.51 -4.95
C VAL G 123 -51.36 -19.13 -6.33
N TYR G 124 -50.32 -19.04 -7.16
CA TYR G 124 -50.33 -19.75 -8.43
C TYR G 124 -50.40 -21.24 -8.19
N GLN G 125 -49.45 -21.77 -7.43
CA GLN G 125 -49.40 -23.17 -7.05
C GLN G 125 -50.68 -23.67 -6.41
N HIS G 126 -51.49 -22.77 -5.84
CA HIS G 126 -52.72 -23.12 -5.15
C HIS G 126 -53.96 -22.77 -5.94
N GLY G 127 -53.80 -22.33 -7.20
CA GLY G 127 -54.93 -22.18 -8.09
C GLY G 127 -55.32 -20.77 -8.44
N LEU G 128 -54.66 -19.74 -7.93
CA LEU G 128 -54.95 -18.36 -8.36
C LEU G 128 -54.03 -18.00 -9.51
N THR G 129 -54.50 -18.21 -10.71
CA THR G 129 -53.71 -17.89 -11.87
C THR G 129 -53.87 -16.43 -12.22
N GLY G 130 -52.93 -15.93 -13.04
CA GLY G 130 -53.01 -14.58 -13.56
C GLY G 130 -53.01 -13.48 -12.53
N PHE G 131 -52.41 -13.71 -11.37
CA PHE G 131 -52.45 -12.75 -10.28
C PHE G 131 -51.13 -12.01 -10.09
N LEU G 132 -50.12 -12.38 -10.84
CA LEU G 132 -48.80 -11.75 -10.73
C LEU G 132 -48.87 -10.22 -10.74
N GLY G 133 -49.70 -9.67 -11.61
CA GLY G 133 -49.86 -8.25 -11.72
C GLY G 133 -50.57 -7.61 -10.57
N GLN G 134 -51.27 -8.39 -9.76
CA GLN G 134 -51.88 -7.86 -8.54
C GLN G 134 -50.85 -7.77 -7.41
N VAL G 135 -50.03 -8.82 -7.23
CA VAL G 135 -48.96 -8.81 -6.25
C VAL G 135 -47.98 -7.65 -6.51
N THR G 136 -47.84 -7.21 -7.77
CA THR G 136 -46.94 -6.10 -8.11
C THR G 136 -47.45 -4.78 -7.56
N ARG G 137 -48.76 -4.56 -7.61
CA ARG G 137 -49.38 -3.35 -7.08
C ARG G 137 -49.43 -3.35 -5.56
N PHE G 138 -49.61 -4.52 -4.94
CA PHE G 138 -49.41 -4.65 -3.50
C PHE G 138 -48.03 -4.12 -3.11
N VAL G 139 -47.02 -4.52 -3.87
CA VAL G 139 -45.67 -4.07 -3.58
C VAL G 139 -45.53 -2.57 -3.85
N VAL G 140 -45.98 -2.11 -5.02
CA VAL G 140 -45.92 -0.68 -5.34
C VAL G 140 -46.78 0.14 -4.39
N ASP G 141 -48.02 -0.30 -4.17
CA ASP G 141 -48.91 0.53 -3.36
C ASP G 141 -48.48 0.52 -1.90
N PHE G 142 -48.19 -0.65 -1.33
CA PHE G 142 -47.69 -0.65 0.05
C PHE G 142 -46.48 0.27 0.19
N MET G 143 -45.53 0.17 -0.74
CA MET G 143 -44.33 0.98 -0.66
C MET G 143 -44.61 2.48 -0.71
N LEU G 144 -45.62 2.92 -1.45
CA LEU G 144 -45.88 4.35 -1.62
C LEU G 144 -46.72 4.95 -0.50
N HIS G 145 -47.51 4.17 0.23
CA HIS G 145 -48.30 4.70 1.34
C HIS G 145 -47.63 4.52 2.69
N HIS G 146 -46.57 3.73 2.74
CA HIS G 146 -45.88 3.38 3.98
C HIS G 146 -44.40 3.75 3.92
N SER G 147 -44.10 4.87 3.26
CA SER G 147 -42.84 5.61 3.37
C SER G 147 -41.61 4.84 2.88
N ILE G 148 -41.76 3.67 2.24
CA ILE G 148 -40.61 2.89 1.77
C ILE G 148 -40.01 3.51 0.50
N ALA G 149 -40.86 3.94 -0.44
CA ALA G 149 -40.36 4.60 -1.63
C ALA G 149 -39.67 5.91 -1.26
N ARG G 150 -40.25 6.65 -0.33
CA ARG G 150 -39.65 7.91 0.10
C ARG G 150 -38.26 7.65 0.67
N TRP G 151 -38.14 6.60 1.49
CA TRP G 151 -36.87 6.25 2.09
C TRP G 151 -35.83 5.92 1.01
N ILE G 152 -36.26 5.16 0.01
CA ILE G 152 -35.38 4.78 -1.08
C ILE G 152 -34.98 5.99 -1.93
N ALA G 153 -35.95 6.85 -2.24
CA ALA G 153 -35.66 8.04 -3.06
C ALA G 153 -34.64 8.95 -2.38
N GLN G 154 -34.67 9.02 -1.04
CA GLN G 154 -33.72 9.82 -0.26
C GLN G 154 -32.29 9.32 -0.37
N ARG G 155 -32.13 8.07 -0.81
CA ARG G 155 -30.80 7.49 -0.99
C ARG G 155 -30.37 7.44 -2.45
N GLY G 156 -31.05 8.17 -3.32
CA GLY G 156 -30.73 8.21 -4.73
C GLY G 156 -31.58 7.33 -5.63
N GLY G 157 -32.55 6.62 -5.09
CA GLY G 157 -33.42 5.77 -5.85
C GLY G 157 -33.04 4.32 -5.71
N TRP G 158 -33.77 3.48 -6.42
CA TRP G 158 -33.43 2.06 -6.49
C TRP G 158 -32.03 1.85 -7.00
N VAL G 159 -31.50 2.78 -7.80
CA VAL G 159 -30.19 2.61 -8.44
C VAL G 159 -29.05 2.58 -7.42
N ALA G 160 -29.23 3.22 -6.27
CA ALA G 160 -28.26 3.20 -5.18
C ALA G 160 -28.04 1.82 -4.61
N ALA G 161 -28.90 0.85 -4.93
CA ALA G 161 -28.80 -0.49 -4.40
C ALA G 161 -27.74 -1.32 -5.11
N LEU G 162 -27.31 -0.91 -6.32
CA LEU G 162 -26.19 -1.56 -7.00
C LEU G 162 -24.84 -1.25 -6.34
N ASN G 163 -24.83 -1.09 -5.02
CA ASN G 163 -23.64 -1.06 -4.18
C ASN G 163 -23.93 -1.91 -2.95
N GLU H 4 -53.57 -13.16 12.67
CA GLU H 4 -52.90 -12.12 13.43
C GLU H 4 -51.65 -12.67 14.05
N GLU H 5 -51.70 -13.96 14.33
CA GLU H 5 -50.60 -14.64 14.98
C GLU H 5 -49.71 -15.35 14.00
N ILE H 6 -50.29 -15.87 12.90
CA ILE H 6 -49.49 -16.35 11.77
C ILE H 6 -48.88 -15.17 11.01
N ILE H 7 -49.67 -14.10 10.84
CA ILE H 7 -49.22 -12.89 10.18
C ILE H 7 -47.90 -12.41 10.77
N HIS H 8 -47.82 -12.42 12.09
CA HIS H 8 -46.68 -11.88 12.81
C HIS H 8 -45.44 -12.73 12.64
N LYS H 9 -45.62 -14.05 12.65
CA LYS H 9 -44.51 -14.95 12.42
C LYS H 9 -43.95 -14.84 11.01
N LEU H 10 -44.77 -14.46 10.03
CA LEU H 10 -44.23 -14.18 8.71
C LEU H 10 -43.43 -12.90 8.74
N ALA H 11 -43.90 -11.89 9.48
CA ALA H 11 -43.19 -10.63 9.54
C ALA H 11 -41.87 -10.77 10.27
N MET H 12 -41.84 -11.51 11.38
CA MET H 12 -40.60 -11.66 12.12
C MET H 12 -39.57 -12.46 11.34
N GLN H 13 -40.00 -13.40 10.49
CA GLN H 13 -39.08 -14.18 9.68
C GLN H 13 -38.51 -13.33 8.54
N LEU H 14 -39.35 -12.52 7.91
CA LEU H 14 -38.89 -11.55 6.91
C LEU H 14 -37.86 -10.58 7.49
N ARG H 15 -38.03 -10.21 8.76
CA ARG H 15 -37.06 -9.35 9.42
C ARG H 15 -35.72 -10.03 9.52
N HIS H 16 -35.72 -11.30 9.94
CA HIS H 16 -34.50 -12.11 10.03
C HIS H 16 -33.82 -12.23 8.67
N ILE H 17 -34.58 -12.62 7.66
CA ILE H 17 -34.07 -12.69 6.29
C ILE H 17 -33.57 -11.33 5.84
N GLY H 18 -34.36 -10.30 6.09
CA GLY H 18 -33.97 -8.94 5.70
C GLY H 18 -32.70 -8.46 6.35
N ASP H 19 -32.60 -8.58 7.68
CA ASP H 19 -31.40 -8.16 8.40
C ASP H 19 -30.16 -9.00 8.06
N ASN H 20 -30.33 -10.25 7.67
CA ASN H 20 -29.20 -11.04 7.20
C ASN H 20 -28.73 -10.60 5.83
N ILE H 21 -29.66 -10.23 4.92
CA ILE H 21 -29.27 -9.69 3.60
C ILE H 21 -28.67 -8.29 3.71
N ASP H 22 -29.17 -7.48 4.63
CA ASP H 22 -28.54 -6.20 4.90
C ASP H 22 -27.06 -6.37 5.27
N HIS H 23 -26.76 -7.33 6.15
CA HIS H 23 -25.38 -7.57 6.53
C HIS H 23 -24.51 -7.91 5.33
N ARG H 24 -25.11 -8.36 4.23
CA ARG H 24 -24.39 -8.67 3.01
C ARG H 24 -24.14 -7.39 2.19
N MET H 25 -25.16 -6.55 2.04
CA MET H 25 -25.05 -5.30 1.30
C MET H 25 -24.33 -4.16 2.05
N VAL H 26 -24.19 -4.21 3.36
CA VAL H 26 -23.28 -3.25 4.02
C VAL H 26 -21.98 -3.96 4.47
N MET I 3 -50.29 11.54 15.88
CA MET I 3 -49.01 12.13 16.21
C MET I 3 -48.38 12.77 14.99
N SER I 4 -48.05 14.04 15.08
CA SER I 4 -47.50 14.73 13.93
C SER I 4 -45.98 14.85 14.05
N GLU I 5 -45.36 15.13 12.92
CA GLU I 5 -43.92 15.34 12.86
C GLU I 5 -43.48 16.40 13.86
N GLU I 6 -44.06 17.61 13.75
CA GLU I 6 -43.65 18.70 14.64
C GLU I 6 -44.03 18.45 16.08
N GLN I 7 -45.03 17.61 16.34
CA GLN I 7 -45.24 17.18 17.70
C GLN I 7 -44.04 16.39 18.20
N VAL I 8 -43.46 15.53 17.36
CA VAL I 8 -42.28 14.82 17.81
C VAL I 8 -41.10 15.77 17.88
N ALA I 9 -40.99 16.69 16.92
CA ALA I 9 -39.89 17.65 16.92
C ALA I 9 -39.97 18.58 18.11
N GLN I 10 -41.17 19.06 18.43
CA GLN I 10 -41.32 19.86 19.64
C GLN I 10 -40.96 19.06 20.87
N ASP I 11 -41.27 17.77 20.88
CA ASP I 11 -41.12 16.94 22.06
C ASP I 11 -39.67 16.54 22.32
N THR I 12 -38.80 16.64 21.31
CA THR I 12 -37.37 16.28 21.43
C THR I 12 -36.55 17.26 22.26
N GLU I 13 -37.09 18.44 22.55
CA GLU I 13 -36.42 19.32 23.51
C GLU I 13 -36.26 18.62 24.84
N GLU I 14 -37.36 18.13 25.40
CA GLU I 14 -37.32 17.54 26.73
C GLU I 14 -36.88 16.09 26.76
N VAL I 15 -37.03 15.32 25.68
CA VAL I 15 -36.43 13.98 25.79
C VAL I 15 -34.93 14.07 25.62
N PHE I 16 -34.42 15.07 24.92
CA PHE I 16 -32.97 15.24 24.89
C PHE I 16 -32.46 15.87 26.17
N ARG I 17 -33.02 17.02 26.55
CA ARG I 17 -32.57 17.66 27.79
C ARG I 17 -32.59 16.70 28.95
N SER I 18 -33.56 15.79 28.97
CA SER I 18 -33.77 14.86 30.06
C SER I 18 -32.79 13.70 30.01
N TYR I 19 -32.61 13.11 28.82
CA TYR I 19 -31.57 12.12 28.58
C TYR I 19 -30.22 12.60 29.10
N VAL I 20 -29.90 13.85 28.84
CA VAL I 20 -28.62 14.44 29.23
C VAL I 20 -28.49 14.47 30.74
N PHE I 21 -29.45 15.10 31.42
CA PHE I 21 -29.42 15.13 32.88
C PHE I 21 -29.36 13.73 33.48
N TYR I 22 -30.12 12.80 32.92
CA TYR I 22 -30.22 11.48 33.54
C TYR I 22 -29.03 10.57 33.22
N ARG I 23 -28.46 10.65 32.01
CA ARG I 23 -27.30 9.82 31.68
C ARG I 23 -26.05 10.31 32.39
N HIS I 24 -25.95 11.64 32.56
CA HIS I 24 -24.88 12.24 33.34
C HIS I 24 -24.99 11.84 34.81
N GLN I 25 -26.21 11.96 35.35
CA GLN I 25 -26.47 11.55 36.71
C GLN I 25 -26.12 10.06 36.80
N GLN I 26 -26.20 9.39 35.65
CA GLN I 26 -25.87 7.97 35.53
C GLN I 26 -24.36 7.79 35.76
N GLU I 27 -23.64 8.42 34.75
CA GLU I 27 -22.19 8.33 34.70
C GLU I 27 -21.53 8.73 36.02
N GLN I 28 -22.07 9.77 36.68
CA GLN I 28 -21.45 10.38 37.85
C GLN I 28 -21.78 9.65 39.15
N GLU I 29 -22.29 8.42 39.07
CA GLU I 29 -22.50 7.55 40.23
C GLU I 29 -21.84 6.21 39.98
N ALA I 30 -20.57 6.27 39.61
CA ALA I 30 -19.82 5.09 39.21
C ALA I 30 -18.33 5.40 39.16
N ALA I 37 -16.93 16.65 35.61
CA ALA I 37 -18.38 16.71 35.49
C ALA I 37 -18.83 17.93 34.72
N ASP I 38 -20.05 17.86 34.21
CA ASP I 38 -20.63 18.91 33.39
C ASP I 38 -21.75 19.55 34.19
N PRO I 39 -21.46 20.60 34.95
CA PRO I 39 -22.49 21.22 35.80
C PRO I 39 -23.64 21.81 35.00
N GLU I 40 -23.41 22.09 33.72
CA GLU I 40 -24.51 22.45 32.85
C GLU I 40 -25.54 21.34 32.80
N MET I 41 -25.12 20.11 33.01
CA MET I 41 -26.02 18.97 32.96
C MET I 41 -26.54 18.58 34.33
N VAL I 42 -25.77 18.83 35.38
CA VAL I 42 -26.28 18.56 36.72
C VAL I 42 -27.39 19.54 37.05
N THR I 43 -27.13 20.80 36.81
CA THR I 43 -28.10 21.86 37.04
C THR I 43 -29.09 22.00 35.89
N LEU I 44 -29.18 21.02 35.02
CA LEU I 44 -30.16 21.06 33.95
C LEU I 44 -31.56 21.10 34.55
N PRO I 45 -32.43 22.03 34.14
CA PRO I 45 -33.82 22.00 34.61
C PRO I 45 -34.68 21.02 33.81
N LEU I 46 -35.60 20.36 34.50
CA LEU I 46 -36.40 19.30 33.92
C LEU I 46 -37.85 19.70 34.01
N GLN I 47 -38.53 19.71 32.87
CA GLN I 47 -39.88 20.22 32.83
C GLN I 47 -40.77 19.39 33.76
N PRO I 48 -41.62 20.04 34.56
CA PRO I 48 -42.45 19.29 35.50
C PRO I 48 -43.56 18.53 34.80
N SER I 49 -43.71 17.25 35.17
CA SER I 49 -44.88 16.47 34.82
C SER I 49 -45.00 16.28 33.30
N SER I 50 -43.92 15.84 32.66
CA SER I 50 -44.05 15.47 31.25
C SER I 50 -43.51 14.07 31.06
N THR I 51 -44.17 13.32 30.16
CA THR I 51 -43.78 11.96 29.80
C THR I 51 -42.50 11.94 28.99
N MET I 52 -42.06 13.08 28.47
CA MET I 52 -40.84 13.11 27.67
C MET I 52 -39.59 13.07 28.53
N GLY I 53 -39.66 13.55 29.77
CA GLY I 53 -38.60 13.30 30.72
C GLY I 53 -38.68 11.90 31.28
N GLN I 54 -39.87 11.33 31.27
CA GLN I 54 -40.01 9.89 31.42
C GLN I 54 -39.31 9.16 30.29
N VAL I 55 -39.53 9.59 29.05
CA VAL I 55 -38.88 8.96 27.91
C VAL I 55 -37.38 9.19 27.92
N GLY I 56 -36.90 10.33 28.42
CA GLY I 56 -35.48 10.56 28.42
C GLY I 56 -34.75 9.74 29.47
N ARG I 57 -35.41 9.45 30.58
CA ARG I 57 -34.82 8.66 31.63
C ARG I 57 -34.72 7.21 31.24
N GLN I 58 -35.68 6.71 30.47
CA GLN I 58 -35.59 5.32 30.02
C GLN I 58 -34.52 5.15 28.97
N LEU I 59 -34.42 6.07 28.03
CA LEU I 59 -33.40 5.94 26.99
C LEU I 59 -31.99 6.07 27.56
N ALA I 60 -31.79 6.95 28.55
CA ALA I 60 -30.48 7.09 29.17
C ALA I 60 -30.12 5.84 29.92
N ILE I 61 -31.13 5.19 30.50
CA ILE I 61 -30.91 3.96 31.23
C ILE I 61 -30.45 2.86 30.28
N ILE I 62 -31.29 2.57 29.29
CA ILE I 62 -31.00 1.52 28.31
C ILE I 62 -29.58 1.55 27.74
N GLY I 63 -29.10 2.77 27.49
CA GLY I 63 -27.80 3.00 26.90
C GLY I 63 -26.60 3.30 27.79
N ASP I 64 -26.08 2.26 28.43
CA ASP I 64 -24.93 2.41 29.31
C ASP I 64 -23.84 1.37 29.04
N ASP I 65 -24.22 0.10 29.11
CA ASP I 65 -23.28 -0.99 28.88
C ASP I 65 -22.58 -0.82 27.54
N ILE I 66 -23.36 -0.62 26.49
CA ILE I 66 -22.82 -0.43 25.15
C ILE I 66 -21.98 0.83 25.10
N ASN I 67 -22.37 1.82 25.89
CA ASN I 67 -21.65 3.10 25.94
C ASN I 67 -20.46 3.04 26.89
N ARG I 68 -20.70 2.55 28.10
CA ARG I 68 -19.65 2.44 29.11
C ARG I 68 -18.37 1.86 28.50
N ARG I 69 -18.50 1.13 27.40
CA ARG I 69 -17.32 0.56 26.75
C ARG I 69 -16.60 1.54 25.81
N TYR I 70 -17.29 1.92 24.73
CA TYR I 70 -16.78 2.83 23.73
C TYR I 70 -16.81 4.28 24.21
N ASP I 71 -15.95 4.56 25.18
CA ASP I 71 -15.83 5.90 25.74
C ASP I 71 -14.42 6.43 25.50
N SER I 72 -13.56 5.56 24.96
CA SER I 72 -12.17 5.91 24.68
C SER I 72 -11.98 6.42 23.26
N GLU I 73 -12.36 5.62 22.27
CA GLU I 73 -12.19 6.05 20.88
C GLU I 73 -13.01 7.28 20.59
N PHE I 74 -14.21 7.38 21.19
CA PHE I 74 -15.05 8.56 21.04
C PHE I 74 -14.36 9.81 21.56
N GLN I 75 -13.74 9.69 22.73
CA GLN I 75 -13.01 10.81 23.33
C GLN I 75 -11.88 11.27 22.40
N THR I 76 -11.12 10.31 21.88
CA THR I 76 -9.97 10.59 21.02
C THR I 76 -10.37 11.04 19.62
N MET I 77 -11.47 10.52 19.08
CA MET I 77 -11.96 10.98 17.79
C MET I 77 -12.52 12.39 17.88
N LEU I 78 -13.30 12.66 18.92
CA LEU I 78 -13.86 13.99 19.11
C LEU I 78 -12.78 15.02 19.40
N GLN I 79 -11.63 14.60 19.94
CA GLN I 79 -10.48 15.47 20.11
C GLN I 79 -9.81 15.80 18.78
N HIS I 80 -9.58 14.82 17.92
CA HIS I 80 -8.99 15.20 16.65
C HIS I 80 -9.98 15.87 15.72
N LEU I 81 -11.24 15.94 16.09
CA LEU I 81 -12.21 16.70 15.30
C LEU I 81 -12.16 18.16 15.65
N GLN I 82 -11.98 18.46 16.93
CA GLN I 82 -11.92 19.81 17.44
C GLN I 82 -13.11 20.65 17.03
N PRO I 83 -14.33 20.22 17.33
CA PRO I 83 -15.49 21.00 16.94
C PRO I 83 -15.46 22.32 17.67
N THR I 84 -15.98 23.34 17.02
CA THR I 84 -15.98 24.66 17.61
C THR I 84 -17.43 25.11 17.66
N ALA I 85 -17.64 26.37 17.97
CA ALA I 85 -18.99 26.89 17.89
C ALA I 85 -19.45 26.96 16.44
N GLU I 86 -18.51 27.13 15.52
CA GLU I 86 -18.85 27.43 14.14
C GLU I 86 -19.06 26.18 13.31
N ASN I 87 -18.29 25.13 13.55
CA ASN I 87 -18.36 23.93 12.74
C ASN I 87 -19.14 22.78 13.37
N ALA I 88 -19.69 22.95 14.57
CA ALA I 88 -20.24 21.82 15.30
C ALA I 88 -21.55 21.30 14.69
N TYR I 89 -22.38 22.17 14.14
CA TYR I 89 -23.59 21.70 13.46
C TYR I 89 -23.25 20.94 12.21
N GLU I 90 -22.34 21.49 11.39
CA GLU I 90 -21.91 20.85 10.16
C GLU I 90 -21.35 19.45 10.42
N TYR I 91 -20.56 19.31 11.46
CA TYR I 91 -20.04 18.02 11.86
C TYR I 91 -21.12 17.13 12.43
N PHE I 92 -22.00 17.69 13.26
CA PHE I 92 -23.14 16.95 13.76
C PHE I 92 -24.01 16.47 12.62
N THR I 93 -24.32 17.36 11.67
CA THR I 93 -25.14 16.93 10.54
C THR I 93 -24.41 15.88 9.70
N LYS I 94 -23.12 16.07 9.43
CA LYS I 94 -22.41 15.13 8.56
C LYS I 94 -22.28 13.74 9.18
N ILE I 95 -22.09 13.67 10.50
CA ILE I 95 -22.03 12.41 11.22
C ILE I 95 -23.43 11.81 11.35
N ALA I 96 -24.45 12.64 11.54
CA ALA I 96 -25.78 12.13 11.81
C ALA I 96 -26.44 11.56 10.55
N THR I 97 -26.11 12.10 9.36
CA THR I 97 -26.68 11.57 8.13
C THR I 97 -26.00 10.27 7.71
N SER I 98 -24.73 10.10 8.05
CA SER I 98 -24.05 8.84 7.78
C SER I 98 -24.53 7.73 8.70
N LEU I 99 -25.07 8.07 9.86
CA LEU I 99 -25.56 7.08 10.82
C LEU I 99 -26.84 6.41 10.32
N PHE I 100 -27.73 7.19 9.73
CA PHE I 100 -28.99 6.74 9.20
C PHE I 100 -28.94 6.54 7.70
N GLU I 101 -27.76 6.64 7.10
CA GLU I 101 -27.60 6.36 5.69
C GLU I 101 -27.98 4.93 5.39
N SER I 102 -27.67 4.02 6.31
CA SER I 102 -27.88 2.60 6.08
C SER I 102 -29.23 2.09 6.58
N GLY I 103 -29.90 2.85 7.41
CA GLY I 103 -31.12 2.35 8.01
C GLY I 103 -31.45 3.10 9.26
N ILE I 104 -32.70 2.94 9.67
CA ILE I 104 -33.32 3.65 10.79
C ILE I 104 -33.87 2.59 11.76
N ASN I 105 -33.36 2.56 12.99
CA ASN I 105 -34.08 1.82 14.02
C ASN I 105 -34.16 2.66 15.30
N TRP I 106 -34.79 2.10 16.36
CA TRP I 106 -34.93 2.83 17.61
C TRP I 106 -33.61 2.92 18.37
N GLY I 107 -32.75 1.92 18.25
CA GLY I 107 -31.46 1.98 18.90
C GLY I 107 -30.56 3.04 18.33
N ARG I 108 -30.69 3.33 17.03
CA ARG I 108 -29.93 4.38 16.38
C ARG I 108 -30.46 5.75 16.71
N VAL I 109 -31.70 5.85 17.17
CA VAL I 109 -32.26 7.13 17.61
C VAL I 109 -31.79 7.45 19.01
N VAL I 110 -31.61 6.41 19.82
CA VAL I 110 -30.97 6.55 21.11
C VAL I 110 -29.47 6.77 20.93
N ALA I 111 -28.87 6.14 19.94
CA ALA I 111 -27.46 6.36 19.63
C ALA I 111 -27.21 7.79 19.20
N LEU I 112 -28.14 8.36 18.42
CA LEU I 112 -28.10 9.78 18.07
C LEU I 112 -28.16 10.68 19.30
N LEU I 113 -29.06 10.38 20.22
CA LEU I 113 -29.14 11.18 21.44
C LEU I 113 -27.84 11.15 22.20
N GLY I 114 -27.14 10.00 22.19
CA GLY I 114 -25.91 9.86 22.92
C GLY I 114 -24.76 10.66 22.35
N PHE I 115 -24.70 10.80 21.03
CA PHE I 115 -23.68 11.64 20.45
C PHE I 115 -23.97 13.13 20.58
N GLY I 116 -25.23 13.53 20.73
CA GLY I 116 -25.51 14.87 21.18
C GLY I 116 -24.98 15.11 22.58
N TYR I 117 -25.06 14.09 23.44
CA TYR I 117 -24.48 14.08 24.79
C TYR I 117 -22.95 14.07 24.74
N ARG I 118 -22.35 13.11 24.01
CA ARG I 118 -20.90 13.05 23.86
C ARG I 118 -20.31 14.34 23.30
N LEU I 119 -21.05 14.99 22.40
CA LEU I 119 -20.58 16.22 21.78
C LEU I 119 -20.72 17.43 22.70
N ALA I 120 -21.88 17.59 23.34
CA ALA I 120 -22.11 18.70 24.24
C ALA I 120 -21.15 18.71 25.42
N LEU I 121 -20.69 17.51 25.76
CA LEU I 121 -19.76 17.29 26.86
C LEU I 121 -18.32 17.54 26.45
N HIS I 122 -17.90 17.05 25.28
CA HIS I 122 -16.53 17.28 24.85
C HIS I 122 -16.26 18.77 24.68
N VAL I 123 -17.22 19.51 24.13
CA VAL I 123 -16.93 20.91 23.82
C VAL I 123 -16.94 21.76 25.08
N TYR I 124 -17.79 21.41 26.05
CA TYR I 124 -17.72 22.05 27.37
C TYR I 124 -16.37 21.81 28.01
N GLN I 125 -16.02 20.54 28.20
CA GLN I 125 -14.72 20.13 28.73
C GLN I 125 -13.57 20.88 28.06
N HIS I 126 -13.74 21.32 26.82
CA HIS I 126 -12.69 21.98 26.07
C HIS I 126 -12.89 23.48 26.02
N GLY I 127 -13.80 24.00 26.83
CA GLY I 127 -13.99 25.43 26.98
C GLY I 127 -15.17 26.05 26.28
N LEU I 128 -16.11 25.26 25.73
CA LEU I 128 -17.33 25.80 25.12
C LEU I 128 -18.50 25.74 26.11
N THR I 129 -18.62 26.79 26.89
CA THR I 129 -19.51 26.78 28.03
C THR I 129 -20.88 27.31 27.62
N GLY I 130 -21.91 26.83 28.32
CA GLY I 130 -23.26 27.22 27.99
C GLY I 130 -23.59 26.94 26.54
N PHE I 131 -23.28 25.74 26.08
CA PHE I 131 -23.55 25.35 24.70
C PHE I 131 -24.67 24.32 24.59
N LEU I 132 -25.40 24.05 25.69
CA LEU I 132 -26.26 22.87 25.71
C LEU I 132 -27.57 23.09 24.95
N GLY I 133 -28.00 24.34 24.79
CA GLY I 133 -29.21 24.65 24.07
C GLY I 133 -29.05 24.67 22.58
N GLN I 134 -27.83 24.80 22.10
CA GLN I 134 -27.51 24.65 20.70
C GLN I 134 -27.34 23.20 20.29
N VAL I 135 -26.59 22.41 21.07
CA VAL I 135 -26.55 20.97 20.85
C VAL I 135 -27.97 20.40 20.83
N THR I 136 -28.79 20.84 21.78
CA THR I 136 -30.21 20.47 21.81
C THR I 136 -30.90 20.88 20.52
N ARG I 137 -30.48 21.99 19.93
CA ARG I 137 -31.10 22.46 18.71
C ARG I 137 -30.61 21.70 17.49
N PHE I 138 -29.31 21.33 17.47
CA PHE I 138 -28.82 20.41 16.45
C PHE I 138 -29.65 19.15 16.42
N VAL I 139 -29.88 18.57 17.60
CA VAL I 139 -30.63 17.33 17.74
C VAL I 139 -32.06 17.53 17.24
N VAL I 140 -32.71 18.59 17.69
CA VAL I 140 -34.08 18.87 17.26
C VAL I 140 -34.12 19.30 15.78
N ASP I 141 -33.11 20.03 15.30
CA ASP I 141 -33.16 20.47 13.91
C ASP I 141 -32.79 19.35 12.92
N PHE I 142 -31.80 18.50 13.24
CA PHE I 142 -31.49 17.38 12.34
C PHE I 142 -32.68 16.44 12.21
N MET I 143 -33.34 16.12 13.31
CA MET I 143 -34.40 15.12 13.28
C MET I 143 -35.52 15.54 12.35
N LEU I 144 -35.89 16.80 12.39
CA LEU I 144 -37.03 17.30 11.64
C LEU I 144 -36.74 17.43 10.15
N HIS I 145 -35.51 17.81 9.78
CA HIS I 145 -35.08 18.00 8.39
C HIS I 145 -34.60 16.73 7.69
N HIS I 146 -34.08 15.76 8.44
CA HIS I 146 -33.66 14.48 7.89
C HIS I 146 -34.61 13.34 8.25
N SER I 147 -35.89 13.64 8.48
CA SER I 147 -36.95 12.64 8.55
C SER I 147 -36.90 11.74 9.79
N ILE I 148 -36.14 12.09 10.83
CA ILE I 148 -36.18 11.26 12.02
C ILE I 148 -37.46 11.51 12.82
N ALA I 149 -37.97 12.75 12.81
CA ALA I 149 -39.16 13.10 13.57
C ALA I 149 -40.40 12.48 12.97
N ARG I 150 -40.39 12.23 11.66
CA ARG I 150 -41.52 11.59 10.99
C ARG I 150 -41.54 10.09 11.22
N TRP I 151 -40.37 9.44 11.30
CA TRP I 151 -40.33 8.01 11.61
C TRP I 151 -40.89 7.76 12.99
N ILE I 152 -40.46 8.56 13.95
CA ILE I 152 -40.98 8.50 15.31
C ILE I 152 -42.48 8.78 15.35
N ALA I 153 -42.97 9.71 14.50
CA ALA I 153 -44.38 10.08 14.54
C ALA I 153 -45.28 8.95 14.04
N GLN I 154 -44.87 8.20 13.03
CA GLN I 154 -45.79 7.22 12.48
C GLN I 154 -45.67 5.93 13.29
N ARG I 155 -45.29 6.09 14.56
CA ARG I 155 -45.22 5.00 15.53
C ARG I 155 -45.73 5.41 16.90
N GLY I 156 -46.39 6.57 17.02
CA GLY I 156 -46.94 7.06 18.29
C GLY I 156 -46.23 8.24 18.93
N GLY I 157 -45.04 8.61 18.48
CA GLY I 157 -44.22 9.59 19.18
C GLY I 157 -43.09 8.93 19.95
N TRP I 158 -42.46 9.73 20.80
CA TRP I 158 -41.38 9.20 21.62
C TRP I 158 -41.87 8.28 22.71
N VAL I 159 -43.10 8.48 23.17
CA VAL I 159 -43.64 7.69 24.26
C VAL I 159 -43.67 6.21 23.90
N ALA I 160 -43.73 5.90 22.61
CA ALA I 160 -43.70 4.51 22.15
C ALA I 160 -42.40 3.84 22.53
N ALA I 161 -41.36 4.61 22.82
CA ALA I 161 -40.07 4.07 23.19
C ALA I 161 -40.08 3.41 24.56
N LEU I 162 -41.21 3.42 25.26
CA LEU I 162 -41.28 2.89 26.63
C LEU I 162 -41.66 1.40 26.69
N ASN I 163 -41.15 0.62 25.73
CA ASN I 163 -41.44 -0.81 25.67
C ASN I 163 -40.16 -1.65 25.66
N GLU J 4 -13.35 14.16 7.68
CA GLU J 4 -14.20 13.33 6.81
C GLU J 4 -13.95 11.83 7.02
N GLU J 5 -12.69 11.47 7.24
CA GLU J 5 -12.38 10.13 7.67
C GLU J 5 -12.70 9.93 9.14
N ILE J 6 -12.67 11.03 9.88
CA ILE J 6 -13.05 11.04 11.29
C ILE J 6 -14.55 11.05 11.43
N ILE J 7 -15.21 11.93 10.67
CA ILE J 7 -16.65 12.01 10.66
C ILE J 7 -17.28 10.67 10.31
N HIS J 8 -16.61 9.87 9.48
CA HIS J 8 -17.12 8.57 9.07
C HIS J 8 -16.86 7.51 10.12
N LYS J 9 -15.69 7.54 10.71
CA LYS J 9 -15.43 6.65 11.82
C LYS J 9 -16.39 6.92 12.98
N LEU J 10 -16.76 8.18 13.19
CA LEU J 10 -17.71 8.45 14.25
C LEU J 10 -19.08 7.91 13.92
N ALA J 11 -19.44 7.84 12.64
CA ALA J 11 -20.79 7.42 12.26
C ALA J 11 -20.98 5.91 12.31
N MET J 12 -19.92 5.14 12.15
CA MET J 12 -20.06 3.70 12.24
C MET J 12 -19.99 3.19 13.67
N GLN J 13 -19.29 3.89 14.57
CA GLN J 13 -19.38 3.54 15.98
C GLN J 13 -20.79 3.75 16.47
N LEU J 14 -21.46 4.76 15.96
CA LEU J 14 -22.83 5.09 16.33
C LEU J 14 -23.88 4.12 15.76
N ARG J 15 -23.72 3.64 14.51
CA ARG J 15 -24.54 2.52 14.01
C ARG J 15 -24.37 1.30 14.91
N HIS J 16 -23.12 1.00 15.26
CA HIS J 16 -22.80 -0.18 16.05
C HIS J 16 -23.43 -0.12 17.44
N ILE J 17 -23.23 0.99 18.14
CA ILE J 17 -23.89 1.15 19.43
C ILE J 17 -25.39 1.20 19.23
N GLY J 18 -25.81 1.72 18.08
CA GLY J 18 -27.23 1.79 17.78
C GLY J 18 -27.87 0.42 17.57
N ASP J 19 -27.28 -0.40 16.72
CA ASP J 19 -27.86 -1.73 16.48
C ASP J 19 -27.78 -2.62 17.72
N ASN J 20 -26.82 -2.41 18.61
CA ASN J 20 -26.75 -3.21 19.83
C ASN J 20 -27.83 -2.82 20.82
N ILE J 21 -27.99 -1.52 21.10
CA ILE J 21 -29.14 -1.04 21.87
C ILE J 21 -30.41 -1.53 21.23
N ASP J 22 -30.40 -1.62 19.91
CA ASP J 22 -31.53 -2.10 19.15
C ASP J 22 -31.93 -3.50 19.56
N HIS J 23 -30.97 -4.43 19.50
CA HIS J 23 -31.27 -5.82 19.83
C HIS J 23 -31.77 -5.94 21.26
N ARG J 24 -31.36 -4.99 22.11
CA ARG J 24 -31.78 -4.86 23.49
C ARG J 24 -33.20 -4.34 23.64
N MET J 25 -33.73 -3.62 22.65
CA MET J 25 -35.05 -3.04 22.81
C MET J 25 -36.18 -3.87 22.22
N VAL J 26 -35.94 -4.60 21.14
CA VAL J 26 -36.97 -5.49 20.60
C VAL J 26 -36.88 -6.87 21.25
N MET K 3 -10.94 37.01 7.46
CA MET K 3 -10.68 37.30 8.86
C MET K 3 -9.97 38.64 8.99
N SER K 4 -10.57 39.57 9.71
CA SER K 4 -10.02 40.91 9.85
C SER K 4 -9.11 40.99 11.06
N GLU K 5 -8.04 41.77 10.93
CA GLU K 5 -7.15 41.94 12.06
C GLU K 5 -7.75 42.80 13.14
N GLU K 6 -8.74 43.64 12.80
CA GLU K 6 -9.55 44.30 13.80
C GLU K 6 -10.54 43.35 14.45
N GLN K 7 -10.88 42.27 13.75
CA GLN K 7 -11.66 41.19 14.34
C GLN K 7 -10.80 40.36 15.27
N VAL K 8 -9.50 40.26 14.98
CA VAL K 8 -8.63 39.56 15.89
C VAL K 8 -8.39 40.36 17.17
N ALA K 9 -8.79 41.63 17.20
CA ALA K 9 -8.58 42.46 18.38
C ALA K 9 -9.62 42.20 19.47
N GLN K 10 -10.90 42.10 19.13
CA GLN K 10 -11.84 41.78 20.19
C GLN K 10 -11.73 40.31 20.60
N ASP K 11 -11.32 39.44 19.66
CA ASP K 11 -11.12 38.03 19.97
C ASP K 11 -10.07 37.85 21.05
N THR K 12 -9.04 38.69 21.02
CA THR K 12 -7.94 38.63 21.97
C THR K 12 -8.37 38.93 23.40
N GLU K 13 -9.44 39.69 23.60
CA GLU K 13 -9.92 39.94 24.95
C GLU K 13 -10.32 38.64 25.63
N GLU K 14 -11.04 37.77 24.92
CA GLU K 14 -11.49 36.49 25.42
C GLU K 14 -10.45 35.37 25.28
N VAL K 15 -9.50 35.49 24.36
CA VAL K 15 -8.39 34.54 24.32
C VAL K 15 -7.50 34.75 25.53
N PHE K 16 -7.17 35.99 25.84
CA PHE K 16 -6.28 36.21 26.97
C PHE K 16 -6.97 35.83 28.28
N ARG K 17 -8.17 36.36 28.52
CA ARG K 17 -8.87 36.06 29.76
C ARG K 17 -9.12 34.57 29.93
N SER K 18 -9.23 33.83 28.83
CA SER K 18 -9.40 32.38 28.93
C SER K 18 -8.07 31.70 29.26
N TYR K 19 -7.00 32.10 28.57
CA TYR K 19 -5.66 31.61 28.85
C TYR K 19 -5.30 31.79 30.32
N VAL K 20 -5.57 32.98 30.84
CA VAL K 20 -5.35 33.31 32.25
C VAL K 20 -6.07 32.32 33.16
N PHE K 21 -7.39 32.24 33.03
CA PHE K 21 -8.19 31.39 33.88
C PHE K 21 -7.73 29.93 33.87
N TYR K 22 -7.45 29.38 32.69
CA TYR K 22 -7.25 27.93 32.62
C TYR K 22 -5.84 27.54 33.02
N ARG K 23 -4.84 28.33 32.61
CA ARG K 23 -3.47 28.09 33.07
C ARG K 23 -3.39 28.20 34.57
N HIS K 24 -3.93 29.29 35.13
CA HIS K 24 -3.98 29.45 36.57
C HIS K 24 -4.60 28.24 37.21
N GLN K 25 -5.70 27.80 36.63
CA GLN K 25 -6.42 26.64 37.16
C GLN K 25 -5.56 25.39 37.12
N GLN K 26 -4.96 25.10 35.97
CA GLN K 26 -4.15 23.89 35.91
C GLN K 26 -2.86 24.03 36.68
N GLU K 27 -2.37 25.26 36.86
CA GLU K 27 -1.19 25.46 37.68
C GLU K 27 -1.50 25.21 39.15
N GLN K 28 -2.65 25.73 39.62
CA GLN K 28 -3.07 25.48 41.00
C GLN K 28 -3.22 24.00 41.27
N GLU K 29 -3.93 23.31 40.39
CA GLU K 29 -4.20 21.89 40.57
C GLU K 29 -3.00 20.99 40.31
N ALA K 30 -1.79 21.56 40.34
CA ALA K 30 -0.56 20.79 40.17
C ALA K 30 0.18 20.71 41.50
N ALA K 37 -2.30 32.05 45.14
CA ALA K 37 -3.32 32.18 44.09
C ALA K 37 -3.67 33.64 43.78
N ASP K 38 -4.06 33.91 42.55
CA ASP K 38 -4.65 35.19 42.20
C ASP K 38 -6.14 34.96 42.14
N PRO K 39 -6.90 35.43 43.14
CA PRO K 39 -8.36 35.24 43.08
C PRO K 39 -9.05 36.10 42.02
N GLU K 40 -8.37 37.06 41.42
CA GLU K 40 -8.92 37.70 40.24
C GLU K 40 -8.87 36.76 39.05
N MET K 41 -8.06 35.70 39.12
CA MET K 41 -7.94 34.69 38.08
C MET K 41 -8.74 33.43 38.38
N VAL K 42 -9.14 33.24 39.64
CA VAL K 42 -10.04 32.15 40.00
C VAL K 42 -11.47 32.54 39.75
N THR K 43 -11.78 33.79 40.06
CA THR K 43 -13.08 34.38 39.81
C THR K 43 -13.15 35.05 38.45
N LEU K 44 -12.32 34.64 37.52
CA LEU K 44 -12.28 35.28 36.21
C LEU K 44 -13.47 34.83 35.39
N PRO K 45 -14.34 35.73 34.94
CA PRO K 45 -15.53 35.32 34.18
C PRO K 45 -15.28 35.18 32.68
N LEU K 46 -16.03 34.25 32.07
CA LEU K 46 -15.71 33.75 30.74
C LEU K 46 -16.95 33.78 29.86
N GLN K 47 -16.76 34.19 28.62
CA GLN K 47 -17.88 34.32 27.71
C GLN K 47 -18.48 32.95 27.43
N PRO K 48 -19.80 32.81 27.47
CA PRO K 48 -20.44 31.52 27.18
C PRO K 48 -20.59 31.32 25.68
N SER K 49 -20.16 30.16 25.21
CA SER K 49 -20.30 29.77 23.80
C SER K 49 -19.47 30.69 22.91
N SER K 50 -18.19 30.81 23.22
CA SER K 50 -17.26 31.48 22.32
C SER K 50 -16.09 30.54 22.05
N THR K 51 -15.81 30.33 20.76
CA THR K 51 -14.68 29.52 20.36
C THR K 51 -13.40 30.06 20.94
N MET K 52 -13.39 31.34 21.28
CA MET K 52 -12.17 31.96 21.75
C MET K 52 -11.82 31.51 23.14
N GLY K 53 -12.78 30.93 23.86
CA GLY K 53 -12.47 30.26 25.10
C GLY K 53 -11.90 28.89 24.91
N GLN K 54 -12.16 28.29 23.76
CA GLN K 54 -11.53 27.02 23.42
C GLN K 54 -10.08 27.23 23.04
N VAL K 55 -9.80 28.31 22.32
CA VAL K 55 -8.44 28.73 22.02
C VAL K 55 -7.64 28.94 23.31
N GLY K 56 -8.12 29.81 24.21
CA GLY K 56 -7.40 30.07 25.43
C GLY K 56 -7.27 28.87 26.35
N ARG K 57 -8.13 27.88 26.14
CA ARG K 57 -8.10 26.64 26.90
C ARG K 57 -6.99 25.75 26.33
N GLN K 58 -6.83 25.76 25.01
CA GLN K 58 -5.80 24.96 24.39
C GLN K 58 -4.44 25.62 24.45
N LEU K 59 -4.37 26.94 24.40
CA LEU K 59 -3.07 27.59 24.42
C LEU K 59 -2.42 27.51 25.79
N ALA K 60 -3.23 27.45 26.86
CA ALA K 60 -2.72 27.27 28.21
C ALA K 60 -2.08 25.89 28.42
N ILE K 61 -2.60 24.87 27.74
CA ILE K 61 -2.19 23.51 28.03
C ILE K 61 -0.96 23.09 27.22
N ILE K 62 -0.74 23.67 26.04
CA ILE K 62 0.42 23.25 25.28
C ILE K 62 1.70 23.72 25.94
N GLY K 63 1.70 24.93 26.49
CA GLY K 63 2.90 25.43 27.12
C GLY K 63 3.21 24.89 28.51
N ASP K 64 2.39 24.00 29.06
CA ASP K 64 2.46 23.67 30.49
C ASP K 64 3.79 23.04 30.85
N ASP K 65 4.23 22.05 30.07
CA ASP K 65 5.40 21.28 30.46
C ASP K 65 6.64 22.16 30.54
N ILE K 66 6.81 23.06 29.57
CA ILE K 66 7.96 23.97 29.54
C ILE K 66 7.80 25.08 30.55
N ASN K 67 6.58 25.58 30.75
CA ASN K 67 6.30 26.70 31.65
C ASN K 67 6.43 26.34 33.12
N ARG K 68 7.05 25.20 33.43
CA ARG K 68 7.40 24.85 34.79
C ARG K 68 8.91 24.72 34.97
N ARG K 69 9.70 24.96 33.92
CA ARG K 69 11.15 25.03 34.00
C ARG K 69 11.67 26.43 34.20
N TYR K 70 10.84 27.43 33.97
CA TYR K 70 11.28 28.81 33.94
C TYR K 70 10.48 29.70 34.86
N ASP K 71 9.53 29.15 35.63
CA ASP K 71 8.69 29.86 36.59
C ASP K 71 9.50 30.63 37.63
N SER K 72 10.79 30.34 37.71
CA SER K 72 11.64 30.87 38.78
C SER K 72 12.31 32.19 38.36
N GLU K 73 13.22 32.10 37.40
CA GLU K 73 13.98 33.31 37.10
C GLU K 73 13.11 34.40 36.49
N PHE K 74 11.98 34.05 35.91
CA PHE K 74 10.96 35.04 35.56
C PHE K 74 10.51 35.80 36.80
N GLN K 75 10.10 35.04 37.82
CA GLN K 75 9.66 35.63 39.07
C GLN K 75 10.67 36.67 39.61
N THR K 76 11.95 36.30 39.61
CA THR K 76 13.01 37.13 40.21
C THR K 76 13.45 38.28 39.30
N MET K 77 13.20 38.18 38.01
CA MET K 77 13.49 39.28 37.10
C MET K 77 12.41 40.34 37.10
N LEU K 78 11.15 39.94 37.23
CA LEU K 78 10.08 40.92 37.38
C LEU K 78 10.09 41.64 38.73
N GLN K 79 10.88 41.17 39.70
CA GLN K 79 10.99 41.85 41.00
C GLN K 79 11.88 43.08 40.91
N HIS K 80 13.03 42.97 40.23
CA HIS K 80 13.89 44.12 40.01
C HIS K 80 13.38 44.99 38.86
N LEU K 81 12.36 44.54 38.14
CA LEU K 81 11.64 45.44 37.25
C LEU K 81 10.80 46.42 38.04
N GLN K 82 10.08 45.92 39.05
CA GLN K 82 9.19 46.67 39.93
C GLN K 82 8.11 47.38 39.15
N PRO K 83 7.33 46.66 38.34
CA PRO K 83 6.31 47.32 37.54
C PRO K 83 5.27 47.98 38.43
N THR K 84 4.74 49.09 37.94
CA THR K 84 3.74 49.87 38.62
C THR K 84 2.49 49.99 37.76
N ALA K 85 1.50 50.69 38.29
CA ALA K 85 0.37 51.04 37.45
C ALA K 85 0.77 51.98 36.33
N GLU K 86 1.90 52.68 36.50
CA GLU K 86 2.34 53.74 35.60
C GLU K 86 3.26 53.24 34.50
N ASN K 87 4.22 52.37 34.81
CA ASN K 87 5.23 51.92 33.86
C ASN K 87 4.98 50.54 33.26
N ALA K 88 3.89 49.87 33.63
CA ALA K 88 3.71 48.47 33.28
C ALA K 88 3.43 48.30 31.79
N TYR K 89 2.63 49.18 31.20
CA TYR K 89 2.44 49.10 29.76
C TYR K 89 3.75 49.30 29.03
N GLU K 90 4.53 50.32 29.43
CA GLU K 90 5.80 50.64 28.79
C GLU K 90 6.73 49.46 28.85
N TYR K 91 6.91 48.89 30.04
CA TYR K 91 7.74 47.68 30.15
C TYR K 91 7.14 46.53 29.36
N PHE K 92 5.83 46.38 29.42
CA PHE K 92 5.19 45.36 28.61
C PHE K 92 5.46 45.60 27.15
N THR K 93 5.28 46.82 26.69
CA THR K 93 5.49 47.10 25.28
C THR K 93 6.91 46.81 24.85
N LYS K 94 7.90 47.23 25.65
CA LYS K 94 9.31 47.09 25.30
C LYS K 94 9.83 45.65 25.46
N ILE K 95 9.25 44.85 26.34
CA ILE K 95 9.56 43.43 26.40
C ILE K 95 8.98 42.71 25.19
N ALA K 96 7.83 43.19 24.70
CA ALA K 96 7.10 42.51 23.67
C ALA K 96 7.56 42.89 22.28
N THR K 97 8.05 44.13 22.09
CA THR K 97 8.66 44.45 20.81
C THR K 97 10.00 43.75 20.65
N SER K 98 10.75 43.57 21.73
CA SER K 98 11.99 42.79 21.65
C SER K 98 11.78 41.31 21.43
N LEU K 99 10.58 40.79 21.69
CA LEU K 99 10.30 39.36 21.56
C LEU K 99 10.06 38.97 20.11
N PHE K 100 9.41 39.85 19.34
CA PHE K 100 9.12 39.67 17.93
C PHE K 100 10.02 40.49 17.02
N GLU K 101 11.15 40.97 17.54
CA GLU K 101 12.07 41.79 16.76
C GLU K 101 12.84 40.92 15.77
N SER K 102 13.15 39.69 16.15
CA SER K 102 13.88 38.77 15.29
C SER K 102 12.99 37.77 14.58
N GLY K 103 11.70 37.73 14.91
CA GLY K 103 10.79 36.88 14.19
C GLY K 103 9.43 36.68 14.83
N ILE K 104 8.49 36.19 14.06
CA ILE K 104 7.15 35.90 14.54
C ILE K 104 6.84 34.42 14.33
N ASN K 105 6.08 33.86 15.26
CA ASN K 105 6.00 32.45 15.57
C ASN K 105 4.65 32.23 16.18
N TRP K 106 4.01 31.09 15.94
CA TRP K 106 2.86 30.77 16.78
C TRP K 106 3.25 30.61 18.25
N GLY K 107 4.47 30.16 18.50
CA GLY K 107 4.91 29.95 19.86
C GLY K 107 5.25 31.22 20.58
N ARG K 108 5.72 32.22 19.88
CA ARG K 108 5.98 33.48 20.54
C ARG K 108 4.72 34.27 20.86
N VAL K 109 3.61 33.96 20.18
CA VAL K 109 2.31 34.55 20.46
C VAL K 109 1.70 33.93 21.72
N VAL K 110 2.00 32.65 21.97
CA VAL K 110 1.66 31.98 23.22
C VAL K 110 2.64 32.35 24.34
N ALA K 111 3.89 32.62 24.03
CA ALA K 111 4.82 33.20 24.98
C ALA K 111 4.58 34.68 25.23
N LEU K 112 3.88 35.39 24.34
CA LEU K 112 3.43 36.74 24.65
C LEU K 112 2.28 36.74 25.66
N LEU K 113 1.26 35.92 25.41
CA LEU K 113 0.15 35.79 26.35
C LEU K 113 0.62 35.32 27.71
N GLY K 114 1.68 34.51 27.76
CA GLY K 114 2.16 33.99 29.03
C GLY K 114 2.77 35.05 29.91
N PHE K 115 3.49 36.00 29.32
CA PHE K 115 4.04 37.12 30.06
C PHE K 115 2.96 38.12 30.49
N GLY K 116 1.90 38.28 29.71
CA GLY K 116 0.71 38.92 30.22
C GLY K 116 0.22 38.28 31.50
N TYR K 117 0.11 36.94 31.50
CA TYR K 117 -0.28 36.17 32.69
C TYR K 117 0.71 36.37 33.82
N ARG K 118 2.00 36.27 33.52
CA ARG K 118 3.03 36.31 34.57
C ARG K 118 3.26 37.70 35.11
N LEU K 119 2.95 38.74 34.35
CA LEU K 119 3.04 40.09 34.84
C LEU K 119 1.76 40.53 35.54
N ALA K 120 0.61 40.06 35.05
CA ALA K 120 -0.69 40.19 35.72
C ALA K 120 -0.69 39.62 37.14
N LEU K 121 0.01 38.53 37.35
CA LEU K 121 0.13 37.85 38.62
C LEU K 121 1.24 38.43 39.49
N HIS K 122 2.35 38.87 38.91
CA HIS K 122 3.38 39.53 39.69
C HIS K 122 2.84 40.76 40.38
N VAL K 123 2.16 41.63 39.63
CA VAL K 123 1.67 42.88 40.20
C VAL K 123 0.63 42.61 41.24
N TYR K 124 -0.14 41.53 41.09
CA TYR K 124 -1.18 41.23 42.08
C TYR K 124 -0.55 40.83 43.40
N GLN K 125 0.38 39.89 43.35
CA GLN K 125 1.06 39.49 44.56
C GLN K 125 1.84 40.63 45.17
N HIS K 126 2.24 41.60 44.37
CA HIS K 126 2.96 42.76 44.85
C HIS K 126 2.04 43.92 45.21
N GLY K 127 0.75 43.68 45.24
CA GLY K 127 -0.21 44.63 45.78
C GLY K 127 -0.99 45.46 44.79
N LEU K 128 -0.91 45.16 43.50
CA LEU K 128 -1.68 45.86 42.47
C LEU K 128 -2.92 45.03 42.19
N THR K 129 -4.03 45.42 42.79
CA THR K 129 -5.28 44.69 42.71
C THR K 129 -6.16 45.32 41.65
N GLY K 130 -7.06 44.52 41.09
CA GLY K 130 -8.01 44.99 40.09
C GLY K 130 -7.38 45.39 38.78
N PHE K 131 -6.24 44.81 38.44
CA PHE K 131 -5.47 45.25 37.30
C PHE K 131 -5.55 44.32 36.09
N LEU K 132 -6.32 43.22 36.14
CA LEU K 132 -6.30 42.27 35.02
C LEU K 132 -6.79 42.91 33.74
N GLY K 133 -7.75 43.84 33.82
CA GLY K 133 -8.31 44.44 32.63
C GLY K 133 -7.34 45.36 31.91
N GLN K 134 -6.45 46.01 32.65
CA GLN K 134 -5.39 46.76 31.99
C GLN K 134 -4.39 45.85 31.32
N VAL K 135 -4.00 44.74 31.97
CA VAL K 135 -3.11 43.78 31.33
C VAL K 135 -3.70 43.32 29.99
N THR K 136 -4.99 42.93 29.99
CA THR K 136 -5.65 42.47 28.77
C THR K 136 -5.58 43.48 27.64
N ARG K 137 -5.63 44.77 27.97
CA ARG K 137 -5.49 45.82 26.98
C ARG K 137 -4.05 46.04 26.53
N PHE K 138 -3.06 45.84 27.42
CA PHE K 138 -1.67 45.83 26.97
C PHE K 138 -1.50 44.80 25.87
N VAL K 139 -1.99 43.58 26.12
CA VAL K 139 -1.95 42.49 25.14
C VAL K 139 -2.75 42.85 23.89
N VAL K 140 -3.98 43.34 24.05
CA VAL K 140 -4.81 43.69 22.90
C VAL K 140 -4.22 44.88 22.18
N ASP K 141 -3.84 45.94 22.90
CA ASP K 141 -3.34 47.12 22.23
C ASP K 141 -1.93 46.96 21.69
N PHE K 142 -1.06 46.17 22.32
CA PHE K 142 0.24 45.88 21.71
C PHE K 142 0.05 45.14 20.40
N MET K 143 -0.76 44.09 20.42
CA MET K 143 -0.86 43.23 19.26
C MET K 143 -1.36 43.97 18.04
N LEU K 144 -2.38 44.79 18.20
CA LEU K 144 -2.91 45.57 17.08
C LEU K 144 -1.83 46.44 16.47
N HIS K 145 -1.09 47.18 17.29
CA HIS K 145 -0.20 48.24 16.85
C HIS K 145 1.15 47.75 16.40
N HIS K 146 1.44 46.49 16.63
CA HIS K 146 2.71 45.92 16.25
C HIS K 146 2.52 44.71 15.36
N SER K 147 1.46 44.72 14.54
CA SER K 147 1.30 43.81 13.41
C SER K 147 1.18 42.34 13.80
N ILE K 148 0.90 42.05 15.08
CA ILE K 148 0.72 40.67 15.55
C ILE K 148 -0.68 40.15 15.19
N ALA K 149 -1.69 41.02 15.20
CA ALA K 149 -3.06 40.63 14.90
C ALA K 149 -3.26 40.42 13.42
N ARG K 150 -2.59 41.21 12.58
CA ARG K 150 -2.67 40.98 11.14
C ARG K 150 -2.05 39.65 10.75
N TRP K 151 -0.93 39.30 11.39
CA TRP K 151 -0.29 38.00 11.15
C TRP K 151 -1.26 36.86 11.42
N ILE K 152 -2.00 36.95 12.54
CA ILE K 152 -2.91 35.89 12.93
C ILE K 152 -4.15 35.84 12.04
N ALA K 153 -4.72 37.00 11.69
CA ALA K 153 -5.84 37.04 10.77
C ALA K 153 -5.47 36.49 9.40
N GLN K 154 -4.22 36.69 8.98
CA GLN K 154 -3.71 36.09 7.75
C GLN K 154 -3.67 34.57 7.83
N ARG K 155 -3.37 34.03 9.00
CA ARG K 155 -3.34 32.60 9.27
C ARG K 155 -4.73 31.98 9.37
N GLY K 156 -5.79 32.80 9.33
CA GLY K 156 -7.15 32.35 9.58
C GLY K 156 -7.79 32.85 10.87
N GLY K 157 -7.07 33.53 11.74
CA GLY K 157 -7.61 33.91 13.02
C GLY K 157 -7.02 33.08 14.14
N TRP K 158 -7.45 33.40 15.36
CA TRP K 158 -6.98 32.64 16.50
C TRP K 158 -7.39 31.18 16.42
N VAL K 159 -8.54 30.88 15.79
CA VAL K 159 -9.06 29.50 15.71
C VAL K 159 -8.10 28.58 14.96
N ALA K 160 -7.28 29.15 14.06
CA ALA K 160 -6.24 28.40 13.37
C ALA K 160 -5.31 27.69 14.34
N ALA K 161 -5.31 28.11 15.60
CA ALA K 161 -4.41 27.60 16.61
C ALA K 161 -4.87 26.28 17.19
N LEU K 162 -6.13 25.93 17.02
CA LEU K 162 -6.63 24.62 17.42
C LEU K 162 -6.23 23.50 16.45
N ASN K 163 -4.99 23.51 15.97
CA ASN K 163 -4.50 22.53 15.00
C ASN K 163 -3.14 22.02 15.44
N GLU L 4 16.62 48.32 30.70
CA GLU L 4 17.15 48.07 29.36
C GLU L 4 17.65 46.65 29.40
N GLU L 5 18.46 46.43 30.42
CA GLU L 5 19.10 45.16 30.61
C GLU L 5 18.15 44.14 31.21
N ILE L 6 17.32 44.53 32.17
CA ILE L 6 16.29 43.62 32.67
C ILE L 6 15.33 43.24 31.56
N ILE L 7 14.85 44.23 30.81
CA ILE L 7 13.81 44.06 29.80
C ILE L 7 14.24 43.08 28.70
N HIS L 8 15.52 43.13 28.34
CA HIS L 8 16.05 42.36 27.21
C HIS L 8 16.18 40.89 27.57
N LYS L 9 16.68 40.60 28.76
CA LYS L 9 16.72 39.25 29.28
C LYS L 9 15.31 38.65 29.42
N LEU L 10 14.31 39.47 29.78
CA LEU L 10 12.94 38.97 29.87
C LEU L 10 12.43 38.59 28.50
N ALA L 11 12.75 39.38 27.48
CA ALA L 11 12.30 39.10 26.13
C ALA L 11 13.03 37.90 25.53
N MET L 12 14.35 37.83 25.68
CA MET L 12 15.08 36.68 25.17
C MET L 12 14.65 35.38 25.83
N GLN L 13 14.08 35.46 27.03
CA GLN L 13 13.51 34.28 27.66
C GLN L 13 12.22 33.87 26.99
N LEU L 14 11.36 34.86 26.69
CA LEU L 14 10.13 34.65 25.94
C LEU L 14 10.34 34.16 24.50
N ARG L 15 11.50 34.42 23.88
CA ARG L 15 11.83 33.81 22.60
C ARG L 15 12.04 32.31 22.75
N HIS L 16 12.87 31.93 23.72
CA HIS L 16 13.17 30.52 23.96
C HIS L 16 11.90 29.74 24.26
N ILE L 17 11.11 30.22 25.22
CA ILE L 17 9.88 29.50 25.54
C ILE L 17 8.92 29.53 24.38
N GLY L 18 8.90 30.63 23.62
CA GLY L 18 8.10 30.69 22.40
C GLY L 18 8.52 29.69 21.33
N ASP L 19 9.82 29.56 21.07
CA ASP L 19 10.23 28.65 20.01
C ASP L 19 10.12 27.19 20.42
N ASN L 20 10.31 26.88 21.69
CA ASN L 20 10.17 25.49 22.12
C ASN L 20 8.73 25.03 22.05
N ILE L 21 7.80 25.89 22.44
CA ILE L 21 6.39 25.55 22.31
C ILE L 21 5.96 25.54 20.86
N ASP L 22 6.67 26.28 20.01
CA ASP L 22 6.42 26.29 18.57
C ASP L 22 6.69 24.93 17.96
N HIS L 23 7.81 24.30 18.34
CA HIS L 23 8.13 22.97 17.88
C HIS L 23 7.06 21.98 18.27
N ARG L 24 6.29 22.29 19.31
CA ARG L 24 5.16 21.49 19.77
C ARG L 24 3.90 21.73 18.95
N MET L 25 3.75 22.91 18.38
CA MET L 25 2.58 23.23 17.61
C MET L 25 2.74 22.94 16.12
N MET M 3 29.24 24.95 14.06
CA MET M 3 29.57 23.87 13.15
C MET M 3 28.30 23.21 12.62
N SER M 4 27.94 23.56 11.39
CA SER M 4 26.76 22.97 10.78
C SER M 4 27.05 21.55 10.34
N GLU M 5 26.06 20.66 10.52
CA GLU M 5 26.18 19.30 10.00
C GLU M 5 26.40 19.26 8.50
N GLU M 6 26.32 20.41 7.82
CA GLU M 6 26.65 20.49 6.40
C GLU M 6 28.11 20.77 6.14
N GLN M 7 28.76 21.57 7.01
CA GLN M 7 30.21 21.67 6.93
C GLN M 7 30.85 20.31 7.14
N VAL M 8 30.20 19.44 7.91
CA VAL M 8 30.63 18.05 7.95
C VAL M 8 30.39 17.36 6.61
N ALA M 9 29.40 17.83 5.84
CA ALA M 9 28.99 17.14 4.62
C ALA M 9 30.02 17.28 3.52
N GLN M 10 30.75 18.39 3.50
CA GLN M 10 31.70 18.67 2.42
C GLN M 10 33.13 18.29 2.77
N ASP M 11 33.54 18.43 4.04
CA ASP M 11 34.81 17.88 4.50
C ASP M 11 34.90 16.39 4.23
N THR M 12 33.74 15.70 4.21
CA THR M 12 33.67 14.26 4.03
C THR M 12 34.03 13.83 2.62
N GLU M 13 33.67 14.64 1.63
CA GLU M 13 34.17 14.42 0.28
C GLU M 13 35.69 14.52 0.24
N GLU M 14 36.27 15.35 1.12
CA GLU M 14 37.73 15.40 1.28
C GLU M 14 38.24 14.36 2.28
N VAL M 15 37.45 14.00 3.28
CA VAL M 15 37.89 13.05 4.28
C VAL M 15 37.94 11.64 3.69
N PHE M 16 36.88 11.24 3.02
CA PHE M 16 36.85 9.91 2.42
C PHE M 16 38.01 9.72 1.43
N ARG M 17 38.10 10.60 0.44
CA ARG M 17 39.14 10.49 -0.59
C ARG M 17 40.51 10.30 0.05
N SER M 18 40.82 11.10 1.06
CA SER M 18 42.07 10.96 1.81
C SER M 18 42.17 9.56 2.40
N TYR M 19 41.11 9.13 3.09
CA TYR M 19 41.10 7.82 3.74
C TYR M 19 41.40 6.72 2.74
N VAL M 20 40.72 6.76 1.59
CA VAL M 20 40.94 5.76 0.56
C VAL M 20 42.39 5.78 0.11
N PHE M 21 42.87 6.97 -0.25
CA PHE M 21 44.21 7.07 -0.79
C PHE M 21 45.27 6.64 0.21
N TYR M 22 45.45 7.43 1.28
CA TYR M 22 46.56 7.19 2.21
C TYR M 22 46.57 5.75 2.68
N ARG M 23 45.42 5.13 2.76
CA ARG M 23 45.33 3.74 3.20
C ARG M 23 45.51 2.76 2.07
N HIS M 24 45.31 3.21 0.83
CA HIS M 24 45.65 2.37 -0.31
C HIS M 24 47.14 2.06 -0.31
N GLN M 25 47.96 3.08 -0.05
CA GLN M 25 49.42 2.94 -0.17
C GLN M 25 50.00 2.06 0.93
N GLN M 26 49.55 2.25 2.17
CA GLN M 26 49.92 1.36 3.26
C GLN M 26 49.60 -0.10 2.94
N GLU M 27 48.47 -0.33 2.28
CA GLU M 27 48.03 -1.70 1.96
C GLU M 27 48.95 -2.35 0.93
N GLN M 28 49.36 -1.60 -0.09
CA GLN M 28 50.20 -2.15 -1.15
C GLN M 28 51.41 -2.90 -0.60
N GLU M 29 51.95 -2.43 0.53
CA GLU M 29 53.06 -3.09 1.21
C GLU M 29 52.98 -4.63 1.24
N ALA M 37 45.74 -3.58 -7.41
CA ALA M 37 45.52 -2.28 -6.81
C ALA M 37 44.35 -1.56 -7.43
N ASP M 38 44.38 -0.23 -7.28
CA ASP M 38 43.32 0.63 -7.75
C ASP M 38 43.93 1.91 -8.37
N PRO M 39 43.88 1.97 -9.71
CA PRO M 39 44.19 3.22 -10.31
C PRO M 39 43.47 4.40 -9.65
N GLU M 40 42.16 4.42 -9.66
CA GLU M 40 41.36 5.55 -9.22
C GLU M 40 41.76 6.03 -7.84
N MET M 41 42.40 5.18 -7.02
CA MET M 41 42.84 5.52 -5.67
C MET M 41 44.27 6.06 -5.63
N VAL M 42 45.04 5.90 -6.71
CA VAL M 42 46.37 6.47 -6.82
C VAL M 42 46.39 7.69 -7.74
N THR M 43 45.65 7.67 -8.86
CA THR M 43 45.29 8.93 -9.50
C THR M 43 44.78 9.94 -8.47
N LEU M 44 43.94 9.45 -7.55
CA LEU M 44 43.16 10.19 -6.56
C LEU M 44 43.90 11.42 -6.07
N PRO M 45 43.51 12.62 -6.53
CA PRO M 45 44.16 13.86 -6.05
C PRO M 45 43.40 14.60 -4.94
N LEU M 46 44.12 15.42 -4.18
CA LEU M 46 43.59 16.08 -2.99
C LEU M 46 43.93 17.56 -3.05
N GLN M 47 43.02 18.41 -2.59
CA GLN M 47 43.30 19.83 -2.59
C GLN M 47 44.47 20.15 -1.66
N PRO M 48 45.22 21.21 -1.95
CA PRO M 48 46.34 21.59 -1.07
C PRO M 48 45.87 22.43 0.10
N SER M 49 46.75 22.51 1.12
CA SER M 49 46.39 23.07 2.41
C SER M 49 45.09 22.46 2.89
N SER M 50 44.89 21.20 2.55
CA SER M 50 43.72 20.45 2.96
C SER M 50 43.96 19.97 4.37
N THR M 51 43.39 20.68 5.34
CA THR M 51 43.47 20.23 6.72
C THR M 51 42.74 18.91 6.92
N MET M 52 41.70 18.65 6.14
CA MET M 52 40.97 17.40 6.30
C MET M 52 41.73 16.22 5.70
N GLY M 53 42.84 16.47 5.03
CA GLY M 53 43.62 15.37 4.49
C GLY M 53 44.43 14.66 5.55
N GLN M 54 44.81 15.36 6.60
CA GLN M 54 45.40 14.67 7.74
C GLN M 54 44.39 13.70 8.33
N VAL M 55 43.12 14.09 8.37
CA VAL M 55 42.08 13.26 8.98
C VAL M 55 42.02 11.91 8.29
N GLY M 56 41.84 11.91 6.96
CA GLY M 56 41.87 10.66 6.22
C GLY M 56 43.21 9.96 6.23
N ARG M 57 44.30 10.70 6.45
CA ARG M 57 45.58 10.04 6.67
C ARG M 57 45.61 9.40 8.04
N GLN M 58 45.25 10.15 9.07
CA GLN M 58 45.13 9.61 10.42
C GLN M 58 44.24 8.39 10.47
N LEU M 59 42.94 8.57 10.22
CA LEU M 59 41.96 7.51 10.39
C LEU M 59 42.36 6.22 9.69
N ALA M 60 43.14 6.32 8.61
CA ALA M 60 43.64 5.14 7.93
C ALA M 60 44.76 4.47 8.70
N ILE M 61 45.43 5.22 9.57
CA ILE M 61 46.59 4.71 10.30
C ILE M 61 46.13 3.98 11.55
N ILE M 62 45.51 4.72 12.48
CA ILE M 62 45.20 4.19 13.81
C ILE M 62 44.38 2.91 13.71
N GLY M 63 43.68 2.75 12.59
CA GLY M 63 42.85 1.57 12.39
C GLY M 63 43.41 0.58 11.40
N ASP M 64 44.73 0.50 11.25
CA ASP M 64 45.31 -0.39 10.25
C ASP M 64 45.55 -1.80 10.77
N ASP M 65 46.11 -1.92 11.97
CA ASP M 65 46.38 -3.23 12.53
C ASP M 65 45.11 -3.98 12.91
N ILE M 66 44.00 -3.27 13.15
CA ILE M 66 42.68 -3.89 13.22
C ILE M 66 42.19 -4.23 11.81
N ASN M 67 42.44 -3.34 10.85
CA ASN M 67 41.90 -3.60 9.52
C ASN M 67 42.75 -4.61 8.76
N ARG M 68 43.91 -4.98 9.27
CA ARG M 68 44.73 -6.01 8.67
C ARG M 68 44.37 -7.41 9.19
N ARG M 69 43.24 -7.54 9.87
CA ARG M 69 42.78 -8.82 10.40
C ARG M 69 41.52 -9.34 9.70
N TYR M 70 40.54 -8.49 9.45
CA TYR M 70 39.27 -8.92 8.89
C TYR M 70 39.25 -8.88 7.37
N ASP M 71 40.41 -8.64 6.76
CA ASP M 71 40.52 -8.58 5.30
C ASP M 71 40.26 -9.94 4.63
N SER M 72 40.39 -11.01 5.41
CA SER M 72 40.19 -12.36 4.88
C SER M 72 38.73 -12.59 4.48
N GLU M 73 37.87 -12.73 5.48
CA GLU M 73 36.48 -13.08 5.23
C GLU M 73 35.71 -11.99 4.50
N PHE M 74 36.31 -10.83 4.28
CA PHE M 74 35.58 -9.72 3.68
C PHE M 74 35.71 -9.66 2.17
N GLN M 75 36.74 -10.28 1.60
CA GLN M 75 36.88 -10.26 0.16
C GLN M 75 35.90 -11.22 -0.51
N THR M 76 35.37 -12.18 0.26
CA THR M 76 34.46 -13.18 -0.27
C THR M 76 32.99 -12.86 0.02
N MET M 77 32.72 -11.98 0.99
CA MET M 77 31.34 -11.67 1.36
C MET M 77 30.67 -10.79 0.31
N LEU M 78 31.30 -9.65 -0.02
CA LEU M 78 30.73 -8.69 -0.95
C LEU M 78 30.72 -9.20 -2.39
N GLN M 79 31.58 -10.15 -2.74
CA GLN M 79 31.51 -10.70 -4.09
C GLN M 79 30.24 -11.51 -4.28
N HIS M 80 29.81 -12.26 -3.26
CA HIS M 80 28.51 -12.93 -3.33
C HIS M 80 27.38 -11.90 -3.43
N LEU M 81 27.59 -10.72 -2.87
CA LEU M 81 26.68 -9.61 -3.10
C LEU M 81 26.78 -9.12 -4.54
N GLN M 82 27.96 -9.32 -5.18
CA GLN M 82 28.38 -8.76 -6.45
C GLN M 82 27.62 -7.48 -6.75
N PRO M 83 27.97 -6.39 -6.07
CA PRO M 83 27.31 -5.13 -6.33
C PRO M 83 27.45 -4.74 -7.79
N THR M 84 26.67 -3.74 -8.17
CA THR M 84 26.61 -3.29 -9.55
C THR M 84 26.72 -1.76 -9.52
N ALA M 85 26.41 -1.12 -10.64
CA ALA M 85 26.23 0.32 -10.60
C ALA M 85 24.87 0.71 -10.07
N GLU M 86 23.91 -0.22 -10.05
CA GLU M 86 22.50 0.03 -9.76
C GLU M 86 22.12 -0.22 -8.31
N ASN M 87 22.55 -1.35 -7.75
CA ASN M 87 22.25 -1.72 -6.37
C ASN M 87 23.37 -1.40 -5.39
N ALA M 88 24.41 -0.72 -5.87
CA ALA M 88 25.54 -0.36 -4.99
C ALA M 88 25.13 0.65 -3.94
N TYR M 89 24.36 1.69 -4.31
CA TYR M 89 23.91 2.64 -3.30
C TYR M 89 22.99 1.98 -2.28
N GLU M 90 22.02 1.21 -2.77
CA GLU M 90 21.08 0.51 -1.90
C GLU M 90 21.82 -0.36 -0.88
N TYR M 91 22.71 -1.22 -1.37
CA TYR M 91 23.48 -2.05 -0.45
C TYR M 91 24.32 -1.19 0.50
N PHE M 92 24.85 -0.07 0.00
CA PHE M 92 25.58 0.85 0.84
C PHE M 92 24.68 1.29 1.99
N THR M 93 23.69 2.15 1.69
CA THR M 93 22.85 2.69 2.73
C THR M 93 22.28 1.61 3.63
N LYS M 94 21.97 0.44 3.05
CA LYS M 94 21.33 -0.66 3.79
C LYS M 94 22.28 -1.33 4.78
N ILE M 95 23.52 -1.62 4.35
CA ILE M 95 24.54 -2.14 5.26
C ILE M 95 24.87 -1.14 6.35
N ALA M 96 24.77 0.15 6.04
CA ALA M 96 25.22 1.18 6.96
C ALA M 96 24.13 1.55 7.96
N THR M 97 22.86 1.40 7.57
CA THR M 97 21.78 1.64 8.53
C THR M 97 21.85 0.66 9.69
N SER M 98 22.21 -0.59 9.43
CA SER M 98 22.28 -1.63 10.46
C SER M 98 23.54 -1.56 11.33
N LEU M 99 24.55 -0.80 10.92
CA LEU M 99 25.77 -0.56 11.67
C LEU M 99 25.61 0.52 12.72
N PHE M 100 24.53 1.31 12.63
CA PHE M 100 24.22 2.37 13.57
C PHE M 100 22.84 2.21 14.21
N GLU M 101 22.10 1.16 13.86
CA GLU M 101 20.89 0.81 14.60
C GLU M 101 21.21 0.35 16.01
N SER M 102 22.46 -0.06 16.26
CA SER M 102 22.87 -0.56 17.56
C SER M 102 23.68 0.43 18.38
N GLY M 103 24.32 1.40 17.75
CA GLY M 103 25.10 2.33 18.52
C GLY M 103 26.19 3.06 17.75
N ILE M 104 26.30 4.34 17.99
CA ILE M 104 27.31 5.14 17.32
C ILE M 104 28.52 5.25 18.23
N ASN M 105 29.66 5.50 17.62
CA ASN M 105 30.93 5.81 18.27
C ASN M 105 31.88 6.15 17.15
N TRP M 106 33.12 6.50 17.50
CA TRP M 106 34.05 6.94 16.46
C TRP M 106 34.54 5.78 15.60
N GLY M 107 34.64 4.58 16.17
CA GLY M 107 35.08 3.46 15.37
C GLY M 107 34.06 3.07 14.32
N ARG M 108 32.78 3.09 14.69
CA ARG M 108 31.74 2.69 13.76
C ARG M 108 31.65 3.64 12.56
N VAL M 109 31.95 4.93 12.76
CA VAL M 109 32.02 5.90 11.68
C VAL M 109 33.26 5.66 10.82
N VAL M 110 34.39 5.39 11.45
CA VAL M 110 35.56 4.96 10.70
C VAL M 110 35.30 3.59 10.05
N ALA M 111 34.85 2.60 10.83
CA ALA M 111 34.47 1.30 10.27
C ALA M 111 33.47 1.44 9.14
N LEU M 112 32.74 2.57 9.06
CA LEU M 112 31.85 2.83 7.93
C LEU M 112 32.64 3.22 6.69
N LEU M 113 33.60 4.13 6.84
CA LEU M 113 34.40 4.56 5.69
C LEU M 113 35.22 3.41 5.13
N GLY M 114 35.77 2.56 6.00
CA GLY M 114 36.60 1.46 5.54
C GLY M 114 35.90 0.61 4.51
N PHE M 115 34.58 0.43 4.67
CA PHE M 115 33.77 -0.40 3.79
C PHE M 115 33.46 0.27 2.46
N GLY M 116 33.33 1.60 2.41
CA GLY M 116 33.30 2.26 1.12
C GLY M 116 34.52 1.93 0.30
N TYR M 117 35.70 2.01 0.93
CA TYR M 117 36.93 1.59 0.30
C TYR M 117 36.87 0.12 -0.08
N ARG M 118 36.35 -0.68 0.85
CA ARG M 118 36.15 -2.10 0.59
C ARG M 118 35.18 -2.24 -0.58
N LEU M 119 34.27 -1.29 -0.76
CA LEU M 119 33.35 -1.36 -1.89
C LEU M 119 33.91 -0.70 -3.12
N ALA M 120 34.54 0.47 -2.95
CA ALA M 120 35.10 1.20 -4.08
C ALA M 120 36.29 0.51 -4.72
N LEU M 121 36.92 -0.44 -4.02
CA LEU M 121 38.05 -1.20 -4.53
C LEU M 121 37.60 -2.56 -5.09
N HIS M 122 36.84 -3.32 -4.31
CA HIS M 122 36.21 -4.52 -4.84
C HIS M 122 35.45 -4.22 -6.13
N VAL M 123 34.84 -3.04 -6.20
CA VAL M 123 34.12 -2.68 -7.43
C VAL M 123 35.09 -2.46 -8.58
N TYR M 124 36.32 -1.97 -8.31
CA TYR M 124 37.26 -1.73 -9.40
C TYR M 124 37.88 -3.04 -9.88
N GLN M 125 38.33 -3.89 -8.96
CA GLN M 125 38.85 -5.19 -9.34
C GLN M 125 37.81 -5.98 -10.14
N HIS M 126 36.52 -5.70 -9.93
CA HIS M 126 35.44 -6.35 -10.65
C HIS M 126 35.09 -5.70 -12.00
N GLY M 127 35.74 -4.60 -12.37
CA GLY M 127 35.50 -4.02 -13.68
C GLY M 127 34.54 -2.86 -13.72
N LEU M 128 34.34 -2.15 -12.60
CA LEU M 128 33.55 -0.92 -12.58
C LEU M 128 34.48 0.28 -12.45
N THR M 129 35.15 0.61 -13.56
CA THR M 129 36.02 1.78 -13.63
C THR M 129 35.26 3.03 -13.22
N GLY M 130 35.99 4.00 -12.67
CA GLY M 130 35.45 5.32 -12.42
C GLY M 130 34.35 5.38 -11.38
N PHE M 131 34.00 4.25 -10.78
CA PHE M 131 32.94 4.35 -9.79
C PHE M 131 33.42 5.01 -8.48
N LEU M 132 34.65 5.54 -8.45
CA LEU M 132 35.18 6.12 -7.22
C LEU M 132 34.46 7.39 -6.82
N GLY M 133 33.92 8.13 -7.78
CA GLY M 133 33.12 9.30 -7.44
C GLY M 133 31.85 8.94 -6.72
N GLN M 134 31.17 7.88 -7.15
CA GLN M 134 29.88 7.52 -6.58
C GLN M 134 30.03 6.98 -5.17
N VAL M 135 31.12 6.26 -4.90
CA VAL M 135 31.28 5.74 -3.57
C VAL M 135 31.45 6.87 -2.58
N THR M 136 32.05 8.00 -3.01
CA THR M 136 32.19 9.13 -2.09
C THR M 136 30.85 9.74 -1.74
N ARG M 137 29.88 9.71 -2.65
CA ARG M 137 28.57 10.28 -2.38
C ARG M 137 27.78 9.40 -1.41
N PHE M 138 27.78 8.09 -1.65
CA PHE M 138 27.06 7.15 -0.77
C PHE M 138 27.43 7.39 0.68
N VAL M 139 28.69 7.71 0.94
CA VAL M 139 29.19 8.10 2.25
C VAL M 139 28.52 9.40 2.67
N VAL M 140 28.82 10.49 1.95
CA VAL M 140 28.21 11.76 2.27
C VAL M 140 26.69 11.61 2.34
N ASP M 141 26.10 11.01 1.32
CA ASP M 141 24.65 10.96 1.23
C ASP M 141 24.03 10.12 2.35
N PHE M 142 24.64 8.97 2.68
CA PHE M 142 24.15 8.22 3.84
C PHE M 142 24.38 8.98 5.13
N MET M 143 25.47 9.75 5.19
CA MET M 143 25.81 10.38 6.46
C MET M 143 24.88 11.55 6.77
N LEU M 144 24.53 12.36 5.78
CA LEU M 144 23.63 13.48 6.05
C LEU M 144 22.22 13.02 6.39
N HIS M 145 21.80 11.89 5.83
CA HIS M 145 20.40 11.50 5.80
C HIS M 145 20.06 10.43 6.82
N HIS M 146 20.93 10.25 7.82
CA HIS M 146 20.71 9.29 8.88
C HIS M 146 21.17 9.85 10.22
N SER M 147 21.49 11.14 10.29
CA SER M 147 21.96 11.84 11.49
C SER M 147 23.34 11.39 11.94
N ILE M 148 24.20 11.00 11.00
CA ILE M 148 25.59 10.69 11.30
C ILE M 148 26.48 11.93 11.22
N ALA M 149 26.15 12.88 10.34
CA ALA M 149 26.93 14.11 10.26
C ALA M 149 26.63 15.05 11.40
N ARG M 150 25.39 15.03 11.91
CA ARG M 150 25.07 15.83 13.08
C ARG M 150 25.87 15.38 14.30
N TRP M 151 26.08 14.07 14.45
CA TRP M 151 26.88 13.54 15.54
C TRP M 151 28.30 14.12 15.55
N ILE M 152 28.83 14.45 14.38
CA ILE M 152 30.19 14.95 14.23
C ILE M 152 30.25 16.45 14.51
N ALA M 153 29.26 17.22 14.04
CA ALA M 153 29.23 18.66 14.29
C ALA M 153 28.83 19.00 15.73
N GLN M 154 28.19 18.07 16.44
CA GLN M 154 27.91 18.29 17.86
C GLN M 154 29.20 18.17 18.68
N ARG M 155 30.11 17.31 18.25
CA ARG M 155 31.39 17.06 18.90
C ARG M 155 32.48 17.97 18.38
N GLY M 156 32.18 18.78 17.37
CA GLY M 156 33.19 19.68 16.86
C GLY M 156 33.41 19.58 15.36
N GLY M 157 33.74 18.39 14.88
CA GLY M 157 34.03 18.17 13.49
C GLY M 157 35.11 17.13 13.33
N TRP M 158 35.60 16.99 12.10
CA TRP M 158 36.59 15.96 11.81
C TRP M 158 37.96 16.29 12.37
N VAL M 159 38.23 17.57 12.68
CA VAL M 159 39.54 17.92 13.23
C VAL M 159 39.75 17.28 14.60
N ALA M 160 38.68 17.15 15.40
CA ALA M 160 38.77 16.61 16.75
C ALA M 160 39.03 15.11 16.76
N ALA M 161 39.01 14.46 15.59
CA ALA M 161 39.38 13.06 15.43
C ALA M 161 40.88 12.86 15.46
N LEU M 162 41.64 13.93 15.46
CA LEU M 162 43.08 13.89 15.63
C LEU M 162 43.50 13.79 17.10
N ASN M 163 42.57 13.43 17.99
CA ASN M 163 42.82 13.21 19.41
C ASN M 163 42.73 11.74 19.80
N LEU M 164 42.87 10.83 18.84
CA LEU M 164 42.73 9.40 19.12
C LEU M 164 44.07 8.72 19.29
N GLU N 4 34.96 19.04 39.37
CA GLU N 4 35.82 19.26 38.22
C GLU N 4 36.40 17.93 37.75
N GLU N 5 37.19 17.28 38.63
CA GLU N 5 37.74 15.97 38.37
C GLU N 5 36.80 14.83 38.77
N ILE N 6 36.16 14.95 39.93
CA ILE N 6 35.09 14.02 40.31
C ILE N 6 34.09 13.91 39.19
N ILE N 7 33.89 14.99 38.44
CA ILE N 7 32.94 15.00 37.34
C ILE N 7 33.36 13.99 36.26
N HIS N 8 34.63 14.04 35.84
CA HIS N 8 35.11 13.04 34.91
C HIS N 8 34.92 11.64 35.44
N LYS N 9 34.87 11.50 36.76
CA LYS N 9 34.90 10.17 37.38
C LYS N 9 33.54 9.46 37.30
N LEU N 10 32.45 10.18 37.53
CA LEU N 10 31.13 9.56 37.41
C LEU N 10 30.87 9.16 35.97
N ALA N 11 31.10 10.07 35.01
CA ALA N 11 30.72 9.80 33.63
C ALA N 11 31.42 8.55 33.08
N MET N 12 32.67 8.30 33.49
CA MET N 12 33.44 7.18 32.95
C MET N 12 33.04 5.85 33.56
N GLN N 13 32.43 5.88 34.75
CA GLN N 13 31.96 4.68 35.41
C GLN N 13 30.70 4.23 34.68
N LEU N 14 29.63 5.02 34.79
CA LEU N 14 28.39 4.71 34.10
C LEU N 14 28.67 4.23 32.68
N ARG N 15 29.68 4.82 32.06
CA ARG N 15 30.08 4.44 30.71
C ARG N 15 30.37 2.94 30.70
N HIS N 16 31.23 2.51 31.62
CA HIS N 16 31.57 1.10 31.73
C HIS N 16 30.29 0.33 31.99
N ILE N 17 29.51 0.77 32.97
CA ILE N 17 28.25 0.13 33.28
C ILE N 17 27.36 0.11 32.04
N GLY N 18 27.21 1.27 31.39
CA GLY N 18 26.45 1.32 30.16
C GLY N 18 26.94 0.36 29.10
N ASP N 19 28.24 0.35 28.84
CA ASP N 19 28.76 -0.55 27.81
C ASP N 19 28.72 -2.01 28.23
N ASN N 20 28.79 -2.27 29.54
CA ASN N 20 28.54 -3.61 30.05
C ASN N 20 27.09 -4.02 29.84
N ILE N 21 26.15 -3.09 30.06
CA ILE N 21 24.75 -3.37 29.77
C ILE N 21 24.56 -3.62 28.29
N MET O 3 12.06 -4.25 -19.13
CA MET O 3 13.29 -4.32 -19.92
C MET O 3 12.95 -4.64 -21.38
N SER O 4 13.64 -3.99 -22.33
CA SER O 4 13.31 -4.08 -23.74
C SER O 4 14.35 -4.87 -24.54
N GLU O 5 13.86 -5.58 -25.58
CA GLU O 5 14.73 -6.35 -26.46
C GLU O 5 15.70 -5.45 -27.21
N GLU O 6 15.37 -4.17 -27.29
CA GLU O 6 16.24 -3.19 -27.92
C GLU O 6 17.29 -2.79 -26.90
N GLN O 7 16.87 -2.66 -25.65
CA GLN O 7 17.79 -2.30 -24.58
C GLN O 7 18.96 -3.27 -24.54
N VAL O 8 18.73 -4.52 -24.93
CA VAL O 8 19.81 -5.49 -25.04
C VAL O 8 20.63 -5.32 -26.31
N ALA O 9 20.36 -4.30 -27.13
CA ALA O 9 21.14 -4.07 -28.33
C ALA O 9 22.27 -3.07 -28.14
N GLN O 10 22.08 -2.01 -27.36
CA GLN O 10 23.22 -1.14 -27.08
C GLN O 10 24.09 -1.70 -25.96
N ASP O 11 23.45 -2.35 -24.97
CA ASP O 11 24.17 -3.00 -23.88
C ASP O 11 25.19 -3.99 -24.41
N THR O 12 24.92 -4.59 -25.57
CA THR O 12 25.80 -5.58 -26.17
C THR O 12 27.06 -4.98 -26.79
N GLU O 13 27.03 -3.69 -27.14
CA GLU O 13 28.25 -3.03 -27.57
C GLU O 13 29.28 -3.05 -26.46
N GLU O 14 28.85 -2.75 -25.23
CA GLU O 14 29.76 -2.59 -24.11
C GLU O 14 30.16 -3.92 -23.50
N VAL O 15 29.21 -4.86 -23.37
CA VAL O 15 29.56 -6.13 -22.77
C VAL O 15 30.43 -6.95 -23.70
N PHE O 16 30.48 -6.59 -24.99
CA PHE O 16 31.39 -7.24 -25.91
C PHE O 16 32.75 -6.53 -25.97
N ARG O 17 32.77 -5.20 -25.87
CA ARG O 17 34.06 -4.54 -25.77
C ARG O 17 34.76 -4.93 -24.49
N SER O 18 33.98 -5.12 -23.42
CA SER O 18 34.56 -5.52 -22.14
C SER O 18 34.97 -6.99 -22.16
N TYR O 19 34.09 -7.87 -22.63
CA TYR O 19 34.45 -9.28 -22.78
C TYR O 19 35.80 -9.44 -23.45
N VAL O 20 35.98 -8.83 -24.62
CA VAL O 20 37.21 -9.07 -25.34
C VAL O 20 38.37 -8.38 -24.67
N PHE O 21 38.14 -7.28 -23.94
CA PHE O 21 39.23 -6.60 -23.27
C PHE O 21 39.86 -7.50 -22.22
N TYR O 22 39.08 -7.87 -21.20
CA TYR O 22 39.64 -8.62 -20.08
C TYR O 22 40.05 -10.01 -20.53
N ARG O 23 39.20 -10.70 -21.29
CA ARG O 23 39.55 -12.03 -21.79
C ARG O 23 40.87 -11.98 -22.54
N HIS O 24 41.12 -10.91 -23.31
CA HIS O 24 42.41 -10.79 -23.96
C HIS O 24 43.54 -10.53 -22.97
N GLN O 25 43.26 -9.82 -21.85
CA GLN O 25 44.30 -9.53 -20.86
C GLN O 25 44.63 -10.77 -20.06
N GLN O 26 43.64 -11.65 -19.81
CA GLN O 26 43.96 -12.90 -19.18
C GLN O 26 44.73 -13.81 -20.13
N GLU O 27 44.43 -13.75 -21.44
CA GLU O 27 45.11 -14.64 -22.38
C GLU O 27 46.60 -14.36 -22.46
N GLN O 28 46.98 -13.09 -22.39
CA GLN O 28 48.39 -12.72 -22.41
C GLN O 28 49.06 -12.91 -21.06
N GLU O 29 48.39 -13.57 -20.11
CA GLU O 29 48.97 -13.85 -18.80
C GLU O 29 48.90 -15.32 -18.46
N ALA O 37 49.86 -10.85 -29.86
CA ALA O 37 48.94 -9.99 -29.11
C ALA O 37 48.07 -9.15 -30.05
N ASP O 38 47.39 -8.16 -29.46
CA ASP O 38 46.43 -7.33 -30.16
C ASP O 38 46.44 -5.93 -29.56
N PRO O 39 46.53 -4.88 -30.41
CA PRO O 39 46.52 -3.50 -29.93
C PRO O 39 45.11 -2.94 -29.84
N GLU O 40 44.21 -3.58 -30.57
CA GLU O 40 42.81 -3.21 -30.55
C GLU O 40 42.10 -3.72 -29.31
N MET O 41 42.73 -4.62 -28.56
CA MET O 41 42.17 -5.17 -27.33
C MET O 41 42.95 -4.83 -26.07
N VAL O 42 44.22 -4.45 -26.18
CA VAL O 42 44.98 -3.99 -25.02
C VAL O 42 44.64 -2.55 -24.68
N THR O 43 44.55 -1.68 -25.69
CA THR O 43 44.17 -0.30 -25.51
C THR O 43 42.67 -0.08 -25.59
N LEU O 44 41.90 -1.12 -25.33
CA LEU O 44 40.49 -1.17 -25.72
C LEU O 44 39.64 -0.21 -24.93
N PRO O 45 39.11 0.87 -25.54
CA PRO O 45 38.40 1.91 -24.77
C PRO O 45 37.16 1.43 -24.04
N LEU O 46 37.19 1.42 -22.71
CA LEU O 46 36.09 0.89 -21.91
C LEU O 46 35.34 2.03 -21.23
N GLN O 47 34.02 2.04 -21.41
CA GLN O 47 33.21 3.06 -20.79
C GLN O 47 33.39 3.00 -19.28
N PRO O 48 33.49 4.14 -18.61
CA PRO O 48 33.57 4.13 -17.14
C PRO O 48 32.18 4.03 -16.50
N SER O 49 32.11 3.26 -15.42
CA SER O 49 30.89 3.06 -14.64
C SER O 49 29.75 2.59 -15.54
N SER O 50 29.90 1.35 -15.97
CA SER O 50 28.74 0.59 -16.39
C SER O 50 28.89 -0.83 -15.88
N THR O 51 27.86 -1.29 -15.20
CA THR O 51 27.79 -2.66 -14.74
C THR O 51 27.92 -3.66 -15.87
N MET O 52 27.64 -3.25 -17.10
CA MET O 52 27.93 -4.12 -18.22
C MET O 52 29.42 -4.39 -18.33
N GLY O 53 30.24 -3.33 -18.29
CA GLY O 53 31.69 -3.54 -18.27
C GLY O 53 32.13 -4.53 -17.22
N GLN O 54 31.39 -4.60 -16.12
CA GLN O 54 31.59 -5.63 -15.12
C GLN O 54 31.15 -6.99 -15.65
N VAL O 55 29.99 -7.03 -16.31
CA VAL O 55 29.41 -8.27 -16.84
C VAL O 55 30.32 -8.90 -17.88
N GLY O 56 31.10 -8.08 -18.60
CA GLY O 56 31.99 -8.64 -19.61
C GLY O 56 33.26 -9.25 -19.06
N ARG O 57 33.58 -8.95 -17.81
CA ARG O 57 34.71 -9.64 -17.18
C ARG O 57 34.29 -11.03 -16.71
N GLN O 58 33.10 -11.14 -16.12
CA GLN O 58 32.64 -12.40 -15.57
C GLN O 58 32.38 -13.44 -16.66
N LEU O 59 31.63 -13.07 -17.70
CA LEU O 59 31.37 -13.99 -18.79
C LEU O 59 32.63 -14.41 -19.53
N ALA O 60 33.78 -13.80 -19.25
CA ALA O 60 35.06 -14.19 -19.83
C ALA O 60 35.91 -15.01 -18.86
N ILE O 61 35.88 -14.66 -17.58
CA ILE O 61 36.49 -15.50 -16.54
C ILE O 61 35.94 -16.92 -16.62
N ILE O 62 34.62 -17.02 -16.49
CA ILE O 62 33.91 -18.30 -16.45
C ILE O 62 34.34 -19.34 -17.48
N GLY O 63 34.17 -19.00 -18.75
CA GLY O 63 34.54 -19.90 -19.83
C GLY O 63 36.03 -19.86 -20.14
N ASP O 64 36.83 -20.52 -19.29
CA ASP O 64 38.27 -20.56 -19.47
C ASP O 64 38.74 -21.96 -19.83
N ASP O 65 38.77 -22.85 -18.84
CA ASP O 65 39.20 -24.22 -19.06
C ASP O 65 38.52 -24.82 -20.28
N ILE O 66 37.25 -24.50 -20.46
CA ILE O 66 36.47 -25.01 -21.60
C ILE O 66 36.80 -24.25 -22.88
N ASN O 67 37.64 -23.23 -22.75
CA ASN O 67 38.04 -22.42 -23.89
C ASN O 67 39.53 -22.48 -24.17
N ARG O 68 40.34 -22.30 -23.13
CA ARG O 68 41.78 -22.34 -23.29
C ARG O 68 42.17 -23.70 -23.87
N ARG O 69 41.33 -24.73 -23.64
CA ARG O 69 41.62 -26.06 -24.17
C ARG O 69 41.36 -26.12 -25.67
N TYR O 70 40.11 -25.91 -26.09
CA TYR O 70 39.83 -25.93 -27.54
C TYR O 70 40.18 -24.59 -28.14
N ASP O 71 41.47 -24.29 -28.16
CA ASP O 71 41.99 -23.15 -28.91
C ASP O 71 42.78 -23.57 -30.13
N SER O 72 43.59 -24.63 -30.04
CA SER O 72 44.25 -25.19 -31.21
C SER O 72 43.24 -25.73 -32.21
N GLU O 73 42.12 -26.26 -31.70
CA GLU O 73 41.08 -26.80 -32.57
C GLU O 73 40.29 -25.70 -33.28
N PHE O 74 40.18 -24.53 -32.67
CA PHE O 74 39.43 -23.44 -33.27
C PHE O 74 40.30 -22.54 -34.13
N GLN O 75 41.51 -22.23 -33.68
CA GLN O 75 42.42 -21.45 -34.50
C GLN O 75 42.77 -22.16 -35.81
N THR O 76 42.69 -23.49 -35.86
CA THR O 76 42.95 -24.22 -37.09
C THR O 76 41.74 -24.28 -38.01
N MET O 77 40.55 -23.95 -37.50
CA MET O 77 39.34 -23.89 -38.31
C MET O 77 39.11 -22.50 -38.90
N LEU O 78 39.43 -21.45 -38.15
CA LEU O 78 39.23 -20.11 -38.65
C LEU O 78 40.20 -19.76 -39.77
N GLN O 79 41.24 -20.57 -39.95
CA GLN O 79 42.22 -20.34 -41.00
C GLN O 79 41.76 -20.97 -42.30
N HIS O 80 41.34 -22.23 -42.21
CA HIS O 80 40.85 -22.93 -43.38
C HIS O 80 39.61 -22.27 -43.96
N LEU O 81 38.88 -21.50 -43.14
CA LEU O 81 37.67 -20.81 -43.62
C LEU O 81 38.01 -19.64 -44.52
N GLN O 82 39.14 -18.97 -44.27
CA GLN O 82 39.66 -17.83 -45.00
C GLN O 82 38.68 -16.66 -44.99
N PRO O 83 38.47 -16.03 -43.85
CA PRO O 83 37.54 -14.90 -43.80
C PRO O 83 38.21 -13.63 -44.31
N THR O 84 37.39 -12.70 -44.81
CA THR O 84 37.83 -11.38 -45.24
C THR O 84 36.87 -10.34 -44.65
N ALA O 85 37.06 -9.08 -44.99
CA ALA O 85 36.16 -8.02 -44.55
C ALA O 85 34.85 -7.96 -45.34
N GLU O 86 34.66 -8.87 -46.29
CA GLU O 86 33.45 -8.90 -47.10
C GLU O 86 32.56 -10.10 -46.74
N ASN O 87 33.19 -11.24 -46.51
CA ASN O 87 32.47 -12.46 -46.17
C ASN O 87 32.49 -12.74 -44.68
N ALA O 88 33.01 -11.82 -43.86
CA ALA O 88 33.07 -12.06 -42.42
C ALA O 88 31.67 -12.16 -41.82
N TYR O 89 30.80 -11.18 -42.13
CA TYR O 89 29.44 -11.21 -41.61
C TYR O 89 28.69 -12.43 -42.10
N GLU O 90 28.63 -12.63 -43.42
CA GLU O 90 28.01 -13.84 -43.96
C GLU O 90 28.47 -15.08 -43.19
N TYR O 91 29.79 -15.18 -42.95
CA TYR O 91 30.34 -16.32 -42.21
C TYR O 91 29.98 -16.27 -40.74
N PHE O 92 30.06 -15.08 -40.12
CA PHE O 92 29.62 -14.94 -38.74
C PHE O 92 28.22 -15.48 -38.55
N THR O 93 27.26 -14.89 -39.26
CA THR O 93 25.86 -15.26 -39.08
C THR O 93 25.63 -16.74 -39.35
N LYS O 94 26.38 -17.34 -40.29
CA LYS O 94 26.12 -18.72 -40.71
C LYS O 94 26.44 -19.73 -39.61
N ILE O 95 27.63 -19.62 -39.01
CA ILE O 95 27.90 -20.36 -37.78
C ILE O 95 26.85 -20.04 -36.73
N ALA O 96 26.74 -18.75 -36.39
CA ALA O 96 25.95 -18.33 -35.25
C ALA O 96 24.51 -18.83 -35.35
N THR O 97 23.97 -18.88 -36.56
CA THR O 97 22.62 -19.42 -36.74
C THR O 97 22.56 -20.88 -36.33
N SER O 98 23.54 -21.67 -36.77
CA SER O 98 23.56 -23.08 -36.40
C SER O 98 23.90 -23.29 -34.91
N LEU O 99 24.37 -22.25 -34.22
CA LEU O 99 24.66 -22.39 -32.79
C LEU O 99 23.39 -22.44 -31.96
N PHE O 100 22.39 -21.62 -32.32
CA PHE O 100 21.15 -21.50 -31.57
C PHE O 100 19.98 -22.19 -32.23
N GLU O 101 20.22 -22.90 -33.34
CA GLU O 101 19.14 -23.66 -33.95
C GLU O 101 18.71 -24.80 -33.05
N SER O 102 19.68 -25.51 -32.47
CA SER O 102 19.38 -26.64 -31.61
C SER O 102 18.92 -26.22 -30.22
N GLY O 103 19.22 -25.00 -29.80
CA GLY O 103 18.81 -24.56 -28.48
C GLY O 103 19.57 -23.34 -28.03
N ILE O 104 19.09 -22.77 -26.94
CA ILE O 104 19.61 -21.54 -26.42
C ILE O 104 19.85 -21.72 -24.94
N ASN O 105 21.01 -21.29 -24.46
CA ASN O 105 21.27 -21.14 -23.04
C ASN O 105 22.34 -20.07 -22.86
N TRP O 106 22.61 -19.71 -21.60
CA TRP O 106 23.56 -18.62 -21.30
C TRP O 106 24.97 -18.94 -21.74
N GLY O 107 25.47 -20.15 -21.42
CA GLY O 107 26.76 -20.58 -21.93
C GLY O 107 26.82 -20.60 -23.44
N ARG O 108 25.70 -20.91 -24.12
CA ARG O 108 25.56 -20.69 -25.56
C ARG O 108 25.42 -19.22 -25.91
N VAL O 109 24.99 -18.37 -24.98
CA VAL O 109 25.12 -16.94 -25.19
C VAL O 109 26.56 -16.49 -24.95
N VAL O 110 27.26 -17.10 -24.00
CA VAL O 110 28.69 -16.85 -23.80
C VAL O 110 29.53 -17.46 -24.92
N ALA O 111 29.11 -18.60 -25.49
CA ALA O 111 29.86 -19.17 -26.62
C ALA O 111 29.78 -18.29 -27.87
N LEU O 112 28.69 -17.51 -28.01
CA LEU O 112 28.62 -16.52 -29.08
C LEU O 112 29.59 -15.38 -28.83
N LEU O 113 29.86 -15.07 -27.55
CA LEU O 113 30.73 -13.95 -27.21
C LEU O 113 32.17 -14.22 -27.66
N GLY O 114 32.81 -15.24 -27.06
CA GLY O 114 34.19 -15.56 -27.41
C GLY O 114 34.38 -15.91 -28.86
N PHE O 115 33.33 -16.44 -29.49
CA PHE O 115 33.32 -16.57 -30.94
C PHE O 115 33.54 -15.22 -31.60
N GLY O 116 32.90 -14.18 -31.10
CA GLY O 116 33.21 -12.84 -31.58
C GLY O 116 34.66 -12.47 -31.30
N TYR O 117 35.21 -12.94 -30.17
CA TYR O 117 36.56 -12.58 -29.74
C TYR O 117 37.63 -13.41 -30.41
N ARG O 118 37.32 -14.63 -30.82
CA ARG O 118 38.26 -15.42 -31.60
C ARG O 118 38.25 -15.04 -33.07
N LEU O 119 37.11 -14.55 -33.59
CA LEU O 119 37.08 -14.04 -34.96
C LEU O 119 37.61 -12.62 -35.06
N ALA O 120 37.46 -11.82 -34.02
CA ALA O 120 37.97 -10.46 -34.06
C ALA O 120 39.49 -10.37 -33.90
N LEU O 121 40.11 -11.36 -33.27
CA LEU O 121 41.55 -11.47 -33.14
C LEU O 121 42.20 -12.21 -34.30
N HIS O 122 41.44 -13.11 -34.95
CA HIS O 122 41.94 -13.82 -36.11
C HIS O 122 42.19 -12.89 -37.27
N VAL O 123 41.23 -12.01 -37.55
CA VAL O 123 41.36 -11.07 -38.67
C VAL O 123 42.52 -10.11 -38.43
N TYR O 124 42.71 -9.66 -37.20
CA TYR O 124 43.81 -8.75 -36.90
C TYR O 124 45.15 -9.45 -37.12
N GLN O 125 45.37 -10.58 -36.44
CA GLN O 125 46.60 -11.33 -36.62
C GLN O 125 46.86 -11.66 -38.08
N HIS O 126 45.82 -11.90 -38.85
CA HIS O 126 45.99 -12.18 -40.26
C HIS O 126 46.04 -10.93 -41.12
N GLY O 127 45.64 -9.77 -40.59
CA GLY O 127 45.91 -8.54 -41.31
C GLY O 127 44.82 -7.48 -41.32
N LEU O 128 43.70 -7.69 -40.64
CA LEU O 128 42.63 -6.70 -40.57
C LEU O 128 42.95 -5.71 -39.47
N THR O 129 43.65 -4.66 -39.84
CA THR O 129 43.95 -3.62 -38.90
C THR O 129 42.69 -2.81 -38.61
N GLY O 130 42.35 -2.69 -37.34
CA GLY O 130 41.28 -1.82 -36.91
C GLY O 130 39.89 -2.29 -37.29
N PHE O 131 39.70 -3.61 -37.34
CA PHE O 131 38.43 -4.20 -37.72
C PHE O 131 37.52 -4.47 -36.53
N LEU O 132 38.07 -4.49 -35.31
CA LEU O 132 37.32 -4.89 -34.12
C LEU O 132 36.06 -4.08 -33.91
N GLY O 133 35.97 -2.90 -34.52
CA GLY O 133 34.70 -2.18 -34.49
C GLY O 133 33.65 -2.87 -35.34
N GLN O 134 34.06 -3.46 -36.46
CA GLN O 134 33.10 -4.18 -37.27
C GLN O 134 32.66 -5.50 -36.63
N VAL O 135 33.43 -6.01 -35.67
CA VAL O 135 33.05 -7.27 -35.05
C VAL O 135 32.06 -7.05 -33.90
N THR O 136 32.11 -5.90 -33.24
CA THR O 136 31.07 -5.54 -32.26
C THR O 136 29.72 -5.40 -32.93
N ARG O 137 29.66 -4.68 -34.05
CA ARG O 137 28.40 -4.49 -34.76
C ARG O 137 27.80 -5.83 -35.18
N PHE O 138 28.63 -6.76 -35.66
CA PHE O 138 28.11 -8.07 -36.06
C PHE O 138 27.47 -8.79 -34.89
N VAL O 139 28.03 -8.59 -33.69
CA VAL O 139 27.49 -9.24 -32.50
C VAL O 139 26.14 -8.62 -32.14
N VAL O 140 26.05 -7.30 -32.16
CA VAL O 140 24.81 -6.60 -31.82
C VAL O 140 23.74 -6.85 -32.88
N ASP O 141 24.11 -6.80 -34.17
CA ASP O 141 23.14 -6.96 -35.23
C ASP O 141 22.66 -8.40 -35.35
N PHE O 142 23.54 -9.39 -35.14
CA PHE O 142 23.06 -10.76 -35.11
C PHE O 142 22.17 -11.02 -33.89
N MET O 143 22.36 -10.25 -32.84
CA MET O 143 21.60 -10.47 -31.62
C MET O 143 20.13 -10.13 -31.81
N LEU O 144 19.85 -8.90 -32.25
CA LEU O 144 18.50 -8.39 -32.30
C LEU O 144 17.74 -8.84 -33.53
N HIS O 145 18.45 -9.15 -34.62
CA HIS O 145 17.83 -9.61 -35.85
C HIS O 145 17.69 -11.12 -35.90
N HIS O 146 17.72 -11.81 -34.77
CA HIS O 146 17.68 -13.26 -34.74
C HIS O 146 17.19 -13.79 -33.39
N SER O 147 16.32 -13.04 -32.72
CA SER O 147 15.62 -13.51 -31.53
C SER O 147 16.55 -13.72 -30.33
N ILE O 148 17.77 -13.19 -30.37
CA ILE O 148 18.70 -13.40 -29.26
C ILE O 148 18.61 -12.27 -28.24
N ALA O 149 18.55 -11.01 -28.67
CA ALA O 149 18.44 -9.92 -27.71
C ALA O 149 17.13 -10.01 -26.93
N ARG O 150 16.06 -10.38 -27.63
CA ARG O 150 14.76 -10.54 -27.02
C ARG O 150 14.88 -11.61 -25.93
N TRP O 151 15.69 -12.65 -26.20
CA TRP O 151 15.89 -13.70 -25.21
C TRP O 151 16.40 -13.12 -23.91
N ILE O 152 17.39 -12.22 -24.00
CA ILE O 152 18.03 -11.68 -22.80
C ILE O 152 17.15 -10.66 -22.12
N ALA O 153 16.36 -9.90 -22.89
CA ALA O 153 15.49 -8.88 -22.29
C ALA O 153 14.41 -9.48 -21.40
N GLN O 154 14.03 -10.74 -21.58
CA GLN O 154 12.98 -11.32 -20.76
C GLN O 154 13.47 -11.71 -19.36
N ARG O 155 14.74 -12.10 -19.24
CA ARG O 155 15.37 -12.52 -17.99
C ARG O 155 15.91 -11.35 -17.17
N GLY O 156 15.61 -10.11 -17.56
CA GLY O 156 16.08 -8.94 -16.85
C GLY O 156 17.02 -8.13 -17.71
N GLY O 157 17.87 -8.83 -18.45
CA GLY O 157 18.95 -8.27 -19.21
C GLY O 157 20.24 -8.97 -18.91
N TRP O 158 21.35 -8.33 -19.30
CA TRP O 158 22.65 -8.95 -19.14
C TRP O 158 23.01 -9.16 -17.68
N VAL O 159 22.58 -8.26 -16.80
CA VAL O 159 22.95 -8.31 -15.38
C VAL O 159 22.52 -9.63 -14.75
N ALA O 160 21.53 -10.30 -15.33
CA ALA O 160 21.11 -11.61 -14.85
C ALA O 160 22.22 -12.65 -14.99
N ALA O 161 23.15 -12.46 -15.92
CA ALA O 161 24.26 -13.39 -16.09
C ALA O 161 25.25 -13.37 -14.92
N LEU O 162 25.06 -12.44 -13.98
CA LEU O 162 25.91 -12.41 -12.80
C LEU O 162 25.43 -13.40 -11.75
N ASN O 163 24.12 -13.41 -11.46
CA ASN O 163 23.51 -14.37 -10.56
C ASN O 163 23.80 -15.81 -10.98
N GLU P 5 7.80 -24.47 -2.65
CA GLU P 5 9.10 -24.90 -3.11
C GLU P 5 8.94 -26.06 -4.07
N ILE P 6 7.85 -26.81 -3.87
CA ILE P 6 7.49 -27.92 -4.75
C ILE P 6 7.57 -27.54 -6.22
N ILE P 7 7.30 -26.26 -6.55
CA ILE P 7 7.24 -25.78 -7.94
C ILE P 7 8.62 -25.84 -8.59
N HIS P 8 9.67 -25.68 -7.81
CA HIS P 8 11.01 -25.69 -8.42
C HIS P 8 11.47 -27.12 -8.73
N LYS P 9 11.37 -28.03 -7.75
CA LYS P 9 11.81 -29.40 -7.99
C LYS P 9 10.97 -30.09 -9.07
N LEU P 10 9.76 -29.60 -9.34
CA LEU P 10 9.03 -30.05 -10.51
C LEU P 10 9.81 -29.72 -11.78
N ALA P 11 10.02 -28.43 -12.03
CA ALA P 11 10.75 -28.01 -13.22
C ALA P 11 12.16 -28.59 -13.25
N MET P 12 12.83 -28.63 -12.09
CA MET P 12 14.16 -29.22 -12.02
C MET P 12 14.21 -30.58 -12.66
N GLN P 13 13.23 -31.42 -12.33
CA GLN P 13 13.25 -32.77 -12.86
C GLN P 13 12.83 -32.75 -14.30
N LEU P 14 11.72 -32.06 -14.60
CA LEU P 14 11.29 -31.91 -15.97
C LEU P 14 12.43 -31.39 -16.86
N ARG P 15 13.32 -30.55 -16.30
CA ARG P 15 14.54 -30.16 -17.02
C ARG P 15 15.41 -31.37 -17.31
N HIS P 16 15.49 -32.28 -16.36
CA HIS P 16 16.41 -33.41 -16.48
C HIS P 16 16.06 -34.25 -17.69
N ILE P 17 14.82 -34.73 -17.75
CA ILE P 17 14.32 -35.51 -18.89
C ILE P 17 14.45 -34.72 -20.17
N GLY P 18 14.06 -33.45 -20.13
CA GLY P 18 14.20 -32.52 -21.22
C GLY P 18 15.56 -32.58 -21.88
N ASP P 19 16.60 -32.19 -21.14
CA ASP P 19 17.96 -32.27 -21.68
C ASP P 19 18.38 -33.69 -21.98
N ASN P 20 17.68 -34.68 -21.42
CA ASN P 20 17.91 -36.09 -21.71
C ASN P 20 17.13 -36.56 -22.92
N ILE P 21 15.96 -35.96 -23.18
CA ILE P 21 15.29 -36.18 -24.47
C ILE P 21 16.11 -35.55 -25.60
N ASP P 22 16.89 -34.53 -25.30
CA ASP P 22 17.82 -33.91 -26.24
C ASP P 22 18.78 -34.82 -27.02
N MET Q 3 5.49 -19.53 -41.64
CA MET Q 3 4.98 -20.24 -40.47
C MET Q 3 4.76 -19.29 -39.29
N SER Q 4 3.50 -18.94 -39.02
CA SER Q 4 3.22 -18.03 -37.93
C SER Q 4 3.23 -18.77 -36.59
N GLU Q 5 3.68 -18.07 -35.56
CA GLU Q 5 3.53 -18.61 -34.21
C GLU Q 5 2.08 -19.00 -33.96
N GLU Q 6 1.13 -18.17 -34.42
CA GLU Q 6 -0.28 -18.47 -34.22
C GLU Q 6 -0.62 -19.79 -34.86
N GLN Q 7 -0.11 -20.03 -36.07
CA GLN Q 7 -0.33 -21.33 -36.68
C GLN Q 7 0.32 -22.43 -35.85
N VAL Q 8 1.49 -22.16 -35.28
CA VAL Q 8 2.09 -23.13 -34.38
C VAL Q 8 1.18 -23.34 -33.18
N ALA Q 9 0.59 -22.26 -32.67
CA ALA Q 9 -0.28 -22.35 -31.50
C ALA Q 9 -1.56 -23.09 -31.81
N GLN Q 10 -2.17 -22.82 -32.97
CA GLN Q 10 -3.35 -23.57 -33.34
C GLN Q 10 -3.02 -25.04 -33.63
N ASP Q 11 -1.83 -25.32 -34.16
CA ASP Q 11 -1.44 -26.70 -34.45
C ASP Q 11 -1.18 -27.50 -33.18
N THR Q 12 -0.79 -26.81 -32.10
CA THR Q 12 -0.41 -27.48 -30.85
C THR Q 12 -1.58 -28.28 -30.28
N GLU Q 13 -2.81 -27.80 -30.49
CA GLU Q 13 -3.98 -28.48 -29.96
C GLU Q 13 -3.95 -29.97 -30.27
N GLU Q 14 -3.75 -30.33 -31.54
CA GLU Q 14 -3.69 -31.74 -31.89
C GLU Q 14 -2.29 -32.33 -31.70
N VAL Q 15 -1.27 -31.50 -31.50
CA VAL Q 15 0.02 -32.05 -31.06
C VAL Q 15 -0.12 -32.66 -29.69
N PHE Q 16 -0.87 -32.00 -28.80
CA PHE Q 16 -1.03 -32.49 -27.44
C PHE Q 16 -1.98 -33.67 -27.37
N ARG Q 17 -3.17 -33.55 -27.98
CA ARG Q 17 -4.12 -34.66 -28.02
C ARG Q 17 -3.45 -35.94 -28.48
N SER Q 18 -2.70 -35.87 -29.59
CA SER Q 18 -1.99 -37.04 -30.11
C SER Q 18 -0.89 -37.50 -29.15
N TYR Q 19 -0.14 -36.56 -28.58
CA TYR Q 19 0.76 -36.90 -27.48
C TYR Q 19 0.00 -37.65 -26.40
N VAL Q 20 -1.05 -37.02 -25.86
CA VAL Q 20 -1.81 -37.60 -24.75
C VAL Q 20 -2.49 -38.90 -25.17
N PHE Q 21 -3.06 -38.92 -26.36
CA PHE Q 21 -3.61 -40.18 -26.84
C PHE Q 21 -2.52 -41.25 -26.94
N TYR Q 22 -1.44 -40.94 -27.66
CA TYR Q 22 -0.45 -41.97 -27.97
C TYR Q 22 0.44 -42.34 -26.80
N ARG Q 23 0.76 -41.38 -25.91
CA ARG Q 23 1.56 -41.71 -24.74
C ARG Q 23 0.79 -42.58 -23.76
N HIS Q 24 -0.53 -42.37 -23.64
CA HIS Q 24 -1.30 -43.23 -22.75
C HIS Q 24 -1.35 -44.66 -23.29
N GLN Q 25 -1.47 -44.82 -24.61
CA GLN Q 25 -1.42 -46.15 -25.20
C GLN Q 25 -0.12 -46.87 -24.86
N GLN Q 26 0.92 -46.13 -24.49
CA GLN Q 26 2.18 -46.72 -24.11
C GLN Q 26 2.09 -47.24 -22.68
N GLU Q 27 1.98 -46.31 -21.73
CA GLU Q 27 1.87 -46.65 -20.32
C GLU Q 27 0.85 -47.76 -20.08
N GLN Q 28 -0.10 -47.95 -21.00
CA GLN Q 28 -1.13 -48.97 -20.85
C GLN Q 28 -0.63 -50.36 -21.16
N GLU Q 29 0.08 -50.51 -22.26
CA GLU Q 29 0.62 -51.79 -22.65
C GLU Q 29 2.00 -51.99 -22.04
N ALA Q 37 -6.22 -46.37 -15.38
CA ALA Q 37 -6.43 -45.88 -16.73
C ALA Q 37 -7.10 -44.53 -16.76
N ASP Q 38 -7.27 -43.99 -17.96
CA ASP Q 38 -7.98 -42.73 -18.17
C ASP Q 38 -8.83 -42.88 -19.44
N PRO Q 39 -10.14 -43.17 -19.30
CA PRO Q 39 -11.00 -43.24 -20.48
C PRO Q 39 -11.23 -41.91 -21.17
N GLU Q 40 -10.69 -40.80 -20.66
CA GLU Q 40 -10.72 -39.53 -21.37
C GLU Q 40 -9.63 -39.42 -22.42
N MET Q 41 -8.53 -40.18 -22.28
CA MET Q 41 -7.43 -40.14 -23.24
C MET Q 41 -7.46 -41.28 -24.25
N VAL Q 42 -8.09 -42.40 -23.93
CA VAL Q 42 -8.22 -43.47 -24.91
C VAL Q 42 -9.39 -43.17 -25.86
N THR Q 43 -10.51 -42.68 -25.34
CA THR Q 43 -11.59 -42.22 -26.22
C THR Q 43 -11.16 -41.03 -27.07
N LEU Q 44 -10.20 -40.24 -26.57
CA LEU Q 44 -9.65 -39.00 -27.13
C LEU Q 44 -9.66 -39.04 -28.66
N PRO Q 45 -10.66 -38.41 -29.29
CA PRO Q 45 -10.74 -38.43 -30.75
C PRO Q 45 -9.57 -37.70 -31.39
N LEU Q 46 -9.09 -38.24 -32.50
CA LEU Q 46 -7.90 -37.73 -33.16
C LEU Q 46 -8.26 -37.22 -34.55
N GLN Q 47 -7.80 -36.00 -34.87
CA GLN Q 47 -8.11 -35.40 -36.15
C GLN Q 47 -7.51 -36.23 -37.28
N PRO Q 48 -8.07 -36.11 -38.48
CA PRO Q 48 -7.63 -36.97 -39.59
C PRO Q 48 -6.67 -36.31 -40.56
N SER Q 49 -5.80 -37.12 -41.14
CA SER Q 49 -4.85 -36.73 -42.17
C SER Q 49 -4.18 -35.38 -41.88
N SER Q 50 -3.63 -35.24 -40.68
CA SER Q 50 -2.72 -34.15 -40.38
C SER Q 50 -1.40 -34.72 -39.87
N THR Q 51 -0.30 -34.10 -40.32
CA THR Q 51 1.03 -34.39 -39.80
C THR Q 51 1.10 -34.23 -38.29
N MET Q 52 0.34 -33.27 -37.74
CA MET Q 52 0.37 -33.00 -36.30
C MET Q 52 -0.02 -34.23 -35.50
N GLY Q 53 -0.84 -35.11 -36.08
CA GLY Q 53 -1.08 -36.41 -35.48
C GLY Q 53 0.15 -37.29 -35.52
N GLN Q 54 0.98 -37.12 -36.55
CA GLN Q 54 2.25 -37.84 -36.57
C GLN Q 54 3.33 -37.13 -35.77
N VAL Q 55 3.29 -35.78 -35.73
CA VAL Q 55 4.25 -35.03 -34.92
C VAL Q 55 4.13 -35.46 -33.47
N GLY Q 56 2.93 -35.31 -32.89
CA GLY Q 56 2.73 -35.73 -31.52
C GLY Q 56 2.94 -37.22 -31.31
N ARG Q 57 2.86 -38.00 -32.38
CA ARG Q 57 3.08 -39.44 -32.26
C ARG Q 57 4.56 -39.75 -32.08
N GLN Q 58 5.45 -39.08 -32.82
CA GLN Q 58 6.88 -39.37 -32.71
C GLN Q 58 7.51 -38.76 -31.47
N LEU Q 59 6.86 -37.82 -30.81
CA LEU Q 59 7.37 -37.23 -29.59
C LEU Q 59 6.87 -37.93 -28.33
N ALA Q 60 5.71 -38.58 -28.40
CA ALA Q 60 5.27 -39.44 -27.32
C ALA Q 60 6.03 -40.75 -27.29
N ILE Q 61 6.68 -41.13 -28.39
CA ILE Q 61 7.45 -42.36 -28.44
C ILE Q 61 8.94 -42.09 -28.15
N ILE Q 62 9.46 -40.93 -28.55
CA ILE Q 62 10.88 -40.66 -28.34
C ILE Q 62 11.08 -40.21 -26.90
N GLY Q 63 10.05 -40.35 -26.08
CA GLY Q 63 10.18 -39.91 -24.71
C GLY Q 63 9.87 -40.99 -23.70
N ASP Q 64 9.50 -42.19 -24.14
CA ASP Q 64 9.08 -43.24 -23.21
C ASP Q 64 10.25 -43.96 -22.54
N ASP Q 65 11.49 -43.58 -22.84
CA ASP Q 65 12.65 -44.17 -22.17
C ASP Q 65 12.89 -43.46 -20.85
N ILE Q 66 13.09 -42.15 -20.92
CA ILE Q 66 13.44 -41.36 -19.76
C ILE Q 66 12.21 -41.07 -18.89
N ASN Q 67 11.01 -40.98 -19.49
CA ASN Q 67 9.78 -40.68 -18.74
C ASN Q 67 9.35 -41.87 -17.89
N ARG Q 68 9.12 -43.02 -18.53
CA ARG Q 68 8.61 -44.22 -17.89
C ARG Q 68 9.33 -44.56 -16.58
N ARG Q 69 10.53 -44.01 -16.36
CA ARG Q 69 11.34 -44.17 -15.17
C ARG Q 69 10.99 -43.18 -14.08
N TYR Q 70 10.89 -41.90 -14.44
CA TYR Q 70 10.69 -40.80 -13.51
C TYR Q 70 9.24 -40.65 -13.07
N ASP Q 71 8.38 -41.61 -13.41
CA ASP Q 71 6.96 -41.48 -13.12
C ASP Q 71 6.70 -41.37 -11.61
N SER Q 72 7.20 -42.34 -10.83
CA SER Q 72 6.94 -42.36 -9.40
C SER Q 72 7.51 -41.13 -8.71
N GLU Q 73 8.71 -40.71 -9.12
CA GLU Q 73 9.31 -39.49 -8.59
C GLU Q 73 8.39 -38.30 -8.78
N PHE Q 74 7.74 -38.22 -9.93
CA PHE Q 74 6.93 -37.05 -10.25
C PHE Q 74 5.58 -37.08 -9.55
N GLN Q 75 4.82 -38.15 -9.75
CA GLN Q 75 3.45 -38.18 -9.25
C GLN Q 75 3.40 -38.04 -7.75
N THR Q 76 4.47 -38.45 -7.05
CA THR Q 76 4.51 -38.27 -5.61
C THR Q 76 4.48 -36.79 -5.26
N MET Q 77 5.03 -35.93 -6.14
CA MET Q 77 5.04 -34.49 -5.90
C MET Q 77 3.69 -33.84 -6.19
N LEU Q 78 2.92 -34.36 -7.14
CA LEU Q 78 1.61 -33.81 -7.45
C LEU Q 78 0.55 -34.19 -6.43
N GLN Q 79 0.82 -35.22 -5.63
CA GLN Q 79 0.00 -35.55 -4.46
C GLN Q 79 0.39 -34.75 -3.24
N HIS Q 80 1.57 -34.14 -3.25
CA HIS Q 80 1.95 -33.13 -2.27
C HIS Q 80 1.50 -31.74 -2.71
N LEU Q 81 1.50 -31.50 -4.02
CA LEU Q 81 1.05 -30.24 -4.58
C LEU Q 81 -0.47 -30.15 -4.66
N GLN Q 82 -1.12 -31.27 -4.98
CA GLN Q 82 -2.57 -31.43 -5.07
C GLN Q 82 -3.23 -30.23 -5.74
N PRO Q 83 -3.31 -30.22 -7.06
CA PRO Q 83 -3.85 -29.08 -7.79
C PRO Q 83 -5.34 -29.23 -8.05
N THR Q 84 -6.02 -28.08 -8.12
CA THR Q 84 -7.46 -28.10 -8.29
C THR Q 84 -7.83 -27.50 -9.64
N ALA Q 85 -9.13 -27.54 -9.93
CA ALA Q 85 -9.65 -26.97 -11.15
C ALA Q 85 -9.47 -25.46 -11.21
N GLU Q 86 -9.08 -24.84 -10.10
CA GLU Q 86 -8.92 -23.39 -9.99
C GLU Q 86 -7.48 -22.93 -9.94
N ASN Q 87 -6.59 -23.68 -9.31
CA ASN Q 87 -5.17 -23.33 -9.28
C ASN Q 87 -4.37 -24.05 -10.35
N ALA Q 88 -5.01 -24.83 -11.22
CA ALA Q 88 -4.27 -25.61 -12.20
C ALA Q 88 -3.45 -24.73 -13.13
N TYR Q 89 -3.99 -23.58 -13.52
CA TYR Q 89 -3.29 -22.70 -14.46
C TYR Q 89 -2.13 -21.97 -13.79
N GLU Q 90 -2.35 -21.49 -12.56
CA GLU Q 90 -1.30 -20.87 -11.77
C GLU Q 90 -0.10 -21.81 -11.67
N TYR Q 91 -0.33 -23.10 -11.43
CA TYR Q 91 0.76 -24.04 -11.26
C TYR Q 91 1.45 -24.33 -12.59
N PHE Q 92 0.68 -24.81 -13.57
CA PHE Q 92 1.25 -25.23 -14.85
C PHE Q 92 2.06 -24.12 -15.47
N THR Q 93 1.55 -22.89 -15.43
CA THR Q 93 2.35 -21.76 -15.88
C THR Q 93 3.62 -21.65 -15.07
N LYS Q 94 3.51 -21.75 -13.74
CA LYS Q 94 4.65 -21.46 -12.86
C LYS Q 94 5.71 -22.56 -12.91
N ILE Q 95 5.30 -23.81 -13.10
CA ILE Q 95 6.30 -24.86 -13.28
C ILE Q 95 7.02 -24.66 -14.61
N ALA Q 96 6.24 -24.63 -15.70
CA ALA Q 96 6.81 -24.56 -17.03
C ALA Q 96 7.59 -23.27 -17.24
N THR Q 97 7.26 -22.22 -16.48
CA THR Q 97 7.98 -20.95 -16.56
C THR Q 97 9.44 -21.13 -16.12
N SER Q 98 9.67 -21.72 -14.96
CA SER Q 98 11.04 -21.92 -14.49
C SER Q 98 11.77 -22.95 -15.34
N LEU Q 99 11.05 -23.99 -15.76
CA LEU Q 99 11.52 -25.04 -16.64
C LEU Q 99 12.31 -24.46 -17.80
N PHE Q 100 11.93 -23.24 -18.20
CA PHE Q 100 12.42 -22.60 -19.39
C PHE Q 100 13.26 -21.35 -19.13
N GLU Q 101 13.36 -20.91 -17.87
CA GLU Q 101 14.22 -19.80 -17.49
C GLU Q 101 15.71 -20.17 -17.44
N SER Q 102 16.04 -21.46 -17.52
CA SER Q 102 17.42 -21.84 -17.82
C SER Q 102 17.70 -21.77 -19.30
N GLY Q 103 16.72 -22.06 -20.13
CA GLY Q 103 16.95 -22.13 -21.55
C GLY Q 103 16.00 -23.11 -22.21
N ILE Q 104 16.15 -23.22 -23.52
CA ILE Q 104 15.14 -23.84 -24.37
C ILE Q 104 15.83 -24.77 -25.37
N ASN Q 105 15.40 -26.04 -25.39
CA ASN Q 105 15.87 -26.97 -26.40
C ASN Q 105 14.73 -27.92 -26.71
N TRP Q 106 14.93 -28.74 -27.77
CA TRP Q 106 13.90 -29.66 -28.27
C TRP Q 106 13.59 -30.78 -27.29
N GLY Q 107 14.48 -31.07 -26.36
CA GLY Q 107 14.12 -31.96 -25.30
C GLY Q 107 13.13 -31.33 -24.36
N ARG Q 108 13.24 -30.03 -24.16
CA ARG Q 108 12.40 -29.42 -23.14
C ARG Q 108 10.97 -29.14 -23.63
N VAL Q 109 10.74 -29.17 -24.94
CA VAL Q 109 9.39 -28.96 -25.47
C VAL Q 109 8.62 -30.27 -25.46
N VAL Q 110 9.29 -31.37 -25.74
CA VAL Q 110 8.66 -32.66 -25.51
C VAL Q 110 8.53 -32.92 -24.02
N ALA Q 111 9.46 -32.37 -23.21
CA ALA Q 111 9.35 -32.41 -21.75
C ALA Q 111 8.16 -31.61 -21.24
N LEU Q 112 7.83 -30.47 -21.87
CA LEU Q 112 6.64 -29.72 -21.47
C LEU Q 112 5.39 -30.54 -21.70
N LEU Q 113 5.11 -30.88 -22.98
CA LEU Q 113 3.93 -31.68 -23.32
C LEU Q 113 3.81 -32.91 -22.45
N GLY Q 114 4.95 -33.41 -21.95
CA GLY Q 114 4.95 -34.58 -21.09
C GLY Q 114 4.31 -34.31 -19.74
N PHE Q 115 4.46 -33.09 -19.23
CA PHE Q 115 3.81 -32.73 -17.97
C PHE Q 115 2.30 -32.50 -18.14
N GLY Q 116 1.89 -32.05 -19.33
CA GLY Q 116 0.46 -32.01 -19.64
C GLY Q 116 -0.17 -33.39 -19.66
N TYR Q 117 0.54 -34.38 -20.21
CA TYR Q 117 0.08 -35.76 -20.15
C TYR Q 117 -0.17 -36.18 -18.71
N ARG Q 118 0.80 -35.95 -17.83
CA ARG Q 118 0.66 -36.39 -16.46
C ARG Q 118 -0.28 -35.50 -15.66
N LEU Q 119 -0.18 -34.17 -15.79
CA LEU Q 119 -1.10 -33.32 -15.03
C LEU Q 119 -2.55 -33.68 -15.34
N ALA Q 120 -2.88 -33.80 -16.63
CA ALA Q 120 -4.22 -34.22 -17.06
C ALA Q 120 -4.56 -35.63 -16.60
N LEU Q 121 -3.57 -36.37 -16.10
CA LEU Q 121 -3.72 -37.75 -15.63
C LEU Q 121 -3.74 -37.85 -14.12
N HIS Q 122 -3.01 -37.00 -13.42
CA HIS Q 122 -3.06 -37.03 -11.95
C HIS Q 122 -4.41 -36.54 -11.44
N VAL Q 123 -4.99 -35.55 -12.09
CA VAL Q 123 -6.28 -35.04 -11.63
C VAL Q 123 -7.41 -35.96 -12.04
N TYR Q 124 -7.30 -36.63 -13.19
CA TYR Q 124 -8.25 -37.68 -13.55
C TYR Q 124 -8.21 -38.79 -12.52
N GLN Q 125 -7.01 -39.22 -12.16
CA GLN Q 125 -6.81 -40.21 -11.11
C GLN Q 125 -7.11 -39.65 -9.73
N HIS Q 126 -7.39 -38.35 -9.59
CA HIS Q 126 -7.83 -37.78 -8.32
C HIS Q 126 -9.27 -37.30 -8.35
N GLY Q 127 -10.00 -37.53 -9.44
CA GLY Q 127 -11.40 -37.20 -9.48
C GLY Q 127 -11.77 -35.96 -10.27
N LEU Q 128 -10.87 -35.44 -11.11
CA LEU Q 128 -11.13 -34.23 -11.88
C LEU Q 128 -11.42 -34.63 -13.32
N THR Q 129 -12.67 -35.00 -13.57
CA THR Q 129 -13.13 -35.43 -14.86
C THR Q 129 -13.33 -34.24 -15.79
N GLY Q 130 -13.31 -34.51 -17.09
CA GLY Q 130 -13.61 -33.49 -18.08
C GLY Q 130 -12.66 -32.32 -18.04
N PHE Q 131 -11.44 -32.54 -17.60
CA PHE Q 131 -10.43 -31.50 -17.60
C PHE Q 131 -9.41 -31.65 -18.72
N LEU Q 132 -9.44 -32.77 -19.46
CA LEU Q 132 -8.44 -32.98 -20.49
C LEU Q 132 -8.51 -31.93 -21.59
N GLY Q 133 -9.68 -31.30 -21.75
CA GLY Q 133 -9.77 -30.23 -22.71
C GLY Q 133 -9.15 -28.94 -22.24
N GLN Q 134 -9.08 -28.73 -20.91
CA GLN Q 134 -8.37 -27.56 -20.39
C GLN Q 134 -6.85 -27.74 -20.35
N VAL Q 135 -6.36 -28.98 -20.22
CA VAL Q 135 -4.92 -29.18 -20.17
C VAL Q 135 -4.26 -28.83 -21.51
N THR Q 136 -4.96 -29.06 -22.62
CA THR Q 136 -4.46 -28.63 -23.93
C THR Q 136 -4.38 -27.11 -24.01
N ARG Q 137 -5.35 -26.44 -23.42
CA ARG Q 137 -5.36 -24.98 -23.41
C ARG Q 137 -4.17 -24.45 -22.64
N PHE Q 138 -3.89 -25.03 -21.46
CA PHE Q 138 -2.70 -24.67 -20.69
C PHE Q 138 -1.45 -24.71 -21.57
N VAL Q 139 -1.30 -25.81 -22.31
CA VAL Q 139 -0.21 -25.95 -23.28
C VAL Q 139 -0.30 -24.84 -24.33
N VAL Q 140 -1.46 -24.70 -24.98
CA VAL Q 140 -1.61 -23.77 -26.10
C VAL Q 140 -1.47 -22.33 -25.64
N ASP Q 141 -1.96 -22.02 -24.45
CA ASP Q 141 -1.81 -20.66 -23.96
C ASP Q 141 -0.39 -20.35 -23.50
N PHE Q 142 0.18 -21.20 -22.64
CA PHE Q 142 1.52 -20.93 -22.11
C PHE Q 142 2.54 -20.72 -23.23
N MET Q 143 2.41 -21.43 -24.35
CA MET Q 143 3.47 -21.43 -25.35
C MET Q 143 3.51 -20.17 -26.18
N LEU Q 144 2.34 -19.70 -26.63
CA LEU Q 144 2.29 -18.44 -27.36
C LEU Q 144 2.65 -17.26 -26.46
N HIS Q 145 2.06 -17.19 -25.26
CA HIS Q 145 2.27 -16.08 -24.34
C HIS Q 145 3.66 -16.07 -23.72
N HIS Q 146 4.40 -17.16 -23.82
CA HIS Q 146 5.77 -17.23 -23.34
C HIS Q 146 6.69 -17.71 -24.45
N SER Q 147 6.45 -17.24 -25.68
CA SER Q 147 7.41 -17.29 -26.77
C SER Q 147 7.91 -18.71 -27.03
N ILE Q 148 6.98 -19.65 -27.13
CA ILE Q 148 7.39 -21.02 -27.49
C ILE Q 148 6.75 -21.44 -28.81
N ALA Q 149 5.55 -20.90 -29.10
CA ALA Q 149 4.99 -21.04 -30.44
C ALA Q 149 5.88 -20.35 -31.47
N ARG Q 150 6.51 -19.24 -31.09
CA ARG Q 150 7.38 -18.56 -32.03
C ARG Q 150 8.68 -19.30 -32.25
N TRP Q 151 9.36 -19.71 -31.17
CA TRP Q 151 10.63 -20.41 -31.32
C TRP Q 151 10.48 -21.67 -32.17
N ILE Q 152 9.35 -22.36 -32.02
CA ILE Q 152 9.09 -23.53 -32.84
C ILE Q 152 8.85 -23.11 -34.28
N ALA Q 153 8.27 -21.93 -34.48
CA ALA Q 153 8.00 -21.44 -35.83
C ALA Q 153 9.27 -21.10 -36.59
N GLN Q 154 10.32 -20.64 -35.90
CA GLN Q 154 11.58 -20.28 -36.54
C GLN Q 154 12.24 -21.45 -37.26
N ARG Q 155 11.76 -22.68 -37.04
CA ARG Q 155 12.24 -23.87 -37.72
C ARG Q 155 11.37 -24.35 -38.85
N GLY Q 156 10.07 -24.16 -38.76
CA GLY Q 156 9.16 -24.64 -39.79
C GLY Q 156 7.85 -25.13 -39.21
N GLY Q 157 7.69 -25.03 -37.89
CA GLY Q 157 6.53 -25.56 -37.19
C GLY Q 157 6.87 -26.79 -36.37
N TRP Q 158 5.82 -27.47 -35.91
CA TRP Q 158 6.01 -28.78 -35.26
C TRP Q 158 6.50 -29.85 -36.23
N VAL Q 159 6.40 -29.61 -37.54
CA VAL Q 159 6.68 -30.67 -38.50
C VAL Q 159 8.15 -31.03 -38.50
N ALA Q 160 9.04 -30.05 -38.30
CA ALA Q 160 10.47 -30.33 -38.25
C ALA Q 160 10.80 -31.44 -37.26
N ALA Q 161 10.05 -31.51 -36.16
CA ALA Q 161 10.21 -32.53 -35.12
C ALA Q 161 10.02 -33.96 -35.65
N GLU R 4 30.75 -24.46 -46.12
CA GLU R 4 29.56 -24.97 -45.46
C GLU R 4 29.93 -26.00 -44.39
N GLU R 5 30.86 -26.86 -44.76
CA GLU R 5 31.32 -27.93 -43.87
C GLU R 5 32.12 -27.36 -42.71
N ILE R 6 33.23 -26.68 -43.03
CA ILE R 6 34.03 -25.88 -42.10
C ILE R 6 33.13 -25.04 -41.19
N ILE R 7 32.34 -24.16 -41.81
CA ILE R 7 31.29 -23.39 -41.15
C ILE R 7 30.55 -24.19 -40.09
N HIS R 8 30.13 -25.40 -40.44
CA HIS R 8 29.36 -26.23 -39.54
C HIS R 8 30.20 -26.78 -38.39
N LYS R 9 31.48 -27.06 -38.64
CA LYS R 9 32.36 -27.58 -37.59
C LYS R 9 32.70 -26.53 -36.55
N LEU R 10 32.47 -25.25 -36.86
CA LEU R 10 32.64 -24.21 -35.87
C LEU R 10 31.41 -24.09 -34.98
N ALA R 11 30.21 -24.24 -35.55
CA ALA R 11 28.99 -24.03 -34.77
C ALA R 11 28.78 -25.12 -33.72
N MET R 12 29.04 -26.38 -34.09
CA MET R 12 28.86 -27.52 -33.19
C MET R 12 29.83 -27.47 -32.01
N GLN R 13 31.09 -27.11 -32.26
CA GLN R 13 32.06 -26.98 -31.19
C GLN R 13 31.73 -25.80 -30.29
N LEU R 14 31.07 -24.79 -30.84
CA LEU R 14 30.56 -23.71 -30.01
C LEU R 14 29.42 -24.19 -29.10
N ARG R 15 28.66 -25.20 -29.54
CA ARG R 15 27.63 -25.81 -28.70
C ARG R 15 28.25 -26.53 -27.53
N HIS R 16 29.28 -27.34 -27.79
CA HIS R 16 29.99 -28.02 -26.71
C HIS R 16 30.64 -27.03 -25.76
N ILE R 17 31.29 -26.00 -26.30
CA ILE R 17 31.72 -24.89 -25.45
C ILE R 17 30.54 -24.29 -24.71
N GLY R 18 29.42 -24.12 -25.42
CA GLY R 18 28.26 -23.45 -24.84
C GLY R 18 27.55 -24.27 -23.79
N ASP R 19 27.38 -25.57 -24.02
CA ASP R 19 26.73 -26.40 -23.01
C ASP R 19 27.65 -26.67 -21.83
N ASN R 20 28.94 -26.89 -22.07
CA ASN R 20 29.87 -27.07 -20.95
C ASN R 20 29.86 -25.86 -20.05
N ILE R 21 30.14 -24.69 -20.62
CA ILE R 21 30.05 -23.43 -19.89
C ILE R 21 28.64 -23.19 -19.37
N ASP R 22 27.64 -23.76 -20.04
CA ASP R 22 26.29 -23.58 -19.55
C ASP R 22 26.18 -24.07 -18.12
N HIS R 23 26.88 -25.15 -17.78
CA HIS R 23 26.66 -25.81 -16.50
C HIS R 23 27.43 -25.20 -15.34
N ARG R 24 28.38 -24.29 -15.60
CA ARG R 24 29.07 -23.58 -14.52
C ARG R 24 28.24 -22.41 -14.01
N MET R 25 27.59 -21.71 -14.94
CA MET R 25 26.68 -20.64 -14.58
C MET R 25 25.35 -21.18 -14.06
N VAL R 26 25.11 -22.49 -14.19
CA VAL R 26 24.09 -23.19 -13.42
C VAL R 26 24.68 -23.61 -12.05
N MET S 3 -16.16 -16.57 0.61
CA MET S 3 -16.92 -17.81 0.50
C MET S 3 -18.26 -17.70 1.21
N SER S 4 -19.33 -17.68 0.44
CA SER S 4 -20.66 -17.59 1.04
C SER S 4 -21.11 -18.96 1.51
N GLU S 5 -21.83 -18.99 2.62
CA GLU S 5 -22.36 -20.28 3.09
C GLU S 5 -23.29 -20.90 2.07
N GLU S 6 -23.96 -20.08 1.27
CA GLU S 6 -24.81 -20.61 0.22
C GLU S 6 -24.04 -21.44 -0.78
N GLN S 7 -22.79 -21.07 -1.06
CA GLN S 7 -22.00 -21.80 -2.06
C GLN S 7 -21.51 -23.11 -1.48
N VAL S 8 -21.19 -23.15 -0.19
CA VAL S 8 -20.80 -24.40 0.44
C VAL S 8 -21.94 -25.40 0.32
N ALA S 9 -23.18 -24.97 0.55
CA ALA S 9 -24.32 -25.89 0.54
C ALA S 9 -24.65 -26.39 -0.87
N GLN S 10 -24.55 -25.52 -1.88
CA GLN S 10 -24.73 -25.98 -3.25
C GLN S 10 -23.61 -26.93 -3.66
N ASP S 11 -22.39 -26.68 -3.15
CA ASP S 11 -21.24 -27.54 -3.46
C ASP S 11 -21.37 -28.89 -2.75
N THR S 12 -22.11 -28.94 -1.64
CA THR S 12 -22.32 -30.16 -0.89
C THR S 12 -23.05 -31.21 -1.72
N GLU S 13 -23.78 -30.77 -2.72
CA GLU S 13 -24.30 -31.70 -3.72
C GLU S 13 -23.20 -32.59 -4.27
N GLU S 14 -22.19 -31.95 -4.84
CA GLU S 14 -21.06 -32.64 -5.45
C GLU S 14 -20.17 -33.39 -4.48
N VAL S 15 -19.90 -32.82 -3.32
CA VAL S 15 -19.03 -33.51 -2.37
C VAL S 15 -19.67 -34.83 -1.95
N PHE S 16 -20.97 -34.84 -1.67
CA PHE S 16 -21.62 -36.06 -1.18
C PHE S 16 -21.78 -37.10 -2.29
N ARG S 17 -22.27 -36.66 -3.44
CA ARG S 17 -22.47 -37.55 -4.58
C ARG S 17 -21.14 -38.25 -4.83
N SER S 18 -20.09 -37.46 -4.97
CA SER S 18 -18.75 -37.99 -5.17
C SER S 18 -18.24 -38.73 -3.94
N TYR S 19 -18.67 -38.35 -2.74
CA TYR S 19 -18.32 -39.13 -1.56
C TYR S 19 -18.88 -40.55 -1.68
N VAL S 20 -20.16 -40.66 -2.03
CA VAL S 20 -20.78 -41.97 -2.11
C VAL S 20 -20.14 -42.79 -3.22
N PHE S 21 -19.95 -42.17 -4.38
CA PHE S 21 -19.42 -42.87 -5.55
C PHE S 21 -18.00 -43.35 -5.31
N TYR S 22 -17.14 -42.47 -4.78
CA TYR S 22 -15.73 -42.84 -4.61
C TYR S 22 -15.49 -43.75 -3.41
N ARG S 23 -16.34 -43.66 -2.37
CA ARG S 23 -16.23 -44.62 -1.28
C ARG S 23 -16.82 -45.95 -1.68
N HIS S 24 -17.94 -45.94 -2.41
CA HIS S 24 -18.54 -47.18 -2.89
C HIS S 24 -17.56 -47.93 -3.78
N GLN S 25 -16.81 -47.18 -4.58
CA GLN S 25 -15.82 -47.79 -5.45
C GLN S 25 -14.74 -48.52 -4.67
N GLN S 26 -14.51 -48.16 -3.42
CA GLN S 26 -13.54 -48.88 -2.60
C GLN S 26 -14.20 -49.96 -1.76
N GLU S 27 -15.40 -49.67 -1.23
CA GLU S 27 -16.10 -50.69 -0.47
C GLU S 27 -16.60 -51.82 -1.34
N GLN S 28 -16.61 -51.64 -2.66
CA GLN S 28 -16.96 -52.71 -3.59
C GLN S 28 -15.75 -53.52 -4.05
N GLU S 29 -14.57 -53.25 -3.50
CA GLU S 29 -13.38 -54.02 -3.87
C GLU S 29 -12.58 -54.42 -2.63
N ALA S 37 -24.15 -54.86 -3.91
CA ALA S 37 -23.75 -53.51 -4.30
C ALA S 37 -24.96 -52.62 -4.51
N ASP S 38 -24.72 -51.34 -4.73
CA ASP S 38 -25.82 -50.41 -4.89
C ASP S 38 -25.82 -49.94 -6.32
N PRO S 39 -26.90 -50.17 -7.04
CA PRO S 39 -26.88 -49.72 -8.44
C PRO S 39 -26.88 -48.20 -8.55
N GLU S 40 -27.64 -47.53 -7.69
CA GLU S 40 -27.72 -46.07 -7.72
C GLU S 40 -26.39 -45.39 -7.39
N MET S 41 -25.55 -46.06 -6.60
CA MET S 41 -24.26 -45.51 -6.21
C MET S 41 -23.12 -45.90 -7.13
N VAL S 42 -23.23 -47.02 -7.84
CA VAL S 42 -22.26 -47.33 -8.89
C VAL S 42 -22.50 -46.42 -10.08
N THR S 43 -23.69 -46.52 -10.67
CA THR S 43 -24.05 -45.70 -11.82
C THR S 43 -24.11 -44.21 -11.51
N LEU S 44 -23.84 -43.87 -10.25
CA LEU S 44 -23.86 -42.49 -9.78
C LEU S 44 -23.05 -41.59 -10.71
N PRO S 45 -23.65 -40.54 -11.27
CA PRO S 45 -22.90 -39.62 -12.12
C PRO S 45 -22.33 -38.46 -11.33
N LEU S 46 -21.20 -37.95 -11.82
CA LEU S 46 -20.49 -36.84 -11.19
C LEU S 46 -20.26 -35.76 -12.23
N GLN S 47 -20.63 -34.52 -11.89
CA GLN S 47 -20.43 -33.42 -12.82
C GLN S 47 -18.96 -33.40 -13.22
N PRO S 48 -18.65 -32.84 -14.39
CA PRO S 48 -17.26 -32.81 -14.84
C PRO S 48 -16.55 -31.51 -14.50
N SER S 49 -15.26 -31.67 -14.21
CA SER S 49 -14.38 -30.55 -13.85
C SER S 49 -14.92 -29.76 -12.68
N SER S 50 -15.19 -30.48 -11.60
CA SER S 50 -15.56 -29.86 -10.34
C SER S 50 -14.46 -30.15 -9.32
N THR S 51 -14.21 -29.19 -8.45
CA THR S 51 -13.34 -29.44 -7.31
C THR S 51 -14.04 -30.24 -6.23
N MET S 52 -15.34 -30.08 -6.10
CA MET S 52 -16.11 -30.88 -5.17
C MET S 52 -16.13 -32.35 -5.55
N GLY S 53 -15.56 -32.68 -6.71
CA GLY S 53 -15.41 -34.05 -7.19
C GLY S 53 -14.14 -34.69 -6.68
N GLN S 54 -13.02 -33.98 -6.80
CA GLN S 54 -11.84 -34.41 -6.05
C GLN S 54 -12.06 -34.33 -4.55
N VAL S 55 -12.77 -33.33 -4.05
CA VAL S 55 -13.05 -33.26 -2.62
C VAL S 55 -13.86 -34.46 -2.18
N GLY S 56 -14.90 -34.79 -2.91
CA GLY S 56 -15.58 -36.02 -2.59
C GLY S 56 -14.57 -37.16 -2.55
N ARG S 57 -13.56 -37.15 -3.42
CA ARG S 57 -12.63 -38.28 -3.52
C ARG S 57 -11.74 -38.39 -2.29
N GLN S 58 -11.34 -37.25 -1.75
CA GLN S 58 -10.35 -37.23 -0.69
C GLN S 58 -10.96 -37.58 0.65
N LEU S 59 -12.22 -37.22 0.85
CA LEU S 59 -12.86 -37.46 2.14
C LEU S 59 -13.23 -38.94 2.24
N ALA S 60 -13.44 -39.59 1.10
CA ALA S 60 -13.84 -41.00 1.11
C ALA S 60 -12.67 -41.94 1.22
N ILE S 61 -11.45 -41.44 1.01
CA ILE S 61 -10.27 -42.29 1.05
C ILE S 61 -9.52 -42.19 2.37
N ILE S 62 -9.77 -41.15 3.16
CA ILE S 62 -8.96 -40.87 4.35
C ILE S 62 -9.26 -41.86 5.47
N GLY S 63 -10.45 -41.80 6.04
CA GLY S 63 -10.67 -42.68 7.17
C GLY S 63 -11.26 -44.02 6.81
N ASP S 64 -10.72 -44.70 5.78
CA ASP S 64 -11.29 -45.97 5.31
C ASP S 64 -11.43 -46.93 6.46
N ASP S 65 -10.33 -47.14 7.21
CA ASP S 65 -10.38 -48.09 8.31
C ASP S 65 -11.20 -47.56 9.47
N ILE S 66 -11.11 -46.27 9.78
CA ILE S 66 -12.03 -45.71 10.76
C ILE S 66 -13.50 -45.82 10.33
N ASN S 67 -13.77 -46.32 9.11
CA ASN S 67 -15.11 -46.62 8.58
C ASN S 67 -15.37 -48.11 8.45
N ARG S 68 -14.34 -48.86 8.04
CA ARG S 68 -14.47 -50.32 7.95
C ARG S 68 -14.29 -50.98 9.32
N ARG S 69 -14.15 -50.16 10.36
CA ARG S 69 -13.96 -50.63 11.74
C ARG S 69 -15.28 -50.72 12.51
N TYR S 70 -16.37 -50.19 11.96
CA TYR S 70 -17.63 -50.09 12.70
C TYR S 70 -18.83 -50.57 11.91
N ASP S 71 -18.61 -51.42 10.89
CA ASP S 71 -19.70 -51.83 10.01
C ASP S 71 -20.71 -52.69 10.77
N SER S 72 -20.22 -53.62 11.60
CA SER S 72 -21.11 -54.45 12.40
C SER S 72 -21.95 -53.58 13.34
N GLU S 73 -21.30 -52.83 14.22
CA GLU S 73 -22.03 -51.98 15.16
C GLU S 73 -23.01 -51.05 14.45
N PHE S 74 -22.59 -50.44 13.33
CA PHE S 74 -23.43 -49.47 12.65
C PHE S 74 -24.60 -50.13 11.91
N GLN S 75 -24.30 -51.10 11.03
CA GLN S 75 -25.36 -51.73 10.26
C GLN S 75 -26.28 -52.60 11.12
N THR S 76 -25.98 -52.75 12.41
CA THR S 76 -26.85 -53.41 13.38
C THR S 76 -27.86 -52.45 13.99
N MET S 77 -27.44 -51.23 14.33
CA MET S 77 -28.36 -50.28 14.96
C MET S 77 -29.28 -49.64 13.93
N LEU S 78 -28.78 -49.39 12.71
CA LEU S 78 -29.65 -48.83 11.67
C LEU S 78 -30.74 -49.82 11.26
N GLN S 79 -30.58 -51.11 11.55
CA GLN S 79 -31.62 -52.09 11.27
C GLN S 79 -32.68 -52.18 12.36
N HIS S 80 -32.33 -52.09 13.64
CA HIS S 80 -33.42 -51.98 14.61
C HIS S 80 -34.15 -50.66 14.44
N LEU S 81 -33.42 -49.58 14.13
CA LEU S 81 -34.11 -48.32 13.93
C LEU S 81 -35.05 -48.38 12.74
N GLN S 82 -34.74 -49.22 11.75
CA GLN S 82 -35.54 -49.44 10.54
C GLN S 82 -36.06 -48.15 9.93
N PRO S 83 -35.18 -47.36 9.33
CA PRO S 83 -35.62 -46.08 8.76
C PRO S 83 -36.59 -46.29 7.60
N THR S 84 -37.53 -45.35 7.48
CA THR S 84 -38.49 -45.36 6.39
C THR S 84 -38.39 -44.04 5.63
N ALA S 85 -39.21 -43.93 4.58
CA ALA S 85 -39.21 -42.71 3.78
C ALA S 85 -40.03 -41.59 4.39
N GLU S 86 -40.60 -41.78 5.57
CA GLU S 86 -41.41 -40.76 6.22
C GLU S 86 -40.67 -40.11 7.37
N ASN S 87 -40.05 -40.90 8.23
CA ASN S 87 -39.29 -40.41 9.36
C ASN S 87 -37.82 -40.23 9.04
N ALA S 88 -37.39 -40.56 7.82
CA ALA S 88 -35.99 -40.50 7.47
C ALA S 88 -35.36 -39.18 7.88
N TYR S 89 -35.92 -38.07 7.39
CA TYR S 89 -35.32 -36.77 7.66
C TYR S 89 -35.32 -36.45 9.15
N GLU S 90 -36.42 -36.74 9.84
CA GLU S 90 -36.47 -36.53 11.28
C GLU S 90 -35.29 -37.20 11.99
N TYR S 91 -35.16 -38.51 11.81
CA TYR S 91 -34.01 -39.24 12.34
C TYR S 91 -32.69 -38.63 11.90
N PHE S 92 -32.59 -38.25 10.61
CA PHE S 92 -31.34 -37.69 10.11
C PHE S 92 -30.96 -36.46 10.92
N THR S 93 -31.92 -35.58 11.16
CA THR S 93 -31.63 -34.38 11.94
C THR S 93 -31.57 -34.64 13.43
N LYS S 94 -32.38 -35.58 13.94
CA LYS S 94 -32.35 -35.89 15.36
C LYS S 94 -30.99 -36.47 15.78
N ILE S 95 -30.43 -37.33 14.92
CA ILE S 95 -29.10 -37.91 15.12
C ILE S 95 -28.03 -36.86 14.92
N ALA S 96 -28.08 -36.13 13.81
CA ALA S 96 -27.04 -35.17 13.43
C ALA S 96 -26.95 -33.99 14.37
N THR S 97 -27.99 -33.71 15.17
CA THR S 97 -27.89 -32.60 16.12
C THR S 97 -26.93 -32.96 17.25
N SER S 98 -27.05 -34.16 17.81
CA SER S 98 -26.17 -34.62 18.89
C SER S 98 -24.73 -34.74 18.44
N LEU S 99 -24.46 -34.73 17.14
CA LEU S 99 -23.11 -35.01 16.66
C LEU S 99 -22.18 -33.84 16.86
N PHE S 100 -22.63 -32.65 16.46
CA PHE S 100 -21.87 -31.41 16.57
C PHE S 100 -22.23 -30.63 17.80
N GLU S 101 -23.15 -31.14 18.63
CA GLU S 101 -23.49 -30.46 19.86
C GLU S 101 -22.32 -30.50 20.84
N SER S 102 -21.47 -31.52 20.75
CA SER S 102 -20.26 -31.53 21.55
C SER S 102 -19.21 -30.60 21.00
N GLY S 103 -19.32 -30.22 19.73
CA GLY S 103 -18.30 -29.42 19.10
C GLY S 103 -18.17 -29.77 17.63
N ILE S 104 -17.47 -28.90 16.92
CA ILE S 104 -17.26 -29.02 15.49
C ILE S 104 -15.80 -29.33 15.22
N ASN S 105 -15.57 -30.22 14.26
CA ASN S 105 -14.27 -30.37 13.64
C ASN S 105 -14.54 -30.91 12.24
N TRP S 106 -13.48 -31.14 11.48
CA TRP S 106 -13.67 -31.69 10.14
C TRP S 106 -13.93 -33.20 10.13
N GLY S 107 -13.35 -33.95 11.06
CA GLY S 107 -13.62 -35.38 11.10
C GLY S 107 -15.08 -35.68 11.36
N ARG S 108 -15.74 -34.87 12.19
CA ARG S 108 -17.17 -35.04 12.40
C ARG S 108 -17.97 -34.59 11.18
N VAL S 109 -17.40 -33.73 10.35
CA VAL S 109 -18.01 -33.32 9.09
C VAL S 109 -17.90 -34.42 8.05
N VAL S 110 -16.77 -35.11 8.00
CA VAL S 110 -16.72 -36.33 7.22
C VAL S 110 -17.58 -37.42 7.86
N ALA S 111 -17.72 -37.41 9.19
CA ALA S 111 -18.57 -38.38 9.88
C ALA S 111 -20.05 -38.16 9.58
N LEU S 112 -20.46 -36.90 9.37
CA LEU S 112 -21.84 -36.60 8.94
C LEU S 112 -22.13 -37.20 7.57
N LEU S 113 -21.34 -36.83 6.57
CA LEU S 113 -21.43 -37.47 5.25
C LEU S 113 -21.41 -38.99 5.35
N GLY S 114 -20.38 -39.54 6.01
CA GLY S 114 -20.21 -40.99 6.04
C GLY S 114 -21.46 -41.72 6.47
N PHE S 115 -22.23 -41.11 7.38
CA PHE S 115 -23.47 -41.72 7.82
C PHE S 115 -24.53 -41.69 6.72
N GLY S 116 -24.54 -40.62 5.92
CA GLY S 116 -25.49 -40.55 4.82
C GLY S 116 -25.27 -41.67 3.82
N TYR S 117 -24.01 -41.83 3.39
CA TYR S 117 -23.64 -43.00 2.61
C TYR S 117 -24.12 -44.29 3.28
N ARG S 118 -24.01 -44.38 4.61
CA ARG S 118 -24.49 -45.54 5.37
C ARG S 118 -25.97 -45.52 5.61
N LEU S 119 -26.60 -44.35 5.52
CA LEU S 119 -28.06 -44.32 5.51
C LEU S 119 -28.54 -44.67 4.11
N ALA S 120 -28.21 -43.82 3.12
CA ALA S 120 -28.76 -43.98 1.78
C ALA S 120 -28.56 -45.38 1.23
N LEU S 121 -27.53 -46.07 1.72
CA LEU S 121 -27.25 -47.42 1.26
C LEU S 121 -28.08 -48.44 2.02
N HIS S 122 -28.02 -48.40 3.34
CA HIS S 122 -28.83 -49.30 4.13
C HIS S 122 -30.29 -49.20 3.72
N VAL S 123 -30.83 -47.99 3.77
CA VAL S 123 -32.15 -47.71 3.22
C VAL S 123 -32.32 -48.39 1.88
N TYR S 124 -31.35 -48.22 0.98
CA TYR S 124 -31.47 -48.85 -0.33
C TYR S 124 -31.66 -50.36 -0.26
N GLN S 125 -31.05 -51.01 0.74
CA GLN S 125 -31.05 -52.46 0.83
C GLN S 125 -32.36 -53.03 1.36
N HIS S 126 -33.27 -52.19 1.83
CA HIS S 126 -34.57 -52.65 2.31
C HIS S 126 -35.67 -52.46 1.29
N GLY S 127 -35.40 -51.73 0.20
CA GLY S 127 -36.37 -51.66 -0.86
C GLY S 127 -36.64 -50.26 -1.35
N LEU S 128 -36.00 -49.28 -0.71
CA LEU S 128 -36.25 -47.87 -1.00
C LEU S 128 -35.36 -47.45 -2.15
N THR S 129 -35.86 -47.65 -3.36
CA THR S 129 -35.10 -47.39 -4.57
C THR S 129 -35.17 -45.92 -4.92
N GLY S 130 -34.10 -45.43 -5.55
CA GLY S 130 -34.02 -44.04 -5.94
C GLY S 130 -34.04 -43.07 -4.76
N PHE S 131 -33.52 -43.50 -3.62
CA PHE S 131 -33.49 -42.65 -2.44
C PHE S 131 -32.18 -41.91 -2.26
N LEU S 132 -31.22 -42.06 -3.17
CA LEU S 132 -29.93 -41.40 -2.99
C LEU S 132 -29.99 -39.89 -3.18
N GLY S 133 -30.98 -39.37 -3.90
CA GLY S 133 -31.12 -37.95 -4.13
C GLY S 133 -31.84 -37.19 -3.06
N GLN S 134 -32.33 -37.90 -2.05
CA GLN S 134 -32.98 -37.30 -0.89
C GLN S 134 -32.07 -37.32 0.31
N VAL S 135 -31.25 -38.35 0.40
CA VAL S 135 -30.16 -38.35 1.35
C VAL S 135 -29.17 -37.26 0.98
N THR S 136 -28.92 -37.06 -0.31
CA THR S 136 -28.16 -35.89 -0.75
C THR S 136 -28.83 -34.60 -0.29
N ARG S 137 -30.15 -34.63 -0.15
CA ARG S 137 -30.87 -33.43 0.23
C ARG S 137 -30.87 -33.23 1.73
N PHE S 138 -31.00 -34.31 2.51
CA PHE S 138 -30.96 -34.16 3.96
C PHE S 138 -29.60 -33.70 4.45
N VAL S 139 -28.54 -33.93 3.66
CA VAL S 139 -27.21 -33.44 3.98
C VAL S 139 -27.10 -31.94 3.71
N VAL S 140 -27.60 -31.51 2.55
CA VAL S 140 -27.51 -30.10 2.15
C VAL S 140 -28.42 -29.23 3.00
N ASP S 141 -29.61 -29.73 3.36
CA ASP S 141 -30.58 -28.91 4.08
C ASP S 141 -30.49 -29.11 5.58
N PHE S 142 -29.44 -29.76 6.06
CA PHE S 142 -29.08 -29.75 7.47
C PHE S 142 -27.88 -28.87 7.76
N MET S 143 -26.92 -28.78 6.84
CA MET S 143 -25.74 -27.97 7.08
C MET S 143 -26.05 -26.50 7.04
N LEU S 144 -26.68 -26.04 5.96
CA LEU S 144 -26.99 -24.62 5.83
C LEU S 144 -27.88 -24.14 6.96
N HIS S 145 -28.80 -24.97 7.43
CA HIS S 145 -29.73 -24.52 8.46
C HIS S 145 -29.21 -24.71 9.88
N HIS S 146 -28.08 -25.39 10.06
CA HIS S 146 -27.51 -25.68 11.37
C HIS S 146 -26.04 -25.33 11.42
N SER S 147 -25.64 -24.24 10.77
CA SER S 147 -24.32 -23.63 10.91
C SER S 147 -23.17 -24.50 10.46
N ILE S 148 -23.45 -25.67 9.84
CA ILE S 148 -22.36 -26.48 9.35
C ILE S 148 -21.80 -25.92 8.03
N ALA S 149 -22.63 -25.21 7.25
CA ALA S 149 -22.18 -24.55 6.05
C ALA S 149 -21.56 -23.17 6.32
N ARG S 150 -21.76 -22.69 7.54
CA ARG S 150 -21.21 -21.41 7.97
C ARG S 150 -19.81 -21.66 8.49
N TRP S 151 -19.61 -22.78 9.19
CA TRP S 151 -18.28 -23.10 9.68
C TRP S 151 -17.33 -23.30 8.52
N ILE S 152 -17.75 -24.11 7.54
CA ILE S 152 -16.92 -24.37 6.36
C ILE S 152 -16.61 -23.07 5.63
N ALA S 153 -17.60 -22.17 5.52
CA ALA S 153 -17.38 -20.92 4.80
C ALA S 153 -16.25 -20.10 5.41
N GLN S 154 -16.08 -20.15 6.74
CA GLN S 154 -15.02 -19.39 7.39
C GLN S 154 -13.63 -19.84 6.95
N ARG S 155 -13.49 -21.10 6.50
CA ARG S 155 -12.19 -21.68 6.20
C ARG S 155 -11.80 -21.63 4.73
N GLY S 156 -12.71 -21.26 3.83
CA GLY S 156 -12.45 -21.29 2.41
C GLY S 156 -13.50 -22.02 1.59
N GLY S 157 -13.89 -23.22 2.03
CA GLY S 157 -14.88 -24.02 1.35
C GLY S 157 -14.56 -25.48 1.52
N TRP S 158 -15.12 -26.30 0.63
CA TRP S 158 -14.80 -27.71 0.65
C TRP S 158 -13.42 -28.00 0.09
N VAL S 159 -12.88 -27.13 -0.77
CA VAL S 159 -11.56 -27.40 -1.35
C VAL S 159 -10.47 -27.35 -0.30
N ALA S 160 -10.60 -26.46 0.70
CA ALA S 160 -9.58 -26.39 1.75
C ALA S 160 -9.39 -27.74 2.42
N ALA S 161 -10.41 -28.60 2.38
CA ALA S 161 -10.38 -29.95 2.94
C ALA S 161 -9.40 -30.86 2.24
N LEU S 162 -8.73 -30.38 1.19
CA LEU S 162 -7.70 -31.15 0.52
C LEU S 162 -6.33 -30.98 1.15
N ASN S 163 -6.30 -30.70 2.46
CA ASN S 163 -5.08 -30.52 3.22
C ASN S 163 -5.11 -31.42 4.46
N GLU T 4 6.41 -14.93 14.52
CA GLU T 4 5.26 -15.45 13.80
C GLU T 4 4.96 -16.87 14.24
N GLU T 5 5.99 -17.58 14.68
CA GLU T 5 5.89 -18.99 15.03
C GLU T 5 5.63 -19.23 16.53
N ILE T 6 5.62 -18.16 17.34
CA ILE T 6 5.24 -18.23 18.75
C ILE T 6 3.72 -18.24 18.91
N ILE T 7 3.01 -17.45 18.10
CA ILE T 7 1.55 -17.30 18.20
C ILE T 7 0.87 -18.65 18.00
N HIS T 8 1.43 -19.45 17.10
CA HIS T 8 0.95 -20.78 16.74
C HIS T 8 1.29 -21.79 17.83
N LYS T 9 2.51 -21.73 18.32
CA LYS T 9 2.92 -22.62 19.39
C LYS T 9 2.10 -22.36 20.65
N LEU T 10 1.60 -21.12 20.82
CA LEU T 10 0.68 -20.85 21.93
C LEU T 10 -0.68 -21.46 21.65
N ALA T 11 -1.18 -21.32 20.42
CA ALA T 11 -2.52 -21.80 20.10
C ALA T 11 -2.54 -23.31 19.93
N MET T 12 -1.39 -23.95 19.78
CA MET T 12 -1.38 -25.40 19.69
C MET T 12 -1.51 -26.04 21.06
N GLN T 13 -0.76 -25.55 22.05
CA GLN T 13 -0.86 -26.09 23.40
C GLN T 13 -2.18 -25.68 24.04
N LEU T 14 -2.54 -24.41 23.92
CA LEU T 14 -3.84 -23.88 24.29
C LEU T 14 -4.95 -24.81 23.78
N ARG T 15 -4.69 -25.47 22.65
CA ARG T 15 -5.62 -26.43 22.08
C ARG T 15 -5.61 -27.77 22.79
N HIS T 16 -4.45 -28.18 23.29
CA HIS T 16 -4.34 -29.39 24.11
C HIS T 16 -4.96 -29.21 25.49
N ILE T 17 -4.90 -28.00 26.04
CA ILE T 17 -5.59 -27.73 27.28
C ILE T 17 -7.09 -27.83 27.09
N GLY T 18 -7.60 -27.27 26.00
CA GLY T 18 -8.99 -27.42 25.66
C GLY T 18 -9.38 -28.86 25.41
N ASP T 19 -8.71 -29.50 24.45
CA ASP T 19 -8.93 -30.91 24.18
C ASP T 19 -9.02 -31.77 25.46
N ASN T 20 -8.12 -31.53 26.41
CA ASN T 20 -8.15 -32.27 27.68
C ASN T 20 -9.36 -31.90 28.53
N ILE T 21 -9.53 -30.59 28.82
CA ILE T 21 -10.68 -30.10 29.57
C ILE T 21 -11.99 -30.56 28.95
N ASP T 22 -12.02 -30.74 27.63
CA ASP T 22 -13.27 -31.15 27.00
C ASP T 22 -13.65 -32.55 27.43
N HIS T 23 -12.66 -33.40 27.69
CA HIS T 23 -12.93 -34.79 28.04
C HIS T 23 -13.67 -34.91 29.37
N ARG T 24 -13.55 -33.90 30.23
CA ARG T 24 -14.05 -33.90 31.61
C ARG T 24 -15.41 -33.27 31.73
N MET T 25 -15.52 -32.02 31.27
CA MET T 25 -16.82 -31.42 30.96
C MET T 25 -17.70 -32.42 30.22
N VAL T 26 -17.25 -32.84 29.03
CA VAL T 26 -17.97 -33.80 28.21
C VAL T 26 -17.00 -34.88 27.78
N MET U 3 -32.26 -16.79 23.77
CA MET U 3 -30.86 -16.50 24.01
C MET U 3 -30.23 -15.97 22.74
N SER U 4 -29.75 -14.73 22.74
CA SER U 4 -29.17 -14.17 21.54
C SER U 4 -27.64 -14.07 21.66
N GLU U 5 -26.99 -13.97 20.50
CA GLU U 5 -25.56 -13.68 20.46
C GLU U 5 -25.24 -12.46 21.31
N GLU U 6 -26.01 -11.37 21.12
CA GLU U 6 -25.87 -10.20 21.98
C GLU U 6 -25.98 -10.59 23.45
N GLN U 7 -26.91 -11.46 23.76
CA GLN U 7 -27.11 -11.91 25.14
C GLN U 7 -25.86 -12.59 25.68
N VAL U 8 -25.26 -13.45 24.86
CA VAL U 8 -24.05 -14.16 25.26
C VAL U 8 -22.86 -13.21 25.35
N ALA U 9 -22.83 -12.21 24.47
CA ALA U 9 -21.74 -11.25 24.46
C ALA U 9 -21.68 -10.48 25.77
N GLN U 10 -22.82 -9.99 26.22
CA GLN U 10 -22.90 -9.23 27.47
C GLN U 10 -22.58 -10.12 28.66
N ASP U 11 -23.25 -11.27 28.72
CA ASP U 11 -23.04 -12.22 29.82
C ASP U 11 -21.59 -12.68 29.86
N THR U 12 -20.84 -12.39 28.80
CA THR U 12 -19.45 -12.78 28.71
C THR U 12 -18.56 -11.89 29.58
N GLU U 13 -18.97 -10.64 29.74
CA GLU U 13 -18.22 -9.69 30.55
C GLU U 13 -18.03 -10.21 31.96
N GLU U 14 -19.13 -10.61 32.59
CA GLU U 14 -19.10 -11.15 33.94
C GLU U 14 -18.55 -12.57 34.00
N VAL U 15 -18.70 -13.30 32.91
CA VAL U 15 -18.21 -14.68 32.84
C VAL U 15 -16.70 -14.72 33.01
N PHE U 16 -16.03 -13.73 32.45
CA PHE U 16 -14.58 -13.62 32.53
C PHE U 16 -14.15 -13.00 33.84
N ARG U 17 -14.73 -11.84 34.20
CA ARG U 17 -14.32 -11.13 35.41
C ARG U 17 -14.71 -11.92 36.63
N SER U 18 -15.62 -12.84 36.38
CA SER U 18 -16.18 -13.74 37.36
C SER U 18 -15.38 -15.03 37.32
N TYR U 19 -14.65 -15.23 36.21
CA TYR U 19 -13.73 -16.37 36.09
C TYR U 19 -12.37 -16.13 36.82
N VAL U 20 -11.63 -15.10 36.39
CA VAL U 20 -10.35 -14.67 36.93
C VAL U 20 -10.35 -14.73 38.45
N PHE U 21 -11.39 -14.16 39.06
CA PHE U 21 -11.48 -14.00 40.50
C PHE U 21 -11.23 -15.33 41.22
N TYR U 22 -12.10 -16.31 40.96
CA TYR U 22 -11.99 -17.59 41.65
C TYR U 22 -10.81 -18.40 41.16
N ARG U 23 -10.31 -18.15 39.96
CA ARG U 23 -9.13 -18.85 39.50
C ARG U 23 -7.88 -18.33 40.20
N HIS U 24 -7.82 -17.02 40.42
CA HIS U 24 -6.70 -16.47 41.18
C HIS U 24 -6.75 -16.99 42.62
N GLN U 25 -7.92 -16.93 43.23
CA GLN U 25 -8.05 -17.35 44.62
C GLN U 25 -7.60 -18.79 44.78
N GLN U 26 -8.07 -19.67 43.89
CA GLN U 26 -7.66 -21.07 43.86
C GLN U 26 -6.21 -21.24 43.43
N GLU U 27 -5.62 -20.20 42.83
CA GLU U 27 -4.19 -20.24 42.54
C GLU U 27 -3.36 -20.16 43.82
N GLN U 28 -3.75 -19.27 44.74
CA GLN U 28 -2.92 -19.01 45.92
C GLN U 28 -2.88 -20.20 46.86
N GLU U 29 -4.04 -20.74 47.21
CA GLU U 29 -4.11 -22.03 47.86
C GLU U 29 -3.54 -23.08 46.90
N ASP U 38 -1.26 -10.68 42.17
CA ASP U 38 -2.01 -9.56 41.61
C ASP U 38 -3.04 -9.00 42.57
N PRO U 39 -2.92 -7.72 42.87
CA PRO U 39 -4.00 -7.01 43.57
C PRO U 39 -5.25 -6.86 42.73
N GLU U 40 -5.10 -6.43 41.47
CA GLU U 40 -6.26 -6.17 40.62
C GLU U 40 -7.12 -7.40 40.43
N MET U 41 -6.61 -8.59 40.74
CA MET U 41 -7.37 -9.82 40.60
C MET U 41 -8.00 -10.29 41.91
N VAL U 42 -7.44 -9.90 43.05
CA VAL U 42 -8.08 -10.20 44.32
C VAL U 42 -9.30 -9.31 44.55
N THR U 43 -9.18 -8.03 44.18
CA THR U 43 -10.25 -7.05 44.35
C THR U 43 -11.21 -7.04 43.20
N LEU U 44 -11.18 -8.05 42.36
CA LEU U 44 -11.93 -8.00 41.13
C LEU U 44 -13.42 -8.00 41.44
N PRO U 45 -14.15 -6.91 41.12
CA PRO U 45 -15.57 -6.82 41.50
C PRO U 45 -16.44 -7.86 40.81
N LEU U 46 -17.37 -8.44 41.59
CA LEU U 46 -18.23 -9.50 41.10
C LEU U 46 -19.69 -9.07 41.15
N GLN U 47 -20.44 -9.47 40.12
CA GLN U 47 -21.83 -9.07 40.01
C GLN U 47 -22.65 -9.73 41.10
N PRO U 48 -23.46 -8.97 41.83
CA PRO U 48 -24.31 -9.60 42.83
C PRO U 48 -25.39 -10.43 42.16
N SER U 49 -25.61 -11.65 42.68
CA SER U 49 -26.71 -12.52 42.21
C SER U 49 -26.78 -12.55 40.69
N SER U 50 -25.83 -13.28 40.11
CA SER U 50 -25.98 -13.69 38.74
C SER U 50 -25.61 -15.15 38.60
N THR U 51 -26.31 -15.84 37.71
CA THR U 51 -26.00 -17.22 37.41
C THR U 51 -24.66 -17.21 36.68
N MET U 52 -24.31 -16.08 36.06
CA MET U 52 -23.02 -15.96 35.37
C MET U 52 -21.88 -15.97 36.35
N GLY U 53 -22.02 -15.29 37.49
CA GLY U 53 -20.99 -15.34 38.51
C GLY U 53 -20.54 -16.76 38.83
N GLN U 54 -21.48 -17.70 38.87
CA GLN U 54 -21.15 -19.09 39.13
C GLN U 54 -20.51 -19.76 37.92
N VAL U 55 -20.92 -19.40 36.71
CA VAL U 55 -20.31 -19.93 35.50
C VAL U 55 -18.80 -19.75 35.57
N GLY U 56 -18.35 -18.54 35.84
CA GLY U 56 -16.94 -18.23 35.92
C GLY U 56 -16.19 -18.89 37.05
N ARG U 57 -16.82 -19.73 37.83
CA ARG U 57 -16.02 -20.47 38.79
C ARG U 57 -16.19 -21.97 38.65
N GLN U 58 -17.28 -22.44 38.05
CA GLN U 58 -17.29 -23.83 37.62
C GLN U 58 -16.26 -24.07 36.54
N LEU U 59 -16.27 -23.25 35.50
CA LEU U 59 -15.26 -23.37 34.46
C LEU U 59 -13.84 -23.14 34.98
N ALA U 60 -13.70 -22.41 36.09
CA ALA U 60 -12.37 -22.23 36.68
C ALA U 60 -11.92 -23.49 37.41
N ILE U 61 -12.84 -24.25 38.00
CA ILE U 61 -12.43 -25.42 38.77
C ILE U 61 -12.21 -26.66 37.90
N ILE U 62 -12.70 -26.69 36.66
CA ILE U 62 -12.66 -27.93 35.89
C ILE U 62 -11.28 -28.15 35.32
N GLY U 63 -10.69 -27.10 34.75
CA GLY U 63 -9.35 -27.17 34.24
C GLY U 63 -8.25 -27.16 35.28
N ASP U 64 -8.62 -27.18 36.58
CA ASP U 64 -7.62 -27.16 37.65
C ASP U 64 -6.53 -28.22 37.44
N ASP U 65 -6.87 -29.34 36.80
CA ASP U 65 -5.84 -30.32 36.44
C ASP U 65 -5.05 -29.89 35.23
N ILE U 66 -5.74 -29.58 34.13
CA ILE U 66 -5.04 -29.35 32.87
C ILE U 66 -4.28 -28.04 32.92
N ASN U 67 -4.79 -27.02 33.62
CA ASN U 67 -4.06 -25.76 33.78
C ASN U 67 -2.96 -25.84 34.85
N ARG U 68 -3.01 -26.84 35.74
CA ARG U 68 -1.95 -27.00 36.74
C ARG U 68 -0.61 -27.34 36.07
N ARG U 69 -0.63 -28.22 35.06
CA ARG U 69 0.61 -28.66 34.45
C ARG U 69 1.19 -27.59 33.53
N TYR U 70 0.34 -26.99 32.69
CA TYR U 70 0.78 -26.21 31.55
C TYR U 70 1.26 -24.81 31.90
N ASP U 71 1.64 -24.55 33.15
CA ASP U 71 2.00 -23.18 33.52
C ASP U 71 3.37 -22.81 32.98
N SER U 72 4.42 -23.49 33.45
CA SER U 72 5.78 -23.18 33.03
C SER U 72 5.93 -23.28 31.51
N GLU U 73 5.10 -24.11 30.86
CA GLU U 73 4.92 -24.00 29.42
C GLU U 73 4.75 -22.55 28.97
N PHE U 74 3.71 -21.89 29.48
CA PHE U 74 3.13 -20.74 28.79
C PHE U 74 3.88 -19.46 29.10
N GLN U 75 4.42 -19.36 30.31
CA GLN U 75 5.07 -18.13 30.72
C GLN U 75 6.36 -17.89 29.95
N THR U 76 7.05 -18.95 29.56
CA THR U 76 8.25 -18.76 28.75
C THR U 76 7.89 -18.31 27.34
N MET U 77 6.81 -18.86 26.77
CA MET U 77 6.38 -18.47 25.44
C MET U 77 5.82 -17.05 25.40
N LEU U 78 5.19 -16.62 26.48
CA LEU U 78 4.70 -15.24 26.54
C LEU U 78 5.86 -14.25 26.62
N GLN U 79 6.86 -14.54 27.45
CA GLN U 79 7.95 -13.60 27.61
C GLN U 79 8.65 -13.34 26.29
N HIS U 80 8.86 -14.39 25.49
CA HIS U 80 9.49 -14.17 24.19
C HIS U 80 8.57 -13.46 23.21
N LEU U 81 7.25 -13.55 23.39
CA LEU U 81 6.36 -12.81 22.51
C LEU U 81 6.30 -11.33 22.89
N GLN U 82 6.37 -11.01 24.19
CA GLN U 82 6.52 -9.65 24.71
C GLN U 82 5.30 -8.78 24.38
N PRO U 83 4.14 -9.07 24.96
CA PRO U 83 2.91 -8.37 24.57
C PRO U 83 2.82 -7.03 25.31
N THR U 84 2.78 -5.95 24.55
CA THR U 84 2.67 -4.63 25.13
C THR U 84 1.21 -4.18 25.03
N ALA U 85 0.97 -2.91 25.33
CA ALA U 85 -0.39 -2.38 25.23
C ALA U 85 -0.87 -2.27 23.79
N GLU U 86 0.06 -2.17 22.83
CA GLU U 86 -0.30 -1.99 21.42
C GLU U 86 -0.70 -3.32 20.77
N ASN U 87 0.25 -4.23 20.65
CA ASN U 87 0.02 -5.50 20.00
C ASN U 87 -0.81 -6.45 20.84
N ALA U 88 -1.32 -6.00 21.99
CA ALA U 88 -2.05 -6.90 22.89
C ALA U 88 -3.26 -7.52 22.20
N TYR U 89 -4.10 -6.71 21.56
CA TYR U 89 -5.25 -7.26 20.87
C TYR U 89 -4.84 -8.04 19.63
N GLU U 90 -3.91 -7.48 18.83
CA GLU U 90 -3.36 -8.22 17.70
C GLU U 90 -2.96 -9.63 18.09
N TYR U 91 -2.16 -9.75 19.15
CA TYR U 91 -1.66 -11.06 19.56
C TYR U 91 -2.78 -11.96 20.07
N PHE U 92 -3.72 -11.39 20.81
CA PHE U 92 -4.82 -12.17 21.38
C PHE U 92 -5.70 -12.75 20.29
N THR U 93 -6.11 -11.92 19.34
CA THR U 93 -6.95 -12.40 18.26
C THR U 93 -6.21 -13.44 17.41
N LYS U 94 -4.90 -13.28 17.21
CA LYS U 94 -4.14 -14.17 16.33
C LYS U 94 -3.87 -15.53 16.97
N ILE U 95 -3.54 -15.55 18.27
CA ILE U 95 -3.43 -16.83 18.98
C ILE U 95 -4.79 -17.54 19.00
N ALA U 96 -5.82 -16.83 19.44
CA ALA U 96 -7.12 -17.45 19.69
C ALA U 96 -7.79 -17.87 18.39
N THR U 97 -7.52 -17.17 17.29
CA THR U 97 -8.02 -17.65 16.02
C THR U 97 -7.41 -19.00 15.73
N SER U 98 -6.09 -19.11 15.85
CA SER U 98 -5.41 -20.36 15.53
C SER U 98 -5.81 -21.49 16.45
N LEU U 99 -6.37 -21.20 17.62
CA LEU U 99 -6.85 -22.26 18.48
C LEU U 99 -8.16 -22.86 17.98
N PHE U 100 -9.03 -22.03 17.42
CA PHE U 100 -10.34 -22.48 17.02
C PHE U 100 -10.48 -22.83 15.54
N GLU U 101 -9.45 -22.58 14.72
CA GLU U 101 -9.54 -22.98 13.31
C GLU U 101 -9.78 -24.47 13.19
N SER U 102 -8.91 -25.26 13.84
CA SER U 102 -9.00 -26.71 13.79
C SER U 102 -10.40 -27.18 14.17
N GLY U 103 -10.94 -26.66 15.26
CA GLY U 103 -12.28 -27.03 15.68
C GLY U 103 -12.78 -26.19 16.84
N ILE U 104 -13.97 -26.52 17.29
CA ILE U 104 -14.57 -25.92 18.47
C ILE U 104 -15.10 -27.03 19.35
N ASN U 105 -15.25 -26.75 20.62
CA ASN U 105 -15.80 -27.65 21.61
C ASN U 105 -15.74 -26.86 22.89
N TRP U 106 -16.50 -27.30 23.89
CA TRP U 106 -16.47 -26.66 25.20
C TRP U 106 -15.06 -26.62 25.78
N GLY U 107 -14.26 -27.65 25.53
CA GLY U 107 -12.91 -27.66 26.07
C GLY U 107 -12.08 -26.50 25.59
N ARG U 108 -12.11 -26.23 24.28
CA ARG U 108 -11.39 -25.10 23.68
C ARG U 108 -12.05 -23.77 23.98
N VAL U 109 -13.34 -23.79 24.33
CA VAL U 109 -13.96 -22.61 24.91
C VAL U 109 -13.29 -22.28 26.26
N VAL U 110 -13.14 -23.29 27.10
CA VAL U 110 -12.50 -23.05 28.39
C VAL U 110 -11.02 -22.75 28.22
N ALA U 111 -10.34 -23.35 27.24
CA ALA U 111 -8.92 -23.08 27.04
C ALA U 111 -8.68 -21.68 26.52
N LEU U 112 -9.74 -21.00 26.04
CA LEU U 112 -9.64 -19.63 25.58
C LEU U 112 -9.74 -18.63 26.73
N LEU U 113 -10.57 -18.91 27.74
CA LEU U 113 -10.61 -18.06 28.93
C LEU U 113 -9.34 -18.16 29.75
N GLY U 114 -8.74 -19.36 29.80
CA GLY U 114 -7.44 -19.52 30.42
C GLY U 114 -6.37 -18.65 29.78
N PHE U 115 -6.38 -18.58 28.44
CA PHE U 115 -5.55 -17.60 27.74
C PHE U 115 -5.88 -16.16 28.15
N GLY U 116 -7.10 -15.91 28.67
CA GLY U 116 -7.43 -14.60 29.17
C GLY U 116 -6.95 -14.35 30.58
N TYR U 117 -6.86 -15.40 31.40
CA TYR U 117 -6.27 -15.25 32.71
C TYR U 117 -4.76 -15.20 32.64
N ARG U 118 -4.16 -15.94 31.71
CA ARG U 118 -2.70 -16.02 31.64
C ARG U 118 -2.07 -14.80 31.03
N LEU U 119 -2.78 -14.09 30.15
CA LEU U 119 -2.23 -12.87 29.57
C LEU U 119 -2.56 -11.65 30.40
N ALA U 120 -3.74 -11.65 31.04
CA ALA U 120 -3.99 -10.71 32.12
C ALA U 120 -2.84 -10.72 33.12
N LEU U 121 -2.46 -11.92 33.58
CA LEU U 121 -1.47 -12.05 34.65
C LEU U 121 -0.05 -11.79 34.17
N HIS U 122 0.22 -12.01 32.89
CA HIS U 122 1.57 -11.81 32.41
C HIS U 122 1.93 -10.32 32.39
N VAL U 123 1.04 -9.50 31.86
CA VAL U 123 1.38 -8.09 31.64
C VAL U 123 1.45 -7.35 32.96
N TYR U 124 0.58 -7.69 33.91
CA TYR U 124 0.69 -7.10 35.25
C TYR U 124 2.05 -7.39 35.86
N GLN U 125 2.52 -8.63 35.73
CA GLN U 125 3.86 -8.96 36.18
C GLN U 125 4.91 -8.23 35.38
N HIS U 126 4.60 -7.79 34.16
CA HIS U 126 5.57 -7.07 33.34
C HIS U 126 5.28 -5.58 33.27
N GLY U 127 4.56 -5.04 34.24
CA GLY U 127 4.42 -3.61 34.39
C GLY U 127 3.20 -2.98 33.75
N LEU U 128 2.22 -3.77 33.32
CA LEU U 128 1.01 -3.22 32.71
C LEU U 128 -0.04 -3.18 33.80
N THR U 129 0.07 -2.19 34.66
CA THR U 129 -0.87 -2.01 35.75
C THR U 129 -2.22 -1.64 35.17
N GLY U 130 -3.24 -2.42 35.50
CA GLY U 130 -4.61 -2.03 35.21
C GLY U 130 -5.06 -2.29 33.80
N PHE U 131 -4.61 -3.39 33.21
CA PHE U 131 -4.99 -3.75 31.85
C PHE U 131 -6.08 -4.81 31.80
N LEU U 132 -6.41 -5.44 32.94
CA LEU U 132 -7.42 -6.48 32.99
C LEU U 132 -8.75 -5.99 32.43
N GLY U 133 -8.97 -4.68 32.42
CA GLY U 133 -10.14 -4.13 31.79
C GLY U 133 -10.10 -4.20 30.28
N GLN U 134 -8.91 -4.36 29.70
CA GLN U 134 -8.87 -4.55 28.26
C GLN U 134 -8.83 -6.01 27.86
N VAL U 135 -8.34 -6.88 28.74
CA VAL U 135 -8.43 -8.30 28.46
C VAL U 135 -9.89 -8.70 28.29
N THR U 136 -10.75 -8.33 29.26
CA THR U 136 -12.15 -8.72 29.22
C THR U 136 -12.77 -8.40 27.87
N ARG U 137 -12.38 -7.28 27.27
CA ARG U 137 -12.97 -6.91 25.99
C ARG U 137 -12.32 -7.65 24.84
N PHE U 138 -11.00 -7.88 24.89
CA PHE U 138 -10.36 -8.78 23.93
C PHE U 138 -11.13 -10.08 23.86
N VAL U 139 -11.47 -10.61 25.04
CA VAL U 139 -12.24 -11.85 25.15
C VAL U 139 -13.61 -11.69 24.50
N VAL U 140 -14.38 -10.69 24.92
CA VAL U 140 -15.75 -10.57 24.42
C VAL U 140 -15.77 -10.08 22.97
N ASP U 141 -14.81 -9.26 22.56
CA ASP U 141 -14.80 -8.81 21.16
C ASP U 141 -14.21 -9.85 20.22
N PHE U 142 -13.35 -10.75 20.70
CA PHE U 142 -12.96 -11.88 19.88
C PHE U 142 -14.11 -12.88 19.72
N MET U 143 -15.00 -12.99 20.70
CA MET U 143 -16.02 -14.02 20.65
C MET U 143 -17.26 -13.63 19.87
N LEU U 144 -17.51 -12.33 19.73
CA LEU U 144 -18.69 -11.88 19.01
C LEU U 144 -18.44 -11.74 17.52
N HIS U 145 -17.19 -11.52 17.14
CA HIS U 145 -16.82 -11.30 15.75
C HIS U 145 -16.23 -12.53 15.10
N HIS U 146 -16.28 -13.68 15.78
CA HIS U 146 -15.64 -14.90 15.30
C HIS U 146 -16.49 -16.11 15.63
N SER U 147 -17.81 -15.94 15.69
CA SER U 147 -18.82 -16.99 15.76
C SER U 147 -18.82 -17.77 17.08
N ILE U 148 -17.88 -17.51 18.00
CA ILE U 148 -17.81 -18.28 19.24
C ILE U 148 -18.98 -17.95 20.16
N ALA U 149 -19.44 -16.69 20.14
CA ALA U 149 -20.63 -16.34 20.91
C ALA U 149 -21.85 -17.05 20.33
N ARG U 150 -21.96 -17.07 19.00
CA ARG U 150 -23.06 -17.77 18.35
C ARG U 150 -23.07 -19.26 18.66
N TRP U 151 -21.90 -19.87 18.87
CA TRP U 151 -21.86 -21.26 19.33
C TRP U 151 -22.58 -21.41 20.66
N ILE U 152 -22.20 -20.60 21.65
CA ILE U 152 -22.63 -20.83 23.03
C ILE U 152 -24.14 -20.69 23.16
N ALA U 153 -24.70 -19.58 22.66
CA ALA U 153 -26.15 -19.36 22.75
C ALA U 153 -26.93 -20.51 22.10
N GLN U 154 -26.35 -21.12 21.06
CA GLN U 154 -26.99 -22.24 20.36
C GLN U 154 -27.10 -23.47 21.25
N ARG U 155 -26.31 -23.54 22.33
CA ARG U 155 -26.41 -24.57 23.35
C ARG U 155 -27.30 -24.16 24.53
N GLY U 156 -27.77 -22.92 24.54
CA GLY U 156 -28.56 -22.36 25.63
C GLY U 156 -27.91 -21.17 26.31
N GLY U 157 -26.68 -20.83 25.96
CA GLY U 157 -25.92 -19.87 26.72
C GLY U 157 -24.93 -20.57 27.63
N TRP U 158 -24.13 -19.74 28.30
CA TRP U 158 -23.12 -20.27 29.22
C TRP U 158 -23.72 -21.19 30.28
N VAL U 159 -24.97 -20.95 30.67
CA VAL U 159 -25.60 -21.78 31.70
C VAL U 159 -25.70 -23.24 31.29
N ALA U 160 -25.60 -23.54 29.99
CA ALA U 160 -25.53 -24.93 29.55
C ALA U 160 -24.23 -25.59 29.98
N ALA U 161 -23.13 -24.83 30.00
CA ALA U 161 -21.81 -25.37 30.34
C ALA U 161 -21.89 -26.19 31.62
N LEU U 162 -22.56 -25.65 32.63
CA LEU U 162 -22.90 -26.39 33.83
C LEU U 162 -23.75 -27.62 33.42
N GLU V 5 -33.36 -43.78 22.16
CA GLU V 5 -32.17 -44.40 22.73
C GLU V 5 -31.16 -44.75 21.65
N ILE V 6 -31.70 -45.32 20.58
CA ILE V 6 -30.88 -45.68 19.42
C ILE V 6 -30.31 -44.42 18.76
N ILE V 7 -31.17 -43.45 18.47
CA ILE V 7 -30.85 -42.17 17.84
C ILE V 7 -29.61 -41.56 18.48
N HIS V 8 -29.43 -41.83 19.77
CA HIS V 8 -28.27 -41.34 20.49
C HIS V 8 -27.06 -42.23 20.25
N LYS V 9 -27.22 -43.53 20.47
CA LYS V 9 -26.14 -44.48 20.18
C LYS V 9 -25.58 -44.31 18.76
N LEU V 10 -26.37 -43.73 17.85
CA LEU V 10 -25.86 -43.45 16.53
C LEU V 10 -24.93 -42.25 16.53
N ALA V 11 -25.16 -41.28 17.41
CA ALA V 11 -24.37 -40.06 17.37
C ALA V 11 -23.00 -40.27 17.99
N MET V 12 -22.95 -40.95 19.12
CA MET V 12 -21.70 -41.06 19.86
C MET V 12 -20.72 -41.97 19.14
N GLN V 13 -21.21 -43.06 18.52
CA GLN V 13 -20.37 -43.88 17.67
C GLN V 13 -19.74 -43.04 16.56
N LEU V 14 -20.53 -42.15 15.97
CA LEU V 14 -20.03 -41.22 14.95
C LEU V 14 -19.08 -40.14 15.50
N ARG V 15 -19.27 -39.71 16.76
CA ARG V 15 -18.27 -38.87 17.39
C ARG V 15 -16.92 -39.56 17.38
N HIS V 16 -16.90 -40.87 17.64
CA HIS V 16 -15.64 -41.59 17.73
C HIS V 16 -14.99 -41.78 16.38
N ILE V 17 -15.79 -41.96 15.33
CA ILE V 17 -15.21 -42.03 13.99
C ILE V 17 -14.77 -40.64 13.54
N GLY V 18 -15.51 -39.61 13.95
CA GLY V 18 -15.14 -38.25 13.58
C GLY V 18 -13.85 -37.77 14.22
N ASP V 19 -13.74 -37.88 15.55
CA ASP V 19 -12.52 -37.44 16.23
C ASP V 19 -11.33 -38.36 15.96
N ASN V 20 -11.55 -39.56 15.42
CA ASN V 20 -10.48 -40.44 15.00
C ASN V 20 -10.03 -40.07 13.59
N ILE V 21 -10.99 -39.73 12.71
CA ILE V 21 -10.63 -39.16 11.42
C ILE V 21 -9.95 -37.82 11.64
N ASP V 22 -10.35 -37.09 12.67
CA ASP V 22 -9.76 -35.81 13.06
C ASP V 22 -8.24 -35.90 13.12
N HIS V 23 -7.72 -36.63 14.10
CA HIS V 23 -6.27 -36.74 14.28
C HIS V 23 -5.58 -37.17 12.99
N ARG V 24 -6.17 -38.16 12.29
CA ARG V 24 -5.71 -38.55 10.96
C ARG V 24 -5.68 -37.35 10.00
N MET V 25 -6.68 -36.46 10.08
CA MET V 25 -6.82 -35.38 9.10
C MET V 25 -6.03 -34.12 9.45
N VAL V 26 -5.80 -33.83 10.73
CA VAL V 26 -4.98 -32.68 11.12
C VAL V 26 -3.48 -32.96 10.87
N MET W 3 7.71 7.75 14.99
CA MET W 3 8.07 8.11 16.35
C MET W 3 8.59 9.52 16.43
N SER W 4 7.87 10.39 17.12
CA SER W 4 8.25 11.79 17.19
C SER W 4 9.29 12.00 18.28
N GLU W 5 10.06 13.07 18.13
CA GLU W 5 11.13 13.39 19.07
C GLU W 5 10.59 13.58 20.49
N GLU W 6 9.86 14.67 20.76
CA GLU W 6 9.39 14.93 22.13
C GLU W 6 8.30 13.97 22.53
N GLN W 7 7.65 13.32 21.55
CA GLN W 7 6.87 12.14 21.83
C GLN W 7 7.66 11.24 22.74
N VAL W 8 8.87 10.90 22.32
CA VAL W 8 9.75 10.06 23.13
C VAL W 8 10.07 10.82 24.40
N ALA W 9 9.99 12.15 24.31
CA ALA W 9 10.25 13.01 25.45
C ALA W 9 9.16 12.83 26.48
N GLN W 10 7.92 13.12 26.08
CA GLN W 10 6.78 12.96 26.99
C GLN W 10 6.74 11.56 27.57
N ASP W 11 7.02 10.55 26.73
CA ASP W 11 7.06 9.17 27.20
C ASP W 11 8.18 8.92 28.19
N THR W 12 9.20 9.78 28.20
CA THR W 12 10.31 9.64 29.14
C THR W 12 9.85 9.95 30.57
N GLU W 13 8.71 10.61 30.70
CA GLU W 13 8.17 10.97 31.99
C GLU W 13 7.97 9.74 32.88
N GLU W 14 7.28 8.73 32.36
CA GLU W 14 7.03 7.51 33.12
C GLU W 14 7.92 6.34 32.77
N VAL W 15 8.69 6.40 31.68
CA VAL W 15 9.73 5.41 31.54
C VAL W 15 10.64 5.45 32.76
N PHE W 16 10.98 6.67 33.19
CA PHE W 16 11.77 6.88 34.39
C PHE W 16 11.02 6.49 35.65
N ARG W 17 9.80 7.02 35.82
CA ARG W 17 9.03 6.73 37.03
C ARG W 17 8.88 5.22 37.25
N SER W 18 8.80 4.44 36.16
CA SER W 18 8.74 2.99 36.27
C SER W 18 10.06 2.43 36.77
N TYR W 19 11.16 2.74 36.05
CA TYR W 19 12.50 2.28 36.42
C TYR W 19 12.74 2.41 37.92
N VAL W 20 12.69 3.64 38.40
CA VAL W 20 12.96 3.93 39.81
C VAL W 20 12.07 3.09 40.72
N PHE W 21 10.80 2.96 40.37
CA PHE W 21 9.89 2.13 41.14
C PHE W 21 10.41 0.69 41.23
N TYR W 22 10.63 0.06 40.08
CA TYR W 22 11.02 -1.34 40.07
C TYR W 22 12.45 -1.51 40.57
N ARG W 23 13.35 -0.60 40.22
CA ARG W 23 14.73 -0.73 40.68
C ARG W 23 14.85 -0.61 42.20
N HIS W 24 14.02 0.22 42.86
CA HIS W 24 14.09 0.29 44.31
C HIS W 24 13.51 -0.94 44.97
N GLN W 25 12.41 -1.47 44.41
CA GLN W 25 11.79 -2.69 44.92
C GLN W 25 12.77 -3.85 44.93
N GLN W 26 13.85 -3.75 44.17
CA GLN W 26 14.88 -4.77 44.08
C GLN W 26 16.19 -4.35 44.74
N GLU W 27 16.53 -3.05 44.71
CA GLU W 27 17.70 -2.56 45.43
C GLU W 27 17.65 -2.95 46.90
N GLN W 28 16.46 -3.02 47.49
CA GLN W 28 16.33 -3.42 48.88
C GLN W 28 16.76 -4.88 49.09
N GLU W 29 16.57 -5.71 48.08
CA GLU W 29 16.90 -7.14 48.16
C GLU W 29 18.41 -7.38 48.27
N ALA W 37 16.21 2.73 52.28
CA ALA W 37 14.96 2.84 51.55
C ALA W 37 14.50 4.29 51.47
N ASP W 38 13.46 4.52 50.67
CA ASP W 38 12.94 5.85 50.38
C ASP W 38 11.47 5.77 49.95
N PRO W 39 10.54 6.29 50.75
CA PRO W 39 9.12 6.26 50.36
C PRO W 39 8.76 7.25 49.27
N GLU W 40 9.69 8.10 48.83
CA GLU W 40 9.37 8.98 47.71
C GLU W 40 9.26 8.20 46.41
N MET W 41 9.96 7.06 46.31
CA MET W 41 9.98 6.21 45.13
C MET W 41 9.15 4.95 45.27
N VAL W 42 9.21 4.30 46.45
CA VAL W 42 8.40 3.13 46.69
C VAL W 42 6.94 3.44 46.50
N THR W 43 6.52 4.67 46.77
CA THR W 43 5.17 5.15 46.59
C THR W 43 4.99 5.85 45.26
N LEU W 44 6.03 5.91 44.44
CA LEU W 44 6.01 6.69 43.21
C LEU W 44 4.89 6.20 42.30
N PRO W 45 3.82 6.99 42.16
CA PRO W 45 2.58 6.47 41.53
C PRO W 45 2.79 6.10 40.07
N LEU W 46 2.34 4.89 39.70
CA LEU W 46 2.50 4.36 38.35
C LEU W 46 1.20 4.51 37.58
N GLN W 47 1.31 4.88 36.31
CA GLN W 47 0.13 4.97 35.46
C GLN W 47 -0.48 3.60 35.25
N PRO W 48 -1.70 3.57 34.89
CA PRO W 48 -2.29 2.32 34.41
C PRO W 48 -2.19 2.20 32.91
N SER W 49 -1.73 1.03 32.43
CA SER W 49 -1.93 0.58 31.06
C SER W 49 -1.07 1.35 30.05
N SER W 50 0.20 1.53 30.37
CA SER W 50 1.13 2.03 29.39
C SER W 50 2.26 1.03 29.21
N THR W 51 2.66 0.85 27.95
CA THR W 51 3.86 0.09 27.65
C THR W 51 5.11 0.76 28.21
N MET W 52 5.07 2.09 28.41
CA MET W 52 6.20 2.80 28.99
C MET W 52 6.50 2.31 30.40
N GLY W 53 5.49 1.76 31.08
CA GLY W 53 5.74 1.11 32.37
C GLY W 53 6.52 -0.18 32.22
N GLN W 54 6.20 -0.96 31.18
CA GLN W 54 6.94 -2.19 30.92
C GLN W 54 8.40 -1.91 30.61
N VAL W 55 8.66 -0.82 29.88
CA VAL W 55 10.03 -0.45 29.54
C VAL W 55 10.84 -0.16 30.80
N GLY W 56 10.24 0.55 31.75
CA GLY W 56 10.93 0.86 32.98
C GLY W 56 11.15 -0.34 33.89
N ARG W 57 10.37 -1.41 33.72
CA ARG W 57 10.55 -2.61 34.51
C ARG W 57 11.60 -3.55 33.91
N GLN W 58 11.57 -3.73 32.58
CA GLN W 58 12.52 -4.65 31.95
C GLN W 58 13.94 -4.11 32.00
N LEU W 59 14.12 -2.81 31.80
CA LEU W 59 15.45 -2.23 31.99
C LEU W 59 15.82 -2.14 33.46
N ALA W 60 14.82 -2.06 34.35
CA ALA W 60 15.10 -2.08 35.77
C ALA W 60 15.80 -3.36 36.19
N ILE W 61 15.51 -4.46 35.51
CA ILE W 61 15.96 -5.77 35.97
C ILE W 61 17.03 -6.39 35.08
N ILE W 62 17.45 -5.70 34.01
CA ILE W 62 18.57 -6.22 33.22
C ILE W 62 19.89 -5.59 33.65
N GLY W 63 19.87 -4.29 34.00
CA GLY W 63 21.01 -3.58 34.54
C GLY W 63 21.26 -3.79 36.01
N ASP W 64 20.26 -4.30 36.74
CA ASP W 64 20.32 -4.43 38.20
C ASP W 64 21.60 -5.10 38.67
N ASP W 65 22.06 -6.14 37.97
CA ASP W 65 23.23 -6.90 38.40
C ASP W 65 24.51 -6.08 38.21
N ILE W 66 24.69 -5.51 37.02
CA ILE W 66 25.81 -4.60 36.81
C ILE W 66 25.67 -3.39 37.72
N ASN W 67 24.42 -2.97 37.99
CA ASN W 67 24.12 -1.92 38.96
C ASN W 67 24.14 -2.45 40.40
N ARG W 68 25.02 -3.41 40.67
CA ARG W 68 25.11 -3.99 42.00
C ARG W 68 26.55 -4.13 42.50
N ARG W 69 27.50 -3.78 41.65
CA ARG W 69 28.89 -3.88 42.06
C ARG W 69 29.45 -2.50 42.35
N TYR W 70 29.36 -1.60 41.37
CA TYR W 70 29.84 -0.22 41.41
C TYR W 70 29.01 0.69 42.32
N ASP W 71 28.02 0.22 43.08
CA ASP W 71 27.26 1.10 43.96
C ASP W 71 28.09 1.58 45.15
N SER W 72 29.09 0.79 45.55
CA SER W 72 30.00 1.22 46.61
C SER W 72 30.92 2.32 46.12
N GLU W 73 31.62 2.06 45.01
CA GLU W 73 32.55 3.04 44.47
C GLU W 73 31.83 4.29 43.99
N PHE W 74 30.65 4.13 43.39
CA PHE W 74 30.03 5.25 42.69
C PHE W 74 29.56 6.32 43.65
N GLN W 75 28.68 5.96 44.58
CA GLN W 75 28.11 6.99 45.41
C GLN W 75 29.13 7.60 46.36
N THR W 76 30.27 6.93 46.60
CA THR W 76 31.36 7.54 47.37
C THR W 76 31.81 8.84 46.72
N MET W 77 31.67 8.91 45.39
CA MET W 77 32.04 10.12 44.66
C MET W 77 31.01 11.23 44.87
N LEU W 78 29.73 10.88 44.90
CA LEU W 78 28.69 11.87 45.04
C LEU W 78 28.75 12.59 46.38
N GLN W 79 29.41 12.03 47.37
CA GLN W 79 29.60 12.83 48.57
C GLN W 79 30.67 13.87 48.34
N HIS W 80 31.87 13.41 47.93
CA HIS W 80 32.94 14.37 47.69
C HIS W 80 32.50 15.42 46.68
N LEU W 81 31.59 15.05 45.78
CA LEU W 81 30.98 16.07 44.92
C LEU W 81 29.99 16.93 45.70
N GLN W 82 29.16 16.31 46.55
CA GLN W 82 28.13 16.96 47.35
C GLN W 82 27.30 17.92 46.51
N PRO W 83 26.30 17.42 45.78
CA PRO W 83 25.45 18.27 44.95
C PRO W 83 24.16 18.67 45.66
N THR W 84 23.78 19.92 45.46
CA THR W 84 22.61 20.46 46.11
C THR W 84 21.40 20.50 45.21
N ALA W 85 20.42 21.30 45.60
CA ALA W 85 19.20 21.43 44.84
C ALA W 85 19.26 22.53 43.80
N GLU W 86 20.44 23.02 43.47
CA GLU W 86 20.53 24.15 42.56
C GLU W 86 21.54 23.85 41.46
N ASN W 87 22.74 23.45 41.86
CA ASN W 87 23.70 22.93 40.92
C ASN W 87 23.38 21.53 40.45
N ALA W 88 22.31 20.93 41.00
CA ALA W 88 21.91 19.58 40.65
C ALA W 88 21.79 19.43 39.14
N TYR W 89 21.10 20.38 38.48
CA TYR W 89 21.00 20.32 37.03
C TYR W 89 22.31 20.66 36.36
N GLU W 90 23.09 21.57 36.94
CA GLU W 90 24.43 21.81 36.45
C GLU W 90 25.27 20.53 36.49
N TYR W 91 25.24 19.84 37.63
CA TYR W 91 26.01 18.60 37.78
C TYR W 91 25.48 17.49 36.89
N PHE W 92 24.16 17.31 36.88
CA PHE W 92 23.53 16.25 36.10
C PHE W 92 23.93 16.32 34.64
N THR W 93 23.58 17.44 34.00
CA THR W 93 23.96 17.67 32.62
C THR W 93 25.46 17.46 32.41
N LYS W 94 26.27 18.00 33.32
CA LYS W 94 27.72 17.93 33.12
C LYS W 94 28.22 16.49 33.01
N ILE W 95 27.76 15.60 33.91
CA ILE W 95 28.23 14.23 33.87
C ILE W 95 27.64 13.48 32.69
N ALA W 96 26.39 13.77 32.36
CA ALA W 96 25.69 13.06 31.29
C ALA W 96 26.16 13.48 29.92
N THR W 97 26.80 14.64 29.81
CA THR W 97 27.29 15.12 28.53
C THR W 97 28.56 14.36 28.15
N SER W 98 29.24 13.89 29.19
CA SER W 98 30.45 13.12 29.07
C SER W 98 30.04 11.66 28.92
N LEU W 99 29.00 11.24 29.63
CA LEU W 99 28.60 9.83 29.46
C LEU W 99 28.28 9.42 27.99
N PHE W 100 28.01 10.42 27.15
CA PHE W 100 27.67 10.28 25.74
C PHE W 100 28.71 10.88 24.79
N GLU W 101 29.62 11.68 25.33
CA GLU W 101 30.66 12.28 24.50
C GLU W 101 31.45 11.23 23.74
N SER W 102 31.46 9.99 24.21
CA SER W 102 32.15 8.92 23.50
C SER W 102 31.26 8.39 22.39
N GLY W 103 30.19 7.71 22.75
CA GLY W 103 29.41 7.00 21.77
C GLY W 103 28.10 6.59 22.39
N ILE W 104 27.09 6.49 21.56
CA ILE W 104 25.72 6.27 22.00
C ILE W 104 25.35 4.82 21.76
N ASN W 105 24.45 4.31 22.60
CA ASN W 105 23.97 2.95 22.53
C ASN W 105 22.94 2.77 23.63
N TRP W 106 22.18 1.67 23.57
CA TRP W 106 21.15 1.44 24.60
C TRP W 106 21.76 1.15 25.98
N GLY W 107 22.91 0.49 26.03
CA GLY W 107 23.51 0.20 27.31
C GLY W 107 23.74 1.46 28.13
N ARG W 108 24.23 2.52 27.49
CA ARG W 108 24.43 3.78 28.17
C ARG W 108 23.11 4.53 28.40
N VAL W 109 22.07 4.24 27.62
CA VAL W 109 20.79 4.89 27.87
C VAL W 109 20.20 4.38 29.17
N VAL W 110 20.43 3.13 29.51
CA VAL W 110 20.07 2.62 30.82
C VAL W 110 21.04 3.09 31.89
N ALA W 111 22.25 3.55 31.50
CA ALA W 111 23.21 4.08 32.47
C ALA W 111 22.83 5.48 32.92
N LEU W 112 22.22 6.28 32.04
CA LEU W 112 21.68 7.58 32.44
C LEU W 112 20.50 7.42 33.39
N LEU W 113 19.58 6.50 33.09
CA LEU W 113 18.47 6.24 34.00
C LEU W 113 18.96 5.71 35.33
N GLY W 114 20.05 4.94 35.31
CA GLY W 114 20.61 4.44 36.56
C GLY W 114 21.24 5.53 37.39
N PHE W 115 21.87 6.49 36.75
CA PHE W 115 22.26 7.73 37.44
C PHE W 115 21.03 8.48 37.91
N GLY W 116 19.93 8.41 37.15
CA GLY W 116 18.70 9.04 37.60
C GLY W 116 18.08 8.34 38.78
N TYR W 117 18.25 7.02 38.87
CA TYR W 117 17.88 6.29 40.08
C TYR W 117 18.79 6.62 41.25
N ARG W 118 20.08 6.83 41.00
CA ARG W 118 21.07 7.03 42.05
C ARG W 118 21.13 8.46 42.57
N LEU W 119 20.82 9.45 41.73
CA LEU W 119 20.75 10.82 42.22
C LEU W 119 19.49 11.02 43.05
N ALA W 120 18.39 10.43 42.60
CA ALA W 120 17.17 10.48 43.38
C ALA W 120 17.38 9.91 44.76
N LEU W 121 18.11 8.81 44.84
CA LEU W 121 18.23 8.10 46.10
C LEU W 121 19.09 8.89 47.07
N HIS W 122 20.12 9.54 46.57
CA HIS W 122 21.09 10.17 47.44
C HIS W 122 20.60 11.50 48.01
N VAL W 123 19.68 12.19 47.30
CA VAL W 123 19.21 13.48 47.78
C VAL W 123 18.24 13.32 48.96
N TYR W 124 17.37 12.31 48.92
CA TYR W 124 16.56 11.97 50.09
C TYR W 124 17.44 11.67 51.29
N GLN W 125 18.39 10.74 51.13
CA GLN W 125 19.39 10.34 52.09
C GLN W 125 20.27 11.43 52.51
N HIS W 126 20.12 12.65 52.04
CA HIS W 126 20.89 13.76 52.56
C HIS W 126 19.98 14.94 52.87
N GLY W 127 18.70 14.69 53.10
CA GLY W 127 17.79 15.73 53.55
C GLY W 127 17.01 16.46 52.48
N LEU W 128 17.23 16.15 51.20
CA LEU W 128 16.53 16.82 50.10
C LEU W 128 15.27 16.03 49.81
N THR W 129 14.13 16.64 50.09
CA THR W 129 12.83 15.99 50.03
C THR W 129 11.99 16.61 48.93
N GLY W 130 11.27 15.77 48.20
CA GLY W 130 10.41 16.23 47.12
C GLY W 130 11.17 16.60 45.87
N PHE W 131 12.43 16.18 45.76
CA PHE W 131 13.29 16.50 44.63
C PHE W 131 13.29 15.41 43.56
N LEU W 132 12.64 14.27 43.82
CA LEU W 132 12.37 13.28 42.78
C LEU W 132 11.51 13.88 41.68
N GLY W 133 10.71 14.90 42.01
CA GLY W 133 9.98 15.66 41.03
C GLY W 133 10.82 16.63 40.24
N GLN W 134 12.12 16.64 40.47
CA GLN W 134 13.04 17.42 39.65
C GLN W 134 14.07 16.54 38.96
N VAL W 135 14.56 15.49 39.63
CA VAL W 135 15.41 14.51 38.99
C VAL W 135 14.67 13.79 37.86
N THR W 136 13.32 13.84 37.84
CA THR W 136 12.56 13.42 36.66
C THR W 136 12.72 14.41 35.52
N ARG W 137 12.44 15.67 35.81
CA ARG W 137 12.46 16.71 34.80
C ARG W 137 13.86 16.90 34.26
N PHE W 138 14.89 16.84 35.14
CA PHE W 138 16.28 16.89 34.70
C PHE W 138 16.54 15.81 33.66
N VAL W 139 15.92 14.64 33.82
CA VAL W 139 16.10 13.51 32.90
C VAL W 139 15.33 13.73 31.58
N VAL W 140 14.18 14.42 31.61
CA VAL W 140 13.41 14.60 30.38
C VAL W 140 13.94 15.79 29.56
N ASP W 141 14.31 16.89 30.22
CA ASP W 141 14.80 18.06 29.47
C ASP W 141 16.13 17.77 28.81
N PHE W 142 17.08 17.23 29.57
CA PHE W 142 18.41 16.95 29.02
C PHE W 142 18.33 16.16 27.71
N MET W 143 17.43 15.17 27.64
CA MET W 143 17.41 14.27 26.48
C MET W 143 16.82 14.93 25.24
N LEU W 144 15.78 15.75 25.41
CA LEU W 144 15.20 16.45 24.27
C LEU W 144 16.08 17.59 23.79
N HIS W 145 17.06 18.03 24.59
CA HIS W 145 17.92 19.16 24.25
C HIS W 145 19.38 18.76 24.10
N HIS W 146 19.63 17.44 23.92
CA HIS W 146 20.99 16.93 23.74
C HIS W 146 21.01 15.73 22.79
N SER W 147 20.06 15.66 21.86
CA SER W 147 19.99 14.71 20.74
C SER W 147 19.75 13.27 21.17
N ILE W 148 19.37 13.03 22.43
CA ILE W 148 19.10 11.66 22.87
C ILE W 148 17.68 11.20 22.56
N ALA W 149 16.69 12.09 22.66
CA ALA W 149 15.32 11.74 22.30
C ALA W 149 15.19 11.51 20.79
N ARG W 150 15.94 12.27 19.97
CA ARG W 150 16.02 12.01 18.54
C ARG W 150 16.83 10.74 18.22
N TRP W 151 17.63 10.24 19.17
CA TRP W 151 18.26 8.93 19.02
C TRP W 151 17.25 7.80 19.28
N ILE W 152 16.35 7.99 20.25
CA ILE W 152 15.41 6.93 20.61
C ILE W 152 14.24 6.86 19.65
N ALA W 153 13.63 8.00 19.32
CA ALA W 153 12.54 8.00 18.35
C ALA W 153 12.92 7.34 17.04
N GLN W 154 14.20 7.41 16.66
CA GLN W 154 14.61 6.92 15.34
C GLN W 154 14.52 5.40 15.26
N ARG W 155 14.81 4.68 16.35
CA ARG W 155 14.80 3.23 16.38
C ARG W 155 13.46 2.64 16.81
N GLY W 156 12.37 3.38 16.70
CA GLY W 156 11.07 2.95 17.15
C GLY W 156 10.67 3.47 18.51
N GLY W 157 11.62 3.91 19.31
CA GLY W 157 11.37 4.54 20.58
C GLY W 157 11.77 3.68 21.76
N TRP W 158 11.15 3.97 22.89
CA TRP W 158 11.37 3.19 24.10
C TRP W 158 10.88 1.76 23.97
N VAL W 159 9.80 1.54 23.21
CA VAL W 159 9.30 0.18 23.03
C VAL W 159 10.35 -0.69 22.34
N ALA W 160 11.19 -0.08 21.50
CA ALA W 160 12.26 -0.81 20.86
C ALA W 160 13.25 -1.38 21.87
N ALA W 161 13.33 -0.79 23.06
CA ALA W 161 14.23 -1.29 24.10
C ALA W 161 13.78 -2.65 24.61
N LEU W 162 12.52 -3.02 24.37
CA LEU W 162 12.00 -4.31 24.81
C LEU W 162 12.57 -5.44 23.95
N ASN W 163 13.89 -5.57 23.97
CA ASN W 163 14.63 -6.61 23.24
C ASN W 163 15.96 -6.90 23.94
N GLU X 4 20.29 -10.26 2.41
CA GLU X 4 19.84 -9.77 3.72
C GLU X 4 20.71 -10.40 4.81
N GLU X 5 21.18 -11.61 4.52
CA GLU X 5 22.16 -12.28 5.35
C GLU X 5 23.59 -11.88 4.98
N ILE X 6 23.86 -11.61 3.70
CA ILE X 6 25.12 -10.99 3.32
C ILE X 6 25.17 -9.57 3.87
N ILE X 7 24.02 -8.89 3.87
CA ILE X 7 23.94 -7.51 4.34
C ILE X 7 24.18 -7.44 5.85
N HIS X 8 23.54 -8.35 6.59
CA HIS X 8 23.59 -8.32 8.06
C HIS X 8 25.00 -8.69 8.55
N LYS X 9 25.47 -9.87 8.19
CA LYS X 9 26.80 -10.31 8.59
C LYS X 9 27.88 -9.34 8.16
N LEU X 10 27.66 -8.61 7.05
CA LEU X 10 28.58 -7.56 6.66
C LEU X 10 28.53 -6.41 7.65
N ALA X 11 27.31 -5.98 8.02
CA ALA X 11 27.18 -4.93 9.01
C ALA X 11 27.69 -5.41 10.37
N MET X 12 27.17 -6.56 10.83
CA MET X 12 27.59 -7.11 12.12
C MET X 12 29.09 -7.35 12.18
N GLN X 13 29.74 -7.55 11.03
CA GLN X 13 31.20 -7.56 10.99
C GLN X 13 31.74 -6.17 11.27
N LEU X 14 31.09 -5.14 10.71
CA LEU X 14 31.63 -3.80 10.77
C LEU X 14 31.57 -3.22 12.18
N ARG X 15 30.62 -3.69 13.00
CA ARG X 15 30.53 -3.25 14.39
C ARG X 15 31.77 -3.65 15.20
N HIS X 16 32.27 -4.87 14.99
CA HIS X 16 33.44 -5.36 15.75
C HIS X 16 34.67 -4.51 15.48
N ILE X 17 35.07 -4.37 14.21
CA ILE X 17 36.18 -3.47 13.92
C ILE X 17 35.86 -2.03 14.30
N GLY X 18 34.58 -1.67 14.33
CA GLY X 18 34.17 -0.36 14.82
C GLY X 18 34.30 -0.17 16.32
N ASP X 19 34.33 -1.26 17.10
CA ASP X 19 34.57 -1.15 18.54
C ASP X 19 35.98 -1.57 18.93
N ASN X 20 36.69 -2.27 18.04
CA ASN X 20 38.13 -2.44 18.20
C ASN X 20 38.88 -1.16 17.85
N ILE X 21 38.50 -0.53 16.73
CA ILE X 21 39.10 0.75 16.37
C ILE X 21 38.62 1.87 17.27
N ASP X 22 37.47 1.69 17.92
CA ASP X 22 37.01 2.66 18.90
C ASP X 22 37.90 2.69 20.12
N HIS X 23 38.45 1.54 20.53
CA HIS X 23 39.25 1.48 21.74
C HIS X 23 40.63 2.06 21.51
N ARG X 24 41.25 1.77 20.37
CA ARG X 24 42.48 2.45 19.98
C ARG X 24 42.26 3.95 19.89
N MET X 25 41.03 4.35 19.59
CA MET X 25 40.64 5.75 19.63
C MET X 25 40.42 6.21 21.06
N VAL X 26 39.48 5.59 21.79
CA VAL X 26 39.24 6.00 23.19
C VAL X 26 39.84 5.04 24.25
#